data_2E5N
#
_entry.id   2E5N
#
_entity_poly.entity_id   1
_entity_poly.type   'polypeptide(L)'
_entity_poly.pdbx_seq_one_letter_code
;GSSGSSGTISQRPYRDRVIHLLALKAYKKPELLARLQKDGVNQKDKNSLGAILQQVANLNSKDLSYTLKDYVFKELQRDW
PGYSEIDRRSLESVLSRKLN
;
_entity_poly.pdbx_strand_id   A
#
# COMPACT_ATOMS: atom_id res chain seq x y z
N GLY A 1 14.21 24.42 -12.48
CA GLY A 1 12.97 23.93 -13.08
C GLY A 1 13.23 22.80 -14.07
N SER A 2 13.02 21.57 -13.61
CA SER A 2 13.23 20.40 -14.46
C SER A 2 12.11 20.26 -15.49
N SER A 3 12.30 19.37 -16.44
CA SER A 3 11.31 19.15 -17.49
C SER A 3 10.45 17.93 -17.18
N GLY A 4 11.10 16.78 -16.97
CA GLY A 4 10.38 15.56 -16.66
C GLY A 4 11.31 14.43 -16.26
N SER A 5 10.72 13.30 -15.88
CA SER A 5 11.50 12.14 -15.46
C SER A 5 10.68 10.85 -15.59
N SER A 6 11.34 9.72 -15.39
CA SER A 6 10.67 8.43 -15.49
C SER A 6 10.26 7.93 -14.10
N GLY A 7 8.99 8.15 -13.75
CA GLY A 7 8.49 7.73 -12.47
C GLY A 7 7.80 6.39 -12.53
N THR A 8 8.55 5.32 -12.26
CA THR A 8 8.00 3.97 -12.30
C THR A 8 7.70 3.47 -10.89
N ILE A 9 6.74 2.55 -10.79
CA ILE A 9 6.36 1.98 -9.50
C ILE A 9 7.52 1.19 -8.89
N SER A 10 8.18 0.39 -9.71
CA SER A 10 9.30 -0.42 -9.26
C SER A 10 10.32 0.44 -8.49
N GLN A 11 10.61 1.61 -9.04
CA GLN A 11 11.57 2.52 -8.41
C GLN A 11 11.17 2.82 -6.96
N ARG A 12 9.88 2.67 -6.67
CA ARG A 12 9.36 2.93 -5.33
C ARG A 12 9.63 1.74 -4.41
N PRO A 13 9.76 2.01 -3.10
CA PRO A 13 10.01 0.97 -2.10
C PRO A 13 8.80 0.06 -1.90
N TYR A 14 9.05 -1.24 -1.84
CA TYR A 14 7.98 -2.21 -1.64
C TYR A 14 6.99 -1.74 -0.59
N ARG A 15 7.48 -1.53 0.63
CA ARG A 15 6.63 -1.08 1.72
C ARG A 15 5.53 -0.13 1.21
N ASP A 16 5.95 1.04 0.73
CA ASP A 16 5.01 2.02 0.21
C ASP A 16 3.96 1.35 -0.68
N ARG A 17 4.41 0.66 -1.72
CA ARG A 17 3.52 -0.02 -2.64
C ARG A 17 2.50 -0.87 -1.88
N VAL A 18 2.95 -1.48 -0.79
CA VAL A 18 2.08 -2.33 0.03
C VAL A 18 1.05 -1.49 0.78
N ILE A 19 1.54 -0.66 1.70
CA ILE A 19 0.67 0.19 2.49
C ILE A 19 -0.34 0.93 1.61
N HIS A 20 0.16 1.46 0.49
CA HIS A 20 -0.69 2.19 -0.45
C HIS A 20 -1.90 1.35 -0.85
N LEU A 21 -1.75 0.03 -0.80
CA LEU A 21 -2.82 -0.88 -1.16
C LEU A 21 -3.69 -1.19 0.05
N LEU A 22 -3.06 -1.53 1.16
CA LEU A 22 -3.77 -1.85 2.40
C LEU A 22 -4.54 -0.63 2.91
N ALA A 23 -4.11 0.55 2.50
CA ALA A 23 -4.77 1.78 2.91
C ALA A 23 -6.26 1.75 2.61
N LEU A 24 -6.60 1.79 1.32
CA LEU A 24 -7.99 1.76 0.90
C LEU A 24 -8.77 0.71 1.68
N LYS A 25 -8.20 -0.48 1.80
CA LYS A 25 -8.85 -1.57 2.53
C LYS A 25 -7.83 -2.64 2.91
N ALA A 26 -8.26 -3.58 3.76
CA ALA A 26 -7.39 -4.67 4.19
C ALA A 26 -7.20 -5.70 3.09
N TYR A 27 -6.00 -6.25 3.00
CA TYR A 27 -5.69 -7.26 1.99
C TYR A 27 -5.03 -8.48 2.61
N LYS A 28 -5.17 -9.62 1.95
CA LYS A 28 -4.58 -10.86 2.44
C LYS A 28 -3.18 -11.07 1.86
N LYS A 29 -2.31 -11.70 2.63
CA LYS A 29 -0.95 -11.96 2.20
C LYS A 29 -0.90 -12.27 0.71
N PRO A 30 -1.69 -13.27 0.29
CA PRO A 30 -1.76 -13.68 -1.12
C PRO A 30 -2.44 -12.63 -2.00
N GLU A 31 -3.61 -12.18 -1.58
CA GLU A 31 -4.36 -11.18 -2.33
C GLU A 31 -3.50 -9.94 -2.59
N LEU A 32 -3.16 -9.22 -1.52
CA LEU A 32 -2.34 -8.01 -1.64
C LEU A 32 -1.32 -8.16 -2.76
N LEU A 33 -0.68 -9.32 -2.82
CA LEU A 33 0.32 -9.59 -3.85
C LEU A 33 -0.29 -9.51 -5.24
N ALA A 34 -1.34 -10.30 -5.46
CA ALA A 34 -2.02 -10.32 -6.75
C ALA A 34 -2.14 -8.91 -7.33
N ARG A 35 -2.12 -7.91 -6.45
CA ARG A 35 -2.23 -6.52 -6.88
C ARG A 35 -0.87 -5.96 -7.27
N LEU A 36 0.14 -6.25 -6.46
CA LEU A 36 1.50 -5.77 -6.73
C LEU A 36 2.18 -6.64 -7.78
N GLN A 37 2.20 -7.95 -7.54
CA GLN A 37 2.83 -8.88 -8.48
C GLN A 37 2.60 -8.43 -9.91
N LYS A 38 1.37 -8.05 -10.23
CA LYS A 38 1.03 -7.60 -11.58
C LYS A 38 2.12 -6.69 -12.14
N ASP A 39 2.38 -5.60 -11.44
CA ASP A 39 3.40 -4.64 -11.86
C ASP A 39 4.80 -5.25 -11.76
N GLY A 40 4.93 -6.25 -10.90
CA GLY A 40 6.22 -6.91 -10.73
C GLY A 40 6.67 -6.92 -9.29
N VAL A 41 6.70 -8.11 -8.68
CA VAL A 41 7.12 -8.26 -7.30
C VAL A 41 8.42 -9.06 -7.19
N ASN A 42 9.43 -8.46 -6.57
CA ASN A 42 10.72 -9.11 -6.41
C ASN A 42 10.59 -10.35 -5.52
N GLN A 43 11.24 -11.44 -5.94
CA GLN A 43 11.20 -12.68 -5.18
C GLN A 43 11.70 -12.48 -3.76
N LYS A 44 12.86 -11.84 -3.63
CA LYS A 44 13.46 -11.58 -2.33
C LYS A 44 12.50 -10.79 -1.44
N ASP A 45 11.59 -10.06 -2.07
CA ASP A 45 10.61 -9.27 -1.34
C ASP A 45 9.37 -10.10 -1.00
N LYS A 46 8.99 -10.99 -1.92
CA LYS A 46 7.83 -11.84 -1.72
C LYS A 46 7.79 -12.39 -0.31
N ASN A 47 8.96 -12.65 0.25
CA ASN A 47 9.07 -13.18 1.61
C ASN A 47 8.97 -12.06 2.64
N SER A 48 9.66 -10.95 2.36
CA SER A 48 9.65 -9.81 3.26
C SER A 48 8.24 -9.27 3.46
N LEU A 49 7.44 -9.31 2.38
CA LEU A 49 6.07 -8.83 2.43
C LEU A 49 5.40 -9.20 3.75
N GLY A 50 5.37 -10.49 4.04
CA GLY A 50 4.75 -10.97 5.27
C GLY A 50 5.21 -10.18 6.48
N ALA A 51 6.49 -9.81 6.50
CA ALA A 51 7.04 -9.05 7.61
C ALA A 51 6.56 -7.59 7.57
N ILE A 52 6.52 -7.02 6.39
CA ILE A 52 6.07 -5.64 6.22
C ILE A 52 4.61 -5.48 6.64
N LEU A 53 3.76 -6.39 6.15
CA LEU A 53 2.34 -6.36 6.48
C LEU A 53 2.12 -6.17 7.97
N GLN A 54 3.04 -6.71 8.77
CA GLN A 54 2.95 -6.60 10.22
C GLN A 54 3.64 -5.33 10.72
N GLN A 55 4.54 -4.79 9.89
CA GLN A 55 5.27 -3.58 10.24
C GLN A 55 4.46 -2.34 9.90
N VAL A 56 3.54 -2.47 8.95
CA VAL A 56 2.69 -1.35 8.53
C VAL A 56 1.22 -1.71 8.65
N ALA A 57 0.93 -3.01 8.63
CA ALA A 57 -0.45 -3.49 8.74
C ALA A 57 -0.61 -4.44 9.91
N ASN A 58 -1.84 -4.89 10.12
CA ASN A 58 -2.14 -5.82 11.22
C ASN A 58 -3.03 -6.96 10.74
N LEU A 59 -2.55 -8.18 10.89
CA LEU A 59 -3.30 -9.37 10.47
C LEU A 59 -4.38 -9.71 11.50
N ASN A 60 -5.60 -9.91 11.02
CA ASN A 60 -6.71 -10.26 11.89
C ASN A 60 -7.13 -11.71 11.70
N SER A 61 -6.76 -12.56 12.65
CA SER A 61 -7.09 -13.97 12.59
C SER A 61 -8.53 -14.17 12.14
N LYS A 62 -9.37 -13.18 12.40
CA LYS A 62 -10.78 -13.24 12.02
C LYS A 62 -10.94 -13.66 10.57
N ASP A 63 -10.51 -12.80 9.66
CA ASP A 63 -10.60 -13.09 8.23
C ASP A 63 -9.21 -13.16 7.60
N LEU A 64 -8.21 -13.44 8.42
CA LEU A 64 -6.83 -13.53 7.94
C LEU A 64 -6.51 -12.39 6.98
N SER A 65 -7.12 -11.24 7.21
CA SER A 65 -6.91 -10.07 6.36
C SER A 65 -6.03 -9.04 7.06
N TYR A 66 -5.07 -8.49 6.33
CA TYR A 66 -4.17 -7.48 6.89
C TYR A 66 -4.79 -6.09 6.83
N THR A 67 -4.74 -5.38 7.94
CA THR A 67 -5.30 -4.03 8.02
C THR A 67 -4.20 -2.98 8.16
N LEU A 68 -4.18 -2.02 7.26
CA LEU A 68 -3.19 -0.96 7.28
C LEU A 68 -3.29 -0.15 8.58
N LYS A 69 -2.20 -0.10 9.32
CA LYS A 69 -2.15 0.64 10.57
C LYS A 69 -2.72 2.04 10.40
N ASP A 70 -2.76 2.81 11.48
CA ASP A 70 -3.27 4.17 11.44
C ASP A 70 -2.15 5.17 11.14
N TYR A 71 -1.15 5.22 12.02
CA TYR A 71 -0.02 6.12 11.84
C TYR A 71 0.55 6.02 10.44
N VAL A 72 0.70 4.79 9.96
CA VAL A 72 1.24 4.55 8.63
C VAL A 72 0.56 5.45 7.59
N PHE A 73 -0.73 5.69 7.78
CA PHE A 73 -1.49 6.53 6.87
C PHE A 73 -0.74 7.82 6.57
N LYS A 74 0.01 8.31 7.56
CA LYS A 74 0.77 9.54 7.42
C LYS A 74 1.98 9.32 6.52
N GLU A 75 2.51 8.10 6.52
CA GLU A 75 3.66 7.76 5.70
C GLU A 75 3.28 7.63 4.23
N LEU A 76 2.01 7.34 3.98
CA LEU A 76 1.51 7.19 2.63
C LEU A 76 1.83 8.41 1.78
N GLN A 77 1.44 8.38 0.52
CA GLN A 77 1.69 9.49 -0.40
C GLN A 77 0.41 9.87 -1.14
N ARG A 78 -0.08 11.08 -0.88
CA ARG A 78 -1.29 11.57 -1.52
C ARG A 78 -1.11 11.64 -3.03
N ASP A 79 0.14 11.61 -3.49
CA ASP A 79 0.44 11.66 -4.91
C ASP A 79 0.88 10.28 -5.42
N TRP A 80 0.32 9.23 -4.82
CA TRP A 80 0.65 7.87 -5.22
C TRP A 80 0.05 7.54 -6.58
N PRO A 81 0.91 7.09 -7.51
CA PRO A 81 0.48 6.73 -8.86
C PRO A 81 -0.36 5.45 -8.88
N GLY A 82 -0.58 4.87 -7.71
CA GLY A 82 -1.37 3.66 -7.61
C GLY A 82 -2.83 3.94 -7.36
N TYR A 83 -3.16 5.20 -7.09
CA TYR A 83 -4.54 5.59 -6.82
C TYR A 83 -5.19 6.17 -8.07
N SER A 84 -6.19 5.46 -8.59
CA SER A 84 -6.90 5.90 -9.78
C SER A 84 -7.77 7.12 -9.49
N GLU A 85 -8.41 7.64 -10.52
CA GLU A 85 -9.28 8.82 -10.36
C GLU A 85 -10.23 8.63 -9.18
N ILE A 86 -10.52 7.39 -8.85
CA ILE A 86 -11.41 7.08 -7.74
C ILE A 86 -10.63 6.83 -6.45
N ASP A 87 -9.71 5.89 -6.49
CA ASP A 87 -8.90 5.56 -5.32
C ASP A 87 -8.44 6.83 -4.61
N ARG A 88 -7.80 7.72 -5.35
CA ARG A 88 -7.31 8.97 -4.78
C ARG A 88 -8.37 9.62 -3.89
N ARG A 89 -9.58 9.74 -4.42
CA ARG A 89 -10.68 10.33 -3.67
C ARG A 89 -11.19 9.38 -2.60
N SER A 90 -10.88 8.10 -2.76
CA SER A 90 -11.31 7.08 -1.81
C SER A 90 -10.34 6.98 -0.64
N LEU A 91 -9.13 7.48 -0.84
CA LEU A 91 -8.10 7.46 0.19
C LEU A 91 -8.13 8.73 1.01
N GLU A 92 -8.28 9.87 0.34
CA GLU A 92 -8.33 11.16 1.01
C GLU A 92 -9.24 11.10 2.24
N SER A 93 -10.18 10.17 2.23
CA SER A 93 -11.12 10.01 3.34
C SER A 93 -10.43 9.46 4.57
N VAL A 94 -10.04 8.19 4.50
CA VAL A 94 -9.35 7.54 5.61
C VAL A 94 -8.38 8.50 6.30
N LEU A 95 -7.34 8.89 5.58
CA LEU A 95 -6.34 9.81 6.12
C LEU A 95 -7.00 10.93 6.91
N SER A 96 -8.13 11.42 6.40
CA SER A 96 -8.86 12.50 7.06
C SER A 96 -9.55 12.00 8.32
N ARG A 97 -9.95 10.74 8.30
CA ARG A 97 -10.63 10.13 9.45
C ARG A 97 -9.63 9.72 10.52
N LYS A 98 -8.41 9.39 10.08
CA LYS A 98 -7.35 8.99 11.01
C LYS A 98 -6.51 10.18 11.42
N LEU A 99 -5.90 10.85 10.44
CA LEU A 99 -5.07 12.01 10.72
C LEU A 99 -5.90 13.19 11.22
N ASN A 100 -5.99 13.31 12.53
CA ASN A 100 -6.76 14.39 13.15
C ASN A 100 -6.42 15.73 12.51
N GLY A 1 26.18 16.81 -15.05
CA GLY A 1 25.91 15.66 -14.20
C GLY A 1 24.91 14.71 -14.82
N SER A 2 24.04 14.14 -13.99
CA SER A 2 23.04 13.20 -14.46
C SER A 2 21.66 13.54 -13.91
N SER A 3 20.72 13.82 -14.80
CA SER A 3 19.36 14.18 -14.40
C SER A 3 18.54 12.93 -14.08
N GLY A 4 18.60 11.95 -14.98
CA GLY A 4 17.87 10.71 -14.77
C GLY A 4 16.36 10.94 -14.69
N SER A 5 15.60 9.99 -15.23
CA SER A 5 14.14 10.09 -15.23
C SER A 5 13.51 8.72 -15.00
N SER A 6 12.46 8.69 -14.19
CA SER A 6 11.76 7.45 -13.89
C SER A 6 10.29 7.71 -13.56
N GLY A 7 9.41 6.88 -14.12
CA GLY A 7 7.99 7.04 -13.88
C GLY A 7 7.24 5.73 -13.90
N THR A 8 7.54 4.87 -12.93
CA THR A 8 6.90 3.56 -12.84
C THR A 8 6.67 3.16 -11.38
N ILE A 9 5.95 2.07 -11.18
CA ILE A 9 5.66 1.58 -9.84
C ILE A 9 6.84 0.79 -9.28
N SER A 10 7.45 -0.04 -10.13
CA SER A 10 8.58 -0.86 -9.71
C SER A 10 9.64 0.00 -9.03
N GLN A 11 10.06 1.07 -9.71
CA GLN A 11 11.08 1.98 -9.16
C GLN A 11 10.78 2.30 -7.70
N ARG A 12 9.51 2.24 -7.33
CA ARG A 12 9.10 2.51 -5.96
C ARG A 12 9.42 1.34 -5.04
N PRO A 13 9.62 1.64 -3.75
CA PRO A 13 9.94 0.62 -2.74
C PRO A 13 8.74 -0.27 -2.43
N TYR A 14 9.03 -1.54 -2.16
CA TYR A 14 7.97 -2.51 -1.84
C TYR A 14 7.05 -1.97 -0.75
N ARG A 15 7.61 -1.79 0.45
CA ARG A 15 6.84 -1.29 1.58
C ARG A 15 5.76 -0.31 1.11
N ASP A 16 6.19 0.89 0.72
CA ASP A 16 5.26 1.91 0.26
C ASP A 16 4.17 1.30 -0.61
N ARG A 17 4.57 0.60 -1.67
CA ARG A 17 3.63 -0.03 -2.58
C ARG A 17 2.59 -0.84 -1.81
N VAL A 18 3.05 -1.53 -0.77
CA VAL A 18 2.16 -2.34 0.05
C VAL A 18 1.16 -1.47 0.81
N ILE A 19 1.67 -0.65 1.72
CA ILE A 19 0.82 0.24 2.52
C ILE A 19 -0.16 0.99 1.63
N HIS A 20 0.33 1.50 0.50
CA HIS A 20 -0.50 2.24 -0.43
C HIS A 20 -1.72 1.42 -0.85
N LEU A 21 -1.58 0.10 -0.80
CA LEU A 21 -2.66 -0.80 -1.17
C LEU A 21 -3.54 -1.13 0.04
N LEU A 22 -2.90 -1.48 1.14
CA LEU A 22 -3.62 -1.82 2.37
C LEU A 22 -4.46 -0.64 2.84
N ALA A 23 -4.01 0.57 2.52
CA ALA A 23 -4.72 1.79 2.92
C ALA A 23 -6.17 1.74 2.47
N LEU A 24 -6.39 1.72 1.16
CA LEU A 24 -7.74 1.67 0.61
C LEU A 24 -8.62 0.71 1.39
N LYS A 25 -8.08 -0.47 1.68
CA LYS A 25 -8.82 -1.48 2.43
C LYS A 25 -7.88 -2.60 2.88
N ALA A 26 -8.41 -3.50 3.71
CA ALA A 26 -7.63 -4.63 4.21
C ALA A 26 -7.37 -5.65 3.11
N TYR A 27 -6.12 -6.11 3.01
CA TYR A 27 -5.74 -7.09 2.00
C TYR A 27 -5.09 -8.31 2.63
N LYS A 28 -5.19 -9.45 1.95
CA LYS A 28 -4.60 -10.68 2.45
C LYS A 28 -3.22 -10.91 1.86
N LYS A 29 -2.33 -11.51 2.65
CA LYS A 29 -0.97 -11.79 2.21
C LYS A 29 -0.93 -12.12 0.73
N PRO A 30 -1.73 -13.12 0.33
CA PRO A 30 -1.80 -13.56 -1.06
C PRO A 30 -2.49 -12.54 -1.96
N GLU A 31 -3.67 -12.09 -1.54
CA GLU A 31 -4.42 -11.10 -2.30
C GLU A 31 -3.58 -9.86 -2.59
N LEU A 32 -3.18 -9.17 -1.53
CA LEU A 32 -2.37 -7.96 -1.67
C LEU A 32 -1.33 -8.13 -2.78
N LEU A 33 -0.67 -9.29 -2.80
CA LEU A 33 0.35 -9.57 -3.81
C LEU A 33 -0.25 -9.45 -5.21
N ALA A 34 -1.29 -10.22 -5.48
CA ALA A 34 -1.94 -10.20 -6.78
C ALA A 34 -1.95 -8.79 -7.36
N ARG A 35 -2.13 -7.80 -6.50
CA ARG A 35 -2.15 -6.41 -6.94
C ARG A 35 -0.76 -5.94 -7.38
N LEU A 36 0.24 -6.25 -6.56
CA LEU A 36 1.62 -5.87 -6.86
C LEU A 36 2.21 -6.77 -7.94
N GLN A 37 2.21 -8.07 -7.69
CA GLN A 37 2.74 -9.03 -8.65
C GLN A 37 2.38 -8.63 -10.08
N LYS A 38 1.18 -8.08 -10.25
CA LYS A 38 0.73 -7.65 -11.58
C LYS A 38 1.80 -6.83 -12.28
N ASP A 39 2.19 -5.72 -11.65
CA ASP A 39 3.20 -4.85 -12.22
C ASP A 39 4.60 -5.43 -12.04
N GLY A 40 4.71 -6.40 -11.14
CA GLY A 40 5.99 -7.03 -10.88
C GLY A 40 6.35 -7.05 -9.41
N VAL A 41 6.63 -8.23 -8.88
CA VAL A 41 6.99 -8.38 -7.47
C VAL A 41 8.24 -9.24 -7.30
N ASN A 42 9.29 -8.64 -6.76
CA ASN A 42 10.55 -9.34 -6.55
C ASN A 42 10.34 -10.57 -5.66
N GLN A 43 11.19 -11.58 -5.84
CA GLN A 43 11.10 -12.80 -5.05
C GLN A 43 11.60 -12.57 -3.63
N LYS A 44 12.77 -11.97 -3.51
CA LYS A 44 13.36 -11.69 -2.20
C LYS A 44 12.41 -10.86 -1.34
N ASP A 45 11.51 -10.13 -1.99
CA ASP A 45 10.55 -9.30 -1.30
C ASP A 45 9.29 -10.09 -0.95
N LYS A 46 8.92 -11.01 -1.83
CA LYS A 46 7.75 -11.84 -1.62
C LYS A 46 7.68 -12.35 -0.18
N ASN A 47 8.79 -12.91 0.30
CA ASN A 47 8.85 -13.43 1.65
C ASN A 47 8.88 -12.30 2.67
N SER A 48 9.57 -11.22 2.32
CA SER A 48 9.67 -10.06 3.21
C SER A 48 8.31 -9.41 3.41
N LEU A 49 7.45 -9.52 2.41
CA LEU A 49 6.11 -8.94 2.49
C LEU A 49 5.44 -9.28 3.82
N GLY A 50 5.37 -10.57 4.13
CA GLY A 50 4.76 -11.01 5.37
C GLY A 50 5.25 -10.22 6.56
N ALA A 51 6.51 -9.80 6.52
CA ALA A 51 7.09 -9.03 7.61
C ALA A 51 6.64 -7.57 7.56
N ILE A 52 6.64 -6.99 6.36
CA ILE A 52 6.23 -5.61 6.17
C ILE A 52 4.78 -5.42 6.59
N LEU A 53 3.92 -6.36 6.22
CA LEU A 53 2.50 -6.29 6.56
C LEU A 53 2.30 -6.09 8.06
N GLN A 54 3.19 -6.68 8.84
CA GLN A 54 3.12 -6.57 10.30
C GLN A 54 3.85 -5.32 10.78
N GLN A 55 4.69 -4.76 9.92
CA GLN A 55 5.46 -3.57 10.26
C GLN A 55 4.66 -2.31 9.94
N VAL A 56 3.72 -2.42 9.00
CA VAL A 56 2.90 -1.29 8.60
C VAL A 56 1.41 -1.62 8.74
N ALA A 57 1.10 -2.91 8.74
CA ALA A 57 -0.28 -3.36 8.86
C ALA A 57 -0.44 -4.33 10.03
N ASN A 58 -1.67 -4.76 10.27
CA ASN A 58 -1.95 -5.70 11.36
C ASN A 58 -2.87 -6.83 10.88
N LEU A 59 -2.44 -8.06 11.12
CA LEU A 59 -3.23 -9.23 10.72
C LEU A 59 -4.35 -9.49 11.70
N ASN A 60 -5.58 -9.60 11.19
CA ASN A 60 -6.74 -9.85 12.02
C ASN A 60 -7.21 -11.30 11.88
N SER A 61 -6.84 -12.12 12.85
CA SER A 61 -7.22 -13.54 12.84
C SER A 61 -8.68 -13.70 12.42
N LYS A 62 -9.46 -12.66 12.63
CA LYS A 62 -10.88 -12.68 12.28
C LYS A 62 -11.07 -13.19 10.85
N ASP A 63 -10.62 -12.40 9.88
CA ASP A 63 -10.74 -12.77 8.48
C ASP A 63 -9.38 -13.00 7.86
N LEU A 64 -8.35 -13.09 8.71
CA LEU A 64 -6.98 -13.31 8.24
C LEU A 64 -6.57 -12.25 7.23
N SER A 65 -7.16 -11.07 7.34
CA SER A 65 -6.85 -9.97 6.44
C SER A 65 -5.95 -8.94 7.12
N TYR A 66 -4.98 -8.43 6.37
CA TYR A 66 -4.05 -7.44 6.91
C TYR A 66 -4.64 -6.04 6.81
N THR A 67 -4.71 -5.36 7.95
CA THR A 67 -5.26 -4.01 8.01
C THR A 67 -4.15 -2.97 8.19
N LEU A 68 -4.10 -2.01 7.28
CA LEU A 68 -3.09 -0.96 7.34
C LEU A 68 -3.16 -0.21 8.67
N LYS A 69 -2.02 -0.07 9.33
CA LYS A 69 -1.95 0.63 10.60
C LYS A 69 -2.59 2.01 10.50
N ASP A 70 -2.54 2.77 11.60
CA ASP A 70 -3.12 4.10 11.63
C ASP A 70 -2.05 5.16 11.40
N TYR A 71 -0.87 4.93 11.97
CA TYR A 71 0.24 5.87 11.83
C TYR A 71 0.78 5.87 10.40
N VAL A 72 0.95 4.68 9.84
CA VAL A 72 1.45 4.55 8.47
C VAL A 72 0.68 5.44 7.51
N PHE A 73 -0.61 5.65 7.80
CA PHE A 73 -1.46 6.48 6.96
C PHE A 73 -0.76 7.80 6.63
N LYS A 74 0.04 8.30 7.58
CA LYS A 74 0.76 9.55 7.39
C LYS A 74 1.93 9.37 6.44
N GLU A 75 2.52 8.17 6.46
CA GLU A 75 3.66 7.86 5.60
C GLU A 75 3.23 7.75 4.15
N LEU A 76 1.94 7.56 3.93
CA LEU A 76 1.40 7.45 2.58
C LEU A 76 1.56 8.76 1.81
N GLN A 77 1.14 8.75 0.55
CA GLN A 77 1.24 9.93 -0.30
C GLN A 77 0.07 10.01 -1.27
N ARG A 78 -0.63 11.15 -1.24
CA ARG A 78 -1.78 11.35 -2.13
C ARG A 78 -1.34 11.42 -3.58
N ASP A 79 -0.05 11.66 -3.79
CA ASP A 79 0.50 11.75 -5.15
C ASP A 79 0.74 10.36 -5.73
N TRP A 80 0.54 9.34 -4.91
CA TRP A 80 0.75 7.96 -5.34
C TRP A 80 -0.03 7.66 -6.62
N PRO A 81 0.67 7.09 -7.61
CA PRO A 81 0.06 6.75 -8.90
C PRO A 81 -0.93 5.59 -8.79
N GLY A 82 -0.73 4.74 -7.79
CA GLY A 82 -1.61 3.61 -7.59
C GLY A 82 -3.07 4.03 -7.45
N TYR A 83 -3.29 5.28 -7.06
CA TYR A 83 -4.64 5.79 -6.87
C TYR A 83 -5.11 6.53 -8.12
N SER A 84 -6.15 6.00 -8.75
CA SER A 84 -6.70 6.61 -9.97
C SER A 84 -7.50 7.86 -9.64
N GLU A 85 -8.11 8.45 -10.66
CA GLU A 85 -8.90 9.66 -10.47
C GLU A 85 -9.90 9.48 -9.33
N ILE A 86 -10.24 8.23 -9.03
CA ILE A 86 -11.19 7.92 -7.97
C ILE A 86 -10.47 7.58 -6.68
N ASP A 87 -9.72 6.47 -6.69
CA ASP A 87 -8.97 6.04 -5.53
C ASP A 87 -8.46 7.23 -4.73
N ARG A 88 -7.74 8.12 -5.40
CA ARG A 88 -7.20 9.31 -4.74
C ARG A 88 -8.24 9.97 -3.86
N ARG A 89 -9.41 10.23 -4.43
CA ARG A 89 -10.49 10.87 -3.70
C ARG A 89 -11.12 9.89 -2.69
N SER A 90 -10.92 8.61 -2.94
CA SER A 90 -11.46 7.58 -2.05
C SER A 90 -10.52 7.31 -0.88
N LEU A 91 -9.28 7.77 -1.01
CA LEU A 91 -8.28 7.57 0.02
C LEU A 91 -8.26 8.76 0.98
N GLU A 92 -8.32 9.96 0.42
CA GLU A 92 -8.32 11.17 1.23
C GLU A 92 -9.32 11.09 2.37
N SER A 93 -10.29 10.18 2.23
CA SER A 93 -11.32 9.99 3.24
C SER A 93 -10.76 9.29 4.47
N VAL A 94 -10.27 8.07 4.28
CA VAL A 94 -9.70 7.29 5.37
C VAL A 94 -8.74 8.14 6.20
N LEU A 95 -7.71 8.68 5.54
CA LEU A 95 -6.72 9.50 6.22
C LEU A 95 -7.40 10.59 7.04
N SER A 96 -8.53 11.09 6.55
CA SER A 96 -9.27 12.14 7.23
C SER A 96 -9.90 11.61 8.51
N ARG A 97 -10.46 10.41 8.44
CA ARG A 97 -11.10 9.78 9.59
C ARG A 97 -10.07 9.38 10.64
N LYS A 98 -8.99 8.75 10.18
CA LYS A 98 -7.92 8.31 11.08
C LYS A 98 -7.15 9.50 11.63
N LEU A 99 -6.42 10.18 10.75
CA LEU A 99 -5.64 11.35 11.15
C LEU A 99 -6.54 12.49 11.60
N ASN A 100 -6.80 12.55 12.91
CA ASN A 100 -7.65 13.59 13.48
C ASN A 100 -7.16 14.97 13.05
N GLY A 1 9.32 24.13 -11.49
CA GLY A 1 9.86 22.79 -11.33
C GLY A 1 10.42 22.23 -12.63
N SER A 2 10.78 20.95 -12.61
CA SER A 2 11.34 20.29 -13.78
C SER A 2 10.26 19.51 -14.53
N SER A 3 9.63 20.16 -15.50
CA SER A 3 8.58 19.52 -16.28
C SER A 3 8.98 18.10 -16.67
N GLY A 4 7.98 17.24 -16.85
CA GLY A 4 8.25 15.86 -17.20
C GLY A 4 7.10 14.93 -16.84
N SER A 5 7.31 14.15 -15.78
CA SER A 5 6.29 13.21 -15.33
C SER A 5 6.49 12.87 -13.85
N SER A 6 5.52 12.16 -13.28
CA SER A 6 5.59 11.77 -11.87
C SER A 6 6.67 10.73 -11.65
N GLY A 7 6.65 9.67 -12.45
CA GLY A 7 7.64 8.62 -12.31
C GLY A 7 7.04 7.24 -12.54
N THR A 8 7.52 6.26 -11.77
CA THR A 8 7.03 4.89 -11.89
C THR A 8 6.83 4.25 -10.52
N ILE A 9 6.27 3.05 -10.51
CA ILE A 9 6.02 2.33 -9.26
C ILE A 9 7.25 1.57 -8.82
N SER A 10 7.90 0.88 -9.76
CA SER A 10 9.10 0.10 -9.47
C SER A 10 10.09 0.92 -8.66
N GLN A 11 10.39 2.12 -9.13
CA GLN A 11 11.33 3.00 -8.45
C GLN A 11 10.96 3.16 -6.98
N ARG A 12 9.66 3.10 -6.69
CA ARG A 12 9.18 3.24 -5.32
C ARG A 12 9.51 2.00 -4.50
N PRO A 13 9.67 2.19 -3.18
CA PRO A 13 9.99 1.08 -2.27
C PRO A 13 8.82 0.13 -2.08
N TYR A 14 9.13 -1.14 -1.80
CA TYR A 14 8.10 -2.15 -1.60
C TYR A 14 7.11 -1.70 -0.53
N ARG A 15 7.59 -1.55 0.69
CA ARG A 15 6.74 -1.13 1.80
C ARG A 15 5.67 -0.16 1.33
N ASP A 16 6.08 0.89 0.63
CA ASP A 16 5.15 1.89 0.12
C ASP A 16 4.07 1.24 -0.74
N ARG A 17 4.50 0.50 -1.75
CA ARG A 17 3.56 -0.18 -2.65
C ARG A 17 2.61 -1.08 -1.87
N VAL A 18 3.08 -1.57 -0.72
CA VAL A 18 2.27 -2.44 0.12
C VAL A 18 1.24 -1.64 0.91
N ILE A 19 1.72 -0.71 1.73
CA ILE A 19 0.84 0.13 2.53
C ILE A 19 -0.14 0.90 1.66
N HIS A 20 0.37 1.53 0.62
CA HIS A 20 -0.45 2.31 -0.30
C HIS A 20 -1.67 1.50 -0.75
N LEU A 21 -1.51 0.18 -0.78
CA LEU A 21 -2.58 -0.71 -1.20
C LEU A 21 -3.51 -1.02 -0.04
N LEU A 22 -2.92 -1.41 1.09
CA LEU A 22 -3.70 -1.75 2.29
C LEU A 22 -4.52 -0.54 2.75
N ALA A 23 -4.00 0.65 2.50
CA ALA A 23 -4.69 1.88 2.89
C ALA A 23 -6.16 1.83 2.49
N LEU A 24 -6.43 1.98 1.20
CA LEU A 24 -7.80 1.96 0.70
C LEU A 24 -8.62 0.90 1.42
N LYS A 25 -8.05 -0.29 1.55
CA LYS A 25 -8.72 -1.40 2.23
C LYS A 25 -7.73 -2.48 2.65
N ALA A 26 -8.15 -3.32 3.58
CA ALA A 26 -7.29 -4.41 4.06
C ALA A 26 -7.09 -5.47 2.99
N TYR A 27 -5.88 -6.03 2.94
CA TYR A 27 -5.56 -7.05 1.95
C TYR A 27 -4.93 -8.27 2.63
N LYS A 28 -4.95 -9.40 1.92
CA LYS A 28 -4.37 -10.63 2.45
C LYS A 28 -3.00 -10.91 1.85
N LYS A 29 -2.14 -11.55 2.62
CA LYS A 29 -0.79 -11.86 2.16
C LYS A 29 -0.78 -12.20 0.68
N PRO A 30 -1.62 -13.18 0.28
CA PRO A 30 -1.73 -13.61 -1.11
C PRO A 30 -2.40 -12.56 -1.99
N GLU A 31 -3.55 -12.07 -1.55
CA GLU A 31 -4.30 -11.07 -2.30
C GLU A 31 -3.42 -9.84 -2.58
N LEU A 32 -3.02 -9.16 -1.52
CA LEU A 32 -2.18 -7.97 -1.65
C LEU A 32 -1.16 -8.15 -2.77
N LEU A 33 -0.52 -9.32 -2.80
CA LEU A 33 0.48 -9.61 -3.83
C LEU A 33 -0.11 -9.46 -5.22
N ALA A 34 -1.15 -10.23 -5.52
CA ALA A 34 -1.81 -10.18 -6.81
C ALA A 34 -1.80 -8.76 -7.38
N ARG A 35 -1.98 -7.78 -6.51
CA ARG A 35 -2.00 -6.39 -6.92
C ARG A 35 -0.59 -5.92 -7.28
N LEU A 36 0.37 -6.23 -6.44
CA LEU A 36 1.76 -5.84 -6.67
C LEU A 36 2.37 -6.66 -7.80
N GLN A 37 2.33 -7.98 -7.66
CA GLN A 37 2.88 -8.87 -8.67
C GLN A 37 2.49 -8.42 -10.08
N LYS A 38 1.27 -7.89 -10.19
CA LYS A 38 0.77 -7.42 -11.48
C LYS A 38 1.79 -6.51 -12.16
N ASP A 39 2.24 -5.48 -11.46
CA ASP A 39 3.22 -4.54 -11.99
C ASP A 39 4.61 -5.16 -11.98
N GLY A 40 4.84 -6.10 -11.07
CA GLY A 40 6.14 -6.74 -10.97
C GLY A 40 6.64 -6.82 -9.55
N VAL A 41 6.79 -8.04 -9.03
CA VAL A 41 7.27 -8.24 -7.67
C VAL A 41 8.52 -9.11 -7.66
N ASN A 42 9.41 -8.84 -6.72
CA ASN A 42 10.66 -9.59 -6.59
C ASN A 42 10.47 -10.79 -5.67
N GLN A 43 10.67 -11.99 -6.22
CA GLN A 43 10.53 -13.22 -5.44
C GLN A 43 11.20 -13.08 -4.08
N LYS A 44 12.26 -12.26 -4.02
CA LYS A 44 12.99 -12.05 -2.77
C LYS A 44 12.17 -11.22 -1.80
N ASP A 45 11.48 -10.21 -2.33
CA ASP A 45 10.65 -9.34 -1.50
C ASP A 45 9.37 -10.05 -1.06
N LYS A 46 8.93 -10.99 -1.87
CA LYS A 46 7.72 -11.75 -1.57
C LYS A 46 7.73 -12.24 -0.12
N ASN A 47 8.83 -12.85 0.27
CA ASN A 47 8.98 -13.36 1.63
C ASN A 47 8.94 -12.22 2.65
N SER A 48 9.61 -11.13 2.31
CA SER A 48 9.67 -9.97 3.20
C SER A 48 8.29 -9.35 3.38
N LEU A 49 7.47 -9.43 2.33
CA LEU A 49 6.12 -8.88 2.37
C LEU A 49 5.43 -9.24 3.69
N GLY A 50 5.37 -10.53 3.99
CA GLY A 50 4.73 -10.98 5.22
C GLY A 50 5.23 -10.22 6.44
N ALA A 51 6.52 -9.89 6.43
CA ALA A 51 7.12 -9.17 7.54
C ALA A 51 6.67 -7.70 7.56
N ILE A 52 6.62 -7.09 6.39
CA ILE A 52 6.20 -5.71 6.27
C ILE A 52 4.74 -5.53 6.69
N LEU A 53 3.88 -6.41 6.20
CA LEU A 53 2.46 -6.35 6.53
C LEU A 53 2.25 -6.18 8.02
N GLN A 54 3.15 -6.77 8.81
CA GLN A 54 3.05 -6.68 10.27
C GLN A 54 3.78 -5.43 10.77
N GLN A 55 4.69 -4.92 9.96
CA GLN A 55 5.45 -3.73 10.33
C GLN A 55 4.67 -2.46 9.99
N VAL A 56 3.74 -2.58 9.05
CA VAL A 56 2.93 -1.44 8.63
C VAL A 56 1.43 -1.74 8.78
N ALA A 57 1.10 -3.03 8.78
CA ALA A 57 -0.29 -3.46 8.91
C ALA A 57 -0.45 -4.43 10.07
N ASN A 58 -1.69 -4.85 10.32
CA ASN A 58 -1.98 -5.78 11.40
C ASN A 58 -2.92 -6.89 10.92
N LEU A 59 -2.53 -8.14 11.21
CA LEU A 59 -3.33 -9.29 10.81
C LEU A 59 -4.50 -9.49 11.77
N ASN A 60 -5.71 -9.64 11.21
CA ASN A 60 -6.91 -9.85 12.02
C ASN A 60 -7.38 -11.30 11.94
N SER A 61 -7.02 -12.09 12.95
CA SER A 61 -7.40 -13.49 12.99
C SER A 61 -8.82 -13.68 12.48
N LYS A 62 -9.66 -12.68 12.70
CA LYS A 62 -11.06 -12.73 12.26
C LYS A 62 -11.15 -13.25 10.82
N ASP A 63 -10.64 -12.46 9.89
CA ASP A 63 -10.68 -12.84 8.48
C ASP A 63 -9.27 -13.01 7.93
N LEU A 64 -8.30 -13.13 8.83
CA LEU A 64 -6.91 -13.30 8.44
C LEU A 64 -6.49 -12.24 7.43
N SER A 65 -7.14 -11.09 7.49
CA SER A 65 -6.84 -9.99 6.58
C SER A 65 -5.91 -8.97 7.25
N TYR A 66 -4.97 -8.45 6.47
CA TYR A 66 -4.01 -7.48 6.98
C TYR A 66 -4.56 -6.06 6.85
N THR A 67 -4.75 -5.39 7.97
CA THR A 67 -5.27 -4.03 7.97
C THR A 67 -4.14 -3.02 8.17
N LEU A 68 -4.05 -2.06 7.26
CA LEU A 68 -3.02 -1.03 7.33
C LEU A 68 -3.11 -0.27 8.66
N LYS A 69 -1.98 -0.17 9.35
CA LYS A 69 -1.92 0.53 10.63
C LYS A 69 -2.56 1.92 10.51
N ASP A 70 -2.55 2.65 11.61
CA ASP A 70 -3.13 4.00 11.63
C ASP A 70 -2.05 5.06 11.44
N TYR A 71 -0.90 4.84 12.06
CA TYR A 71 0.22 5.78 11.96
C TYR A 71 0.78 5.80 10.54
N VAL A 72 0.91 4.63 9.94
CA VAL A 72 1.43 4.51 8.59
C VAL A 72 0.70 5.44 7.64
N PHE A 73 -0.59 5.64 7.88
CA PHE A 73 -1.41 6.51 7.04
C PHE A 73 -0.70 7.84 6.81
N LYS A 74 0.08 8.28 7.78
CA LYS A 74 0.83 9.53 7.67
C LYS A 74 2.00 9.39 6.71
N GLU A 75 2.56 8.20 6.63
CA GLU A 75 3.69 7.93 5.74
C GLU A 75 3.25 7.93 4.29
N LEU A 76 2.01 7.52 4.05
CA LEU A 76 1.46 7.47 2.70
C LEU A 76 1.80 8.74 1.93
N GLN A 77 1.57 8.71 0.62
CA GLN A 77 1.84 9.87 -0.23
C GLN A 77 0.59 10.31 -0.97
N ARG A 78 0.10 11.50 -0.64
CA ARG A 78 -1.10 12.04 -1.27
C ARG A 78 -0.95 12.07 -2.78
N ASP A 79 0.29 12.12 -3.26
CA ASP A 79 0.57 12.15 -4.69
C ASP A 79 0.94 10.76 -5.20
N TRP A 80 0.38 9.74 -4.56
CA TRP A 80 0.64 8.35 -4.95
C TRP A 80 0.06 8.06 -6.33
N PRO A 81 0.93 7.70 -7.28
CA PRO A 81 0.54 7.38 -8.65
C PRO A 81 -0.24 6.07 -8.73
N GLY A 82 -0.33 5.36 -7.61
CA GLY A 82 -1.06 4.10 -7.58
C GLY A 82 -2.55 4.30 -7.39
N TYR A 83 -2.94 5.49 -6.97
CA TYR A 83 -4.34 5.80 -6.74
C TYR A 83 -4.97 6.44 -7.97
N SER A 84 -5.94 5.75 -8.56
CA SER A 84 -6.62 6.25 -9.75
C SER A 84 -7.61 7.35 -9.39
N GLU A 85 -8.22 7.93 -10.41
CA GLU A 85 -9.20 9.00 -10.20
C GLU A 85 -10.14 8.66 -9.04
N ILE A 86 -10.28 7.36 -8.76
CA ILE A 86 -11.14 6.91 -7.68
C ILE A 86 -10.35 6.75 -6.38
N ASP A 87 -9.39 5.84 -6.39
CA ASP A 87 -8.56 5.59 -5.22
C ASP A 87 -8.29 6.88 -4.46
N ARG A 88 -7.72 7.86 -5.15
CA ARG A 88 -7.41 9.15 -4.53
C ARG A 88 -8.57 9.64 -3.69
N ARG A 89 -9.72 9.83 -4.31
CA ARG A 89 -10.91 10.30 -3.61
C ARG A 89 -11.33 9.32 -2.52
N SER A 90 -10.89 8.07 -2.67
CA SER A 90 -11.23 7.03 -1.70
C SER A 90 -10.25 7.05 -0.53
N LEU A 91 -9.06 7.60 -0.76
CA LEU A 91 -8.03 7.68 0.27
C LEU A 91 -8.13 9.01 1.02
N GLU A 92 -8.48 10.07 0.30
CA GLU A 92 -8.60 11.39 0.90
C GLU A 92 -9.57 11.36 2.08
N SER A 93 -10.39 10.32 2.14
CA SER A 93 -11.37 10.17 3.22
C SER A 93 -10.76 9.45 4.41
N VAL A 94 -10.35 8.19 4.19
CA VAL A 94 -9.76 7.39 5.26
C VAL A 94 -8.70 8.18 6.01
N LEU A 95 -7.88 8.93 5.27
CA LEU A 95 -6.83 9.74 5.87
C LEU A 95 -7.41 10.92 6.63
N SER A 96 -8.62 11.33 6.25
CA SER A 96 -9.29 12.44 6.91
C SER A 96 -9.93 12.00 8.22
N ARG A 97 -10.55 10.83 8.21
CA ARG A 97 -11.21 10.30 9.40
C ARG A 97 -10.18 9.76 10.38
N LYS A 98 -9.10 9.18 9.85
CA LYS A 98 -8.05 8.63 10.69
C LYS A 98 -7.21 9.73 11.32
N LEU A 99 -6.65 10.60 10.48
CA LEU A 99 -5.83 11.71 10.97
C LEU A 99 -6.71 12.84 11.50
N ASN A 100 -6.94 12.82 12.82
CA ASN A 100 -7.75 13.86 13.46
C ASN A 100 -7.14 15.23 13.26
N GLY A 1 10.04 13.94 0.58
CA GLY A 1 10.71 13.82 -0.70
C GLY A 1 11.18 15.16 -1.25
N SER A 2 10.63 15.55 -2.39
CA SER A 2 10.99 16.81 -3.02
C SER A 2 9.95 17.22 -4.06
N SER A 3 9.72 18.53 -4.18
CA SER A 3 8.75 19.04 -5.14
C SER A 3 9.37 19.19 -6.52
N GLY A 4 9.10 18.23 -7.40
CA GLY A 4 9.64 18.25 -8.74
C GLY A 4 9.08 17.16 -9.62
N SER A 5 9.85 16.07 -9.78
CA SER A 5 9.42 14.96 -10.60
C SER A 5 9.06 13.75 -9.74
N SER A 6 7.83 13.29 -9.86
CA SER A 6 7.37 12.14 -9.08
C SER A 6 7.79 10.83 -9.75
N GLY A 7 8.28 9.89 -8.95
CA GLY A 7 8.71 8.61 -9.47
C GLY A 7 7.54 7.71 -9.84
N THR A 8 7.83 6.45 -10.11
CA THR A 8 6.80 5.49 -10.48
C THR A 8 6.61 4.43 -9.40
N ILE A 9 5.66 3.53 -9.61
CA ILE A 9 5.39 2.47 -8.66
C ILE A 9 6.59 1.54 -8.50
N SER A 10 7.13 1.08 -9.63
CA SER A 10 8.28 0.18 -9.61
C SER A 10 9.47 0.85 -8.94
N GLN A 11 9.62 2.16 -9.15
CA GLN A 11 10.71 2.90 -8.56
C GLN A 11 10.55 3.02 -7.05
N ARG A 12 9.30 3.10 -6.60
CA ARG A 12 9.00 3.21 -5.17
C ARG A 12 9.34 1.92 -4.44
N PRO A 13 9.61 2.03 -3.13
CA PRO A 13 9.95 0.88 -2.30
C PRO A 13 8.77 -0.05 -2.08
N TYR A 14 9.04 -1.34 -1.92
CA TYR A 14 8.00 -2.33 -1.70
C TYR A 14 7.03 -1.88 -0.61
N ARG A 15 7.54 -1.79 0.62
CA ARG A 15 6.72 -1.38 1.75
C ARG A 15 5.69 -0.33 1.32
N ASP A 16 6.15 0.71 0.66
CA ASP A 16 5.27 1.78 0.19
C ASP A 16 4.11 1.21 -0.61
N ARG A 17 4.43 0.41 -1.63
CA ARG A 17 3.42 -0.19 -2.48
C ARG A 17 2.47 -1.06 -1.65
N VAL A 18 2.99 -1.64 -0.58
CA VAL A 18 2.19 -2.50 0.29
C VAL A 18 1.23 -1.66 1.12
N ILE A 19 1.74 -0.62 1.77
CA ILE A 19 0.92 0.25 2.60
C ILE A 19 -0.06 1.05 1.75
N HIS A 20 0.37 1.41 0.55
CA HIS A 20 -0.47 2.18 -0.37
C HIS A 20 -1.68 1.37 -0.80
N LEU A 21 -1.55 0.05 -0.75
CA LEU A 21 -2.65 -0.84 -1.14
C LEU A 21 -3.55 -1.16 0.05
N LEU A 22 -2.92 -1.48 1.18
CA LEU A 22 -3.66 -1.80 2.40
C LEU A 22 -4.47 -0.61 2.87
N ALA A 23 -3.98 0.59 2.58
CA ALA A 23 -4.66 1.82 2.98
C ALA A 23 -6.13 1.79 2.57
N LEU A 24 -6.38 1.84 1.27
CA LEU A 24 -7.74 1.82 0.76
C LEU A 24 -8.59 0.81 1.51
N LYS A 25 -8.10 -0.42 1.63
CA LYS A 25 -8.81 -1.47 2.33
C LYS A 25 -7.85 -2.56 2.79
N ALA A 26 -8.35 -3.48 3.61
CA ALA A 26 -7.54 -4.57 4.13
C ALA A 26 -7.28 -5.61 3.04
N TYR A 27 -6.03 -6.07 2.95
CA TYR A 27 -5.65 -7.06 1.95
C TYR A 27 -4.97 -8.26 2.60
N LYS A 28 -5.17 -9.43 2.02
CA LYS A 28 -4.58 -10.67 2.54
C LYS A 28 -3.20 -10.90 1.94
N LYS A 29 -2.32 -11.51 2.72
CA LYS A 29 -0.96 -11.81 2.27
C LYS A 29 -0.96 -12.14 0.77
N PRO A 30 -1.76 -13.13 0.38
CA PRO A 30 -1.88 -13.56 -1.02
C PRO A 30 -2.56 -12.52 -1.90
N GLU A 31 -3.71 -12.02 -1.43
CA GLU A 31 -4.46 -11.02 -2.17
C GLU A 31 -3.59 -9.80 -2.48
N LEU A 32 -3.16 -9.11 -1.43
CA LEU A 32 -2.32 -7.93 -1.58
C LEU A 32 -1.31 -8.12 -2.71
N LEU A 33 -0.70 -9.29 -2.76
CA LEU A 33 0.29 -9.59 -3.79
C LEU A 33 -0.33 -9.45 -5.19
N ALA A 34 -1.37 -10.23 -5.45
CA ALA A 34 -2.05 -10.19 -6.74
C ALA A 34 -2.07 -8.77 -7.31
N ARG A 35 -2.14 -7.79 -6.41
CA ARG A 35 -2.16 -6.38 -6.83
C ARG A 35 -0.76 -5.91 -7.22
N LEU A 36 0.23 -6.25 -6.39
CA LEU A 36 1.61 -5.85 -6.65
C LEU A 36 2.22 -6.70 -7.76
N GLN A 37 2.15 -8.02 -7.61
CA GLN A 37 2.70 -8.93 -8.61
C GLN A 37 2.32 -8.49 -10.01
N LYS A 38 1.09 -8.00 -10.17
CA LYS A 38 0.61 -7.54 -11.46
C LYS A 38 1.64 -6.63 -12.14
N ASP A 39 1.98 -5.54 -11.47
CA ASP A 39 2.96 -4.60 -12.00
C ASP A 39 4.37 -5.17 -11.93
N GLY A 40 4.55 -6.18 -11.09
CA GLY A 40 5.86 -6.81 -10.93
C GLY A 40 6.33 -6.82 -9.50
N VAL A 41 6.62 -8.00 -8.98
CA VAL A 41 7.08 -8.15 -7.60
C VAL A 41 8.39 -8.92 -7.54
N ASN A 42 9.25 -8.56 -6.60
CA ASN A 42 10.54 -9.22 -6.43
C ASN A 42 10.43 -10.40 -5.46
N GLN A 43 10.86 -11.57 -5.92
CA GLN A 43 10.80 -12.77 -5.09
C GLN A 43 11.44 -12.52 -3.72
N LYS A 44 12.65 -12.00 -3.73
CA LYS A 44 13.38 -11.70 -2.49
C LYS A 44 12.55 -10.79 -1.59
N ASP A 45 11.60 -10.09 -2.19
CA ASP A 45 10.73 -9.18 -1.43
C ASP A 45 9.47 -9.90 -0.96
N LYS A 46 8.99 -10.84 -1.77
CA LYS A 46 7.79 -11.59 -1.43
C LYS A 46 7.88 -12.16 -0.02
N ASN A 47 8.99 -12.82 0.28
CA ASN A 47 9.20 -13.40 1.60
C ASN A 47 9.14 -12.34 2.69
N SER A 48 9.65 -11.15 2.37
CA SER A 48 9.65 -10.04 3.32
C SER A 48 8.25 -9.47 3.48
N LEU A 49 7.48 -9.48 2.40
CA LEU A 49 6.12 -8.96 2.43
C LEU A 49 5.41 -9.32 3.74
N GLY A 50 5.38 -10.61 4.04
CA GLY A 50 4.73 -11.06 5.26
C GLY A 50 5.19 -10.27 6.48
N ALA A 51 6.47 -9.93 6.51
CA ALA A 51 7.03 -9.17 7.62
C ALA A 51 6.57 -7.71 7.58
N ILE A 52 6.56 -7.14 6.38
CA ILE A 52 6.14 -5.75 6.21
C ILE A 52 4.68 -5.55 6.63
N LEU A 53 3.82 -6.46 6.18
CA LEU A 53 2.39 -6.39 6.52
C LEU A 53 2.20 -6.18 8.01
N GLN A 54 3.09 -6.74 8.82
CA GLN A 54 3.02 -6.61 10.26
C GLN A 54 3.77 -5.37 10.74
N GLN A 55 4.65 -4.85 9.88
CA GLN A 55 5.44 -3.68 10.21
C GLN A 55 4.67 -2.40 9.87
N VAL A 56 3.72 -2.51 8.95
CA VAL A 56 2.92 -1.37 8.53
C VAL A 56 1.43 -1.64 8.71
N ALA A 57 1.07 -2.93 8.71
CA ALA A 57 -0.32 -3.32 8.87
C ALA A 57 -0.48 -4.34 9.99
N ASN A 58 -1.71 -4.74 10.27
CA ASN A 58 -1.99 -5.70 11.32
C ASN A 58 -2.81 -6.87 10.79
N LEU A 59 -2.39 -8.08 11.13
CA LEU A 59 -3.08 -9.28 10.70
C LEU A 59 -4.34 -9.54 11.53
N ASN A 60 -5.45 -9.81 10.85
CA ASN A 60 -6.70 -10.06 11.52
C ASN A 60 -7.10 -11.54 11.40
N SER A 61 -6.69 -12.33 12.38
CA SER A 61 -6.99 -13.76 12.38
C SER A 61 -8.41 -14.01 11.87
N LYS A 62 -9.31 -13.07 12.15
CA LYS A 62 -10.70 -13.19 11.71
C LYS A 62 -10.78 -13.73 10.29
N ASP A 63 -10.34 -12.94 9.34
CA ASP A 63 -10.36 -13.34 7.93
C ASP A 63 -8.94 -13.42 7.36
N LEU A 64 -7.95 -13.38 8.25
CA LEU A 64 -6.55 -13.44 7.84
C LEU A 64 -6.20 -12.28 6.92
N SER A 65 -6.93 -11.19 7.05
CA SER A 65 -6.70 -10.01 6.22
C SER A 65 -5.84 -8.99 6.96
N TYR A 66 -4.90 -8.40 6.25
CA TYR A 66 -4.01 -7.40 6.83
C TYR A 66 -4.59 -6.00 6.70
N THR A 67 -4.66 -5.29 7.83
CA THR A 67 -5.21 -3.94 7.84
C THR A 67 -4.11 -2.91 8.09
N LEU A 68 -4.00 -1.94 7.18
CA LEU A 68 -2.98 -0.90 7.29
C LEU A 68 -3.09 -0.18 8.63
N LYS A 69 -1.96 -0.08 9.33
CA LYS A 69 -1.93 0.58 10.63
C LYS A 69 -2.57 1.97 10.54
N ASP A 70 -2.51 2.70 11.65
CA ASP A 70 -3.08 4.05 11.71
C ASP A 70 -2.01 5.11 11.48
N TYR A 71 -0.84 4.88 12.08
CA TYR A 71 0.27 5.82 11.95
C TYR A 71 0.80 5.84 10.52
N VAL A 72 0.96 4.65 9.94
CA VAL A 72 1.46 4.52 8.58
C VAL A 72 0.71 5.45 7.63
N PHE A 73 -0.57 5.66 7.91
CA PHE A 73 -1.40 6.54 7.08
C PHE A 73 -0.69 7.85 6.80
N LYS A 74 0.10 8.32 7.77
CA LYS A 74 0.83 9.57 7.63
C LYS A 74 2.01 9.40 6.68
N GLU A 75 2.54 8.19 6.61
CA GLU A 75 3.67 7.91 5.73
C GLU A 75 3.23 7.83 4.27
N LEU A 76 1.95 7.54 4.07
CA LEU A 76 1.40 7.44 2.72
C LEU A 76 1.71 8.69 1.91
N GLN A 77 1.34 8.67 0.63
CA GLN A 77 1.57 9.80 -0.25
C GLN A 77 0.33 10.12 -1.08
N ARG A 78 -0.36 11.20 -0.70
CA ARG A 78 -1.57 11.61 -1.40
C ARG A 78 -1.31 11.75 -2.90
N ASP A 79 -0.03 11.83 -3.27
CA ASP A 79 0.35 11.97 -4.67
C ASP A 79 0.73 10.61 -5.26
N TRP A 80 0.30 9.53 -4.61
CA TRP A 80 0.59 8.19 -5.07
C TRP A 80 -0.03 7.93 -6.44
N PRO A 81 0.81 7.61 -7.43
CA PRO A 81 0.36 7.34 -8.79
C PRO A 81 -0.40 6.02 -8.89
N GLY A 82 -0.59 5.36 -7.75
CA GLY A 82 -1.30 4.09 -7.74
C GLY A 82 -2.78 4.27 -7.52
N TYR A 83 -3.19 5.48 -7.16
CA TYR A 83 -4.60 5.76 -6.91
C TYR A 83 -5.24 6.41 -8.14
N SER A 84 -6.19 5.70 -8.74
CA SER A 84 -6.89 6.19 -9.92
C SER A 84 -7.76 7.39 -9.57
N GLU A 85 -8.43 7.94 -10.58
CA GLU A 85 -9.29 9.09 -10.39
C GLU A 85 -10.24 8.87 -9.22
N ILE A 86 -10.48 7.61 -8.89
CA ILE A 86 -11.38 7.26 -7.79
C ILE A 86 -10.59 7.01 -6.50
N ASP A 87 -9.64 6.08 -6.56
CA ASP A 87 -8.82 5.75 -5.40
C ASP A 87 -8.40 7.02 -4.66
N ARG A 88 -7.84 7.97 -5.40
CA ARG A 88 -7.40 9.23 -4.82
C ARG A 88 -8.48 9.82 -3.91
N ARG A 89 -9.69 9.94 -4.44
CA ARG A 89 -10.81 10.49 -3.68
C ARG A 89 -11.26 9.51 -2.59
N SER A 90 -10.92 8.24 -2.77
CA SER A 90 -11.30 7.21 -1.81
C SER A 90 -10.29 7.14 -0.66
N LEU A 91 -9.09 7.66 -0.91
CA LEU A 91 -8.05 7.66 0.11
C LEU A 91 -8.08 8.95 0.93
N GLU A 92 -8.37 10.06 0.26
CA GLU A 92 -8.44 11.36 0.92
C GLU A 92 -9.40 11.32 2.10
N SER A 93 -10.26 10.30 2.12
CA SER A 93 -11.23 10.16 3.19
C SER A 93 -10.62 9.43 4.40
N VAL A 94 -10.23 8.18 4.19
CA VAL A 94 -9.63 7.38 5.25
C VAL A 94 -8.56 8.18 6.00
N LEU A 95 -7.72 8.87 5.25
CA LEU A 95 -6.66 9.68 5.84
C LEU A 95 -7.24 10.78 6.72
N SER A 96 -8.45 11.23 6.38
CA SER A 96 -9.12 12.28 7.13
C SER A 96 -9.75 11.72 8.41
N ARG A 97 -10.50 10.64 8.26
CA ARG A 97 -11.16 10.01 9.40
C ARG A 97 -10.14 9.45 10.38
N LYS A 98 -9.04 8.94 9.85
CA LYS A 98 -7.98 8.37 10.67
C LYS A 98 -7.19 9.47 11.39
N LEU A 99 -6.67 10.41 10.61
CA LEU A 99 -5.89 11.51 11.15
C LEU A 99 -6.81 12.61 11.68
N ASN A 100 -6.99 12.65 12.99
CA ASN A 100 -7.84 13.66 13.61
C ASN A 100 -7.35 15.06 13.29
N GLY A 1 14.80 11.90 -15.77
CA GLY A 1 13.51 11.29 -15.51
C GLY A 1 13.25 10.08 -16.39
N SER A 2 12.36 10.25 -17.37
CA SER A 2 12.01 9.17 -18.28
C SER A 2 11.37 9.72 -19.55
N SER A 3 11.06 8.83 -20.49
CA SER A 3 10.44 9.22 -21.75
C SER A 3 8.94 9.40 -21.58
N GLY A 4 8.50 10.66 -21.54
CA GLY A 4 7.08 10.94 -21.39
C GLY A 4 6.74 11.36 -19.98
N SER A 5 5.97 10.52 -19.28
CA SER A 5 5.56 10.82 -17.91
C SER A 5 6.65 10.41 -16.91
N SER A 6 6.48 10.82 -15.66
CA SER A 6 7.44 10.50 -14.62
C SER A 6 6.73 10.03 -13.35
N GLY A 7 7.30 9.03 -12.69
CA GLY A 7 6.71 8.50 -11.47
C GLY A 7 6.22 7.08 -11.63
N THR A 8 7.16 6.13 -11.69
CA THR A 8 6.81 4.73 -11.85
C THR A 8 6.67 4.04 -10.50
N ILE A 9 6.17 2.81 -10.51
CA ILE A 9 5.98 2.04 -9.28
C ILE A 9 7.24 1.28 -8.92
N SER A 10 7.88 0.67 -9.92
CA SER A 10 9.09 -0.10 -9.72
C SER A 10 10.16 0.75 -9.02
N GLN A 11 10.01 2.06 -9.11
CA GLN A 11 10.96 2.98 -8.51
C GLN A 11 10.66 3.18 -7.03
N ARG A 12 9.39 3.07 -6.67
CA ARG A 12 8.96 3.24 -5.29
C ARG A 12 9.32 2.01 -4.45
N PRO A 13 9.55 2.21 -3.15
CA PRO A 13 9.90 1.12 -2.23
C PRO A 13 8.72 0.19 -1.97
N TYR A 14 9.02 -1.10 -1.86
CA TYR A 14 7.99 -2.11 -1.61
C TYR A 14 7.02 -1.63 -0.55
N ARG A 15 7.51 -1.51 0.68
CA ARG A 15 6.68 -1.07 1.80
C ARG A 15 5.61 -0.07 1.32
N ASP A 16 6.05 0.98 0.66
CA ASP A 16 5.15 2.00 0.15
C ASP A 16 4.05 1.37 -0.70
N ARG A 17 4.46 0.59 -1.70
CA ARG A 17 3.51 -0.07 -2.59
C ARG A 17 2.53 -0.93 -1.79
N VAL A 18 2.97 -1.46 -0.66
CA VAL A 18 2.14 -2.28 0.19
C VAL A 18 1.14 -1.44 0.97
N ILE A 19 1.66 -0.54 1.80
CA ILE A 19 0.82 0.33 2.61
C ILE A 19 -0.16 1.11 1.74
N HIS A 20 0.32 1.58 0.59
CA HIS A 20 -0.51 2.35 -0.34
C HIS A 20 -1.72 1.52 -0.79
N LEU A 21 -1.57 0.20 -0.78
CA LEU A 21 -2.64 -0.69 -1.18
C LEU A 21 -3.53 -1.05 0.01
N LEU A 22 -2.88 -1.35 1.13
CA LEU A 22 -3.60 -1.72 2.35
C LEU A 22 -4.44 -0.56 2.86
N ALA A 23 -3.94 0.67 2.65
CA ALA A 23 -4.64 1.86 3.09
C ALA A 23 -6.11 1.83 2.66
N LEU A 24 -6.33 1.83 1.35
CA LEU A 24 -7.69 1.80 0.82
C LEU A 24 -8.56 0.83 1.58
N LYS A 25 -8.07 -0.39 1.75
CA LYS A 25 -8.80 -1.43 2.49
C LYS A 25 -7.87 -2.55 2.93
N ALA A 26 -8.37 -3.43 3.78
CA ALA A 26 -7.59 -4.56 4.27
C ALA A 26 -7.33 -5.57 3.17
N TYR A 27 -6.08 -6.02 3.06
CA TYR A 27 -5.69 -6.99 2.05
C TYR A 27 -5.05 -8.22 2.68
N LYS A 28 -5.16 -9.35 2.00
CA LYS A 28 -4.59 -10.60 2.49
C LYS A 28 -3.20 -10.84 1.90
N LYS A 29 -2.33 -11.47 2.66
CA LYS A 29 -0.97 -11.77 2.21
C LYS A 29 -0.96 -12.07 0.71
N PRO A 30 -1.76 -13.06 0.30
CA PRO A 30 -1.87 -13.46 -1.10
C PRO A 30 -2.54 -12.41 -1.97
N GLU A 31 -3.71 -11.94 -1.52
CA GLU A 31 -4.46 -10.93 -2.26
C GLU A 31 -3.59 -9.71 -2.54
N LEU A 32 -3.17 -9.03 -1.49
CA LEU A 32 -2.33 -7.84 -1.63
C LEU A 32 -1.34 -8.00 -2.77
N LEU A 33 -0.68 -9.16 -2.82
CA LEU A 33 0.30 -9.44 -3.86
C LEU A 33 -0.33 -9.30 -5.25
N ALA A 34 -1.40 -10.07 -5.49
CA ALA A 34 -2.09 -10.03 -6.76
C ALA A 34 -2.08 -8.62 -7.35
N ARG A 35 -2.21 -7.62 -6.48
CA ARG A 35 -2.22 -6.23 -6.91
C ARG A 35 -0.82 -5.77 -7.27
N LEU A 36 0.15 -6.11 -6.43
CA LEU A 36 1.54 -5.72 -6.66
C LEU A 36 2.16 -6.56 -7.78
N GLN A 37 2.15 -7.88 -7.60
CA GLN A 37 2.71 -8.78 -8.60
C GLN A 37 2.40 -8.29 -10.01
N LYS A 38 1.22 -7.71 -10.19
CA LYS A 38 0.80 -7.19 -11.49
C LYS A 38 1.93 -6.40 -12.15
N ASP A 39 2.39 -5.36 -11.45
CA ASP A 39 3.46 -4.51 -11.96
C ASP A 39 4.81 -5.20 -11.80
N GLY A 40 4.86 -6.21 -10.93
CA GLY A 40 6.10 -6.93 -10.70
C GLY A 40 6.46 -7.00 -9.22
N VAL A 41 6.82 -8.20 -8.76
CA VAL A 41 7.18 -8.39 -7.36
C VAL A 41 8.39 -9.32 -7.24
N ASN A 42 9.47 -8.80 -6.68
CA ASN A 42 10.69 -9.57 -6.51
C ASN A 42 10.44 -10.79 -5.63
N GLN A 43 11.08 -11.91 -5.97
CA GLN A 43 10.92 -13.14 -5.22
C GLN A 43 11.43 -12.98 -3.80
N LYS A 44 12.54 -12.26 -3.65
CA LYS A 44 13.14 -12.03 -2.34
C LYS A 44 12.22 -11.17 -1.47
N ASP A 45 11.39 -10.36 -2.12
CA ASP A 45 10.47 -9.48 -1.40
C ASP A 45 9.16 -10.20 -1.11
N LYS A 46 8.83 -11.17 -1.96
CA LYS A 46 7.60 -11.93 -1.79
C LYS A 46 7.47 -12.46 -0.36
N ASN A 47 8.51 -13.12 0.13
CA ASN A 47 8.52 -13.67 1.48
C ASN A 47 8.60 -12.56 2.51
N SER A 48 9.38 -11.53 2.21
CA SER A 48 9.55 -10.40 3.12
C SER A 48 8.23 -9.66 3.32
N LEU A 49 7.38 -9.69 2.29
CA LEU A 49 6.09 -9.02 2.35
C LEU A 49 5.40 -9.29 3.68
N GLY A 50 5.42 -10.55 4.12
CA GLY A 50 4.79 -10.91 5.38
C GLY A 50 5.35 -10.11 6.54
N ALA A 51 6.63 -9.79 6.49
CA ALA A 51 7.27 -9.02 7.55
C ALA A 51 6.78 -7.58 7.55
N ILE A 52 6.72 -6.98 6.38
CA ILE A 52 6.28 -5.60 6.25
C ILE A 52 4.81 -5.46 6.65
N LEU A 53 3.99 -6.40 6.21
CA LEU A 53 2.56 -6.39 6.54
C LEU A 53 2.34 -6.21 8.04
N GLN A 54 3.26 -6.74 8.83
CA GLN A 54 3.17 -6.64 10.29
C GLN A 54 3.86 -5.38 10.79
N GLN A 55 4.75 -4.84 9.96
CA GLN A 55 5.49 -3.63 10.32
C GLN A 55 4.67 -2.37 9.99
N VAL A 56 3.80 -2.49 8.99
CA VAL A 56 2.98 -1.37 8.57
C VAL A 56 1.49 -1.70 8.75
N ALA A 57 1.16 -2.98 8.71
CA ALA A 57 -0.21 -3.42 8.87
C ALA A 57 -0.34 -4.43 10.00
N ASN A 58 -1.57 -4.85 10.27
CA ASN A 58 -1.83 -5.82 11.33
C ASN A 58 -2.69 -6.97 10.83
N LEU A 59 -2.28 -8.19 11.14
CA LEU A 59 -3.02 -9.38 10.73
C LEU A 59 -4.22 -9.62 11.62
N ASN A 60 -5.37 -9.92 11.01
CA ASN A 60 -6.59 -10.18 11.76
C ASN A 60 -6.98 -11.65 11.69
N SER A 61 -6.71 -12.39 12.76
CA SER A 61 -7.03 -13.81 12.80
C SER A 61 -8.44 -14.07 12.29
N LYS A 62 -9.29 -13.04 12.36
CA LYS A 62 -10.67 -13.17 11.90
C LYS A 62 -10.73 -13.79 10.52
N ASP A 63 -10.27 -13.04 9.51
CA ASP A 63 -10.26 -13.53 8.14
C ASP A 63 -8.87 -13.46 7.54
N LEU A 64 -7.85 -13.51 8.39
CA LEU A 64 -6.47 -13.45 7.96
C LEU A 64 -6.24 -12.24 7.04
N SER A 65 -6.94 -11.15 7.31
CA SER A 65 -6.82 -9.94 6.51
C SER A 65 -5.91 -8.94 7.20
N TYR A 66 -4.93 -8.41 6.46
CA TYR A 66 -4.00 -7.45 6.99
C TYR A 66 -4.54 -6.02 6.86
N THR A 67 -4.74 -5.36 7.99
CA THR A 67 -5.25 -4.00 8.00
C THR A 67 -4.13 -2.98 8.21
N LEU A 68 -4.02 -2.03 7.28
CA LEU A 68 -2.99 -0.99 7.38
C LEU A 68 -3.06 -0.27 8.72
N LYS A 69 -1.93 -0.17 9.40
CA LYS A 69 -1.86 0.50 10.68
C LYS A 69 -2.46 1.90 10.59
N ASP A 70 -2.43 2.63 11.70
CA ASP A 70 -2.96 3.98 11.76
C ASP A 70 -1.90 5.00 11.37
N TYR A 71 -0.90 5.16 12.23
CA TYR A 71 0.19 6.10 11.99
C TYR A 71 0.67 6.02 10.55
N VAL A 72 0.98 4.79 10.11
CA VAL A 72 1.45 4.58 8.75
C VAL A 72 0.70 5.44 7.75
N PHE A 73 -0.56 5.71 8.05
CA PHE A 73 -1.40 6.53 7.18
C PHE A 73 -0.69 7.84 6.82
N LYS A 74 -0.08 8.47 7.81
CA LYS A 74 0.63 9.72 7.61
C LYS A 74 1.80 9.53 6.64
N GLU A 75 2.33 8.32 6.59
CA GLU A 75 3.45 8.00 5.70
C GLU A 75 2.99 7.98 4.25
N LEU A 76 1.77 7.51 4.03
CA LEU A 76 1.21 7.43 2.68
C LEU A 76 1.46 8.73 1.91
N GLN A 77 1.17 8.70 0.61
CA GLN A 77 1.36 9.87 -0.24
C GLN A 77 0.18 10.05 -1.19
N ARG A 78 -0.57 11.13 -0.99
CA ARG A 78 -1.73 11.42 -1.82
C ARG A 78 -1.34 11.50 -3.29
N ASP A 79 -0.06 11.77 -3.54
CA ASP A 79 0.45 11.88 -4.91
C ASP A 79 0.69 10.49 -5.50
N TRP A 80 0.73 9.49 -4.64
CA TRP A 80 0.96 8.12 -5.08
C TRP A 80 0.19 7.82 -6.36
N PRO A 81 0.90 7.29 -7.38
CA PRO A 81 0.29 6.95 -8.67
C PRO A 81 -0.65 5.75 -8.56
N GLY A 82 -0.28 4.78 -7.73
CA GLY A 82 -1.10 3.60 -7.56
C GLY A 82 -2.57 3.93 -7.42
N TYR A 83 -2.87 5.15 -6.98
CA TYR A 83 -4.25 5.59 -6.80
C TYR A 83 -4.82 6.13 -8.11
N SER A 84 -5.90 5.52 -8.58
CA SER A 84 -6.55 5.94 -9.82
C SER A 84 -7.51 7.09 -9.56
N GLU A 85 -8.11 7.60 -10.63
CA GLU A 85 -9.06 8.71 -10.53
C GLU A 85 -10.02 8.48 -9.37
N ILE A 86 -10.21 7.21 -9.00
CA ILE A 86 -11.11 6.87 -7.90
C ILE A 86 -10.34 6.68 -6.60
N ASP A 87 -9.44 5.71 -6.58
CA ASP A 87 -8.63 5.43 -5.40
C ASP A 87 -8.31 6.73 -4.65
N ARG A 88 -7.62 7.64 -5.33
CA ARG A 88 -7.24 8.91 -4.72
C ARG A 88 -8.38 9.47 -3.88
N ARG A 89 -9.53 9.70 -4.52
CA ARG A 89 -10.70 10.23 -3.83
C ARG A 89 -11.20 9.26 -2.77
N SER A 90 -10.87 7.98 -2.95
CA SER A 90 -11.29 6.95 -2.01
C SER A 90 -10.35 6.88 -0.82
N LEU A 91 -9.14 7.39 -1.00
CA LEU A 91 -8.14 7.39 0.07
C LEU A 91 -8.20 8.67 0.89
N GLU A 92 -8.27 9.80 0.19
CA GLU A 92 -8.34 11.10 0.85
C GLU A 92 -9.31 11.06 2.03
N SER A 93 -10.26 10.13 1.98
CA SER A 93 -11.24 9.98 3.05
C SER A 93 -10.61 9.38 4.30
N VAL A 94 -10.08 8.18 4.17
CA VAL A 94 -9.44 7.49 5.29
C VAL A 94 -8.55 8.44 6.07
N LEU A 95 -7.51 8.94 5.42
CA LEU A 95 -6.57 9.86 6.05
C LEU A 95 -7.32 10.97 6.79
N SER A 96 -8.52 11.27 6.32
CA SER A 96 -9.34 12.32 6.94
C SER A 96 -10.04 11.79 8.19
N ARG A 97 -10.52 10.56 8.11
CA ARG A 97 -11.20 9.94 9.24
C ARG A 97 -10.23 9.61 10.36
N LYS A 98 -9.12 8.98 10.01
CA LYS A 98 -8.10 8.62 10.99
C LYS A 98 -7.45 9.86 11.59
N LEU A 99 -6.67 10.57 10.79
CA LEU A 99 -5.99 11.78 11.24
C LEU A 99 -7.01 12.80 11.74
N ASN A 100 -7.21 12.84 13.06
CA ASN A 100 -8.15 13.77 13.66
C ASN A 100 -7.70 15.21 13.42
N GLY A 1 11.94 21.35 -17.48
CA GLY A 1 11.05 21.00 -18.56
C GLY A 1 9.63 20.76 -18.10
N SER A 2 8.97 19.78 -18.70
CA SER A 2 7.60 19.44 -18.34
C SER A 2 7.55 18.30 -17.33
N SER A 3 8.23 18.49 -16.20
CA SER A 3 8.28 17.47 -15.16
C SER A 3 7.77 18.04 -13.83
N GLY A 4 7.61 17.16 -12.84
CA GLY A 4 7.13 17.58 -11.54
C GLY A 4 6.90 16.41 -10.60
N SER A 5 7.97 15.93 -9.98
CA SER A 5 7.87 14.81 -9.06
C SER A 5 7.14 13.64 -9.69
N SER A 6 7.30 13.50 -11.00
CA SER A 6 6.65 12.41 -11.74
C SER A 6 7.35 11.09 -11.49
N GLY A 7 6.85 10.34 -10.51
CA GLY A 7 7.44 9.05 -10.19
C GLY A 7 6.48 7.89 -10.43
N THR A 8 6.98 6.67 -10.25
CA THR A 8 6.17 5.48 -10.45
C THR A 8 6.40 4.46 -9.35
N ILE A 9 5.42 3.58 -9.15
CA ILE A 9 5.53 2.55 -8.13
C ILE A 9 6.84 1.77 -8.25
N SER A 10 7.16 1.35 -9.47
CA SER A 10 8.39 0.61 -9.72
C SER A 10 9.58 1.27 -9.03
N GLN A 11 9.54 2.60 -8.95
CA GLN A 11 10.61 3.36 -8.33
C GLN A 11 10.42 3.45 -6.83
N ARG A 12 9.17 3.28 -6.38
CA ARG A 12 8.84 3.35 -4.97
C ARG A 12 9.22 2.04 -4.26
N PRO A 13 9.55 2.15 -2.97
CA PRO A 13 9.94 0.99 -2.16
C PRO A 13 8.76 0.07 -1.87
N TYR A 14 9.00 -1.23 -1.95
CA TYR A 14 7.95 -2.23 -1.70
C TYR A 14 6.99 -1.74 -0.62
N ARG A 15 7.52 -1.56 0.59
CA ARG A 15 6.71 -1.09 1.71
C ARG A 15 5.61 -0.15 1.24
N ASP A 16 6.02 0.99 0.68
CA ASP A 16 5.07 1.98 0.19
C ASP A 16 3.97 1.32 -0.63
N ARG A 17 4.37 0.53 -1.62
CA ARG A 17 3.42 -0.17 -2.48
C ARG A 17 2.51 -1.08 -1.66
N VAL A 18 3.04 -1.58 -0.55
CA VAL A 18 2.29 -2.47 0.33
C VAL A 18 1.26 -1.71 1.14
N ILE A 19 1.73 -0.70 1.87
CA ILE A 19 0.83 0.12 2.70
C ILE A 19 -0.18 0.87 1.84
N HIS A 20 0.30 1.42 0.72
CA HIS A 20 -0.57 2.16 -0.18
C HIS A 20 -1.77 1.33 -0.60
N LEU A 21 -1.59 0.01 -0.63
CA LEU A 21 -2.67 -0.91 -1.01
C LEU A 21 -3.57 -1.21 0.19
N LEU A 22 -2.96 -1.54 1.32
CA LEU A 22 -3.71 -1.85 2.53
C LEU A 22 -4.48 -0.63 3.02
N ALA A 23 -3.96 0.56 2.71
CA ALA A 23 -4.60 1.80 3.11
C ALA A 23 -6.08 1.81 2.72
N LEU A 24 -6.35 1.83 1.42
CA LEU A 24 -7.72 1.84 0.93
C LEU A 24 -8.60 0.90 1.74
N LYS A 25 -8.14 -0.34 1.90
CA LYS A 25 -8.89 -1.34 2.66
C LYS A 25 -7.98 -2.49 3.09
N ALA A 26 -8.51 -3.38 3.91
CA ALA A 26 -7.75 -4.52 4.40
C ALA A 26 -7.48 -5.53 3.28
N TYR A 27 -6.24 -6.00 3.19
CA TYR A 27 -5.86 -6.96 2.16
C TYR A 27 -5.24 -8.21 2.78
N LYS A 28 -5.33 -9.33 2.07
CA LYS A 28 -4.78 -10.59 2.55
C LYS A 28 -3.39 -10.82 1.94
N LYS A 29 -2.54 -11.51 2.70
CA LYS A 29 -1.19 -11.81 2.25
C LYS A 29 -1.17 -12.10 0.75
N PRO A 30 -2.01 -13.05 0.31
CA PRO A 30 -2.11 -13.43 -1.10
C PRO A 30 -2.75 -12.34 -1.95
N GLU A 31 -3.90 -11.86 -1.51
CA GLU A 31 -4.61 -10.81 -2.23
C GLU A 31 -3.72 -9.60 -2.46
N LEU A 32 -3.31 -8.95 -1.36
CA LEU A 32 -2.46 -7.78 -1.44
C LEU A 32 -1.44 -7.92 -2.58
N LEU A 33 -0.84 -9.10 -2.68
CA LEU A 33 0.15 -9.37 -3.72
C LEU A 33 -0.46 -9.19 -5.11
N ALA A 34 -1.52 -9.95 -5.38
CA ALA A 34 -2.19 -9.86 -6.67
C ALA A 34 -2.16 -8.45 -7.23
N ARG A 35 -2.27 -7.47 -6.33
CA ARG A 35 -2.26 -6.06 -6.73
C ARG A 35 -0.86 -5.64 -7.18
N LEU A 36 0.14 -5.99 -6.39
CA LEU A 36 1.53 -5.65 -6.71
C LEU A 36 2.07 -6.54 -7.83
N GLN A 37 1.97 -7.85 -7.63
CA GLN A 37 2.44 -8.81 -8.62
C GLN A 37 2.06 -8.37 -10.03
N LYS A 38 0.97 -7.61 -10.13
CA LYS A 38 0.50 -7.13 -11.42
C LYS A 38 1.56 -6.26 -12.10
N ASP A 39 2.00 -5.22 -11.41
CA ASP A 39 3.01 -4.33 -11.95
C ASP A 39 4.40 -4.93 -11.82
N GLY A 40 4.51 -5.98 -11.01
CA GLY A 40 5.80 -6.63 -10.82
C GLY A 40 6.16 -6.77 -9.35
N VAL A 41 6.55 -7.98 -8.94
CA VAL A 41 6.93 -8.24 -7.56
C VAL A 41 8.15 -9.15 -7.48
N ASN A 42 9.24 -8.61 -6.95
CA ASN A 42 10.47 -9.38 -6.82
C ASN A 42 10.26 -10.60 -5.92
N GLN A 43 11.07 -11.62 -6.13
CA GLN A 43 10.98 -12.85 -5.34
C GLN A 43 11.56 -12.64 -3.95
N LYS A 44 12.70 -11.97 -3.88
CA LYS A 44 13.36 -11.70 -2.60
C LYS A 44 12.45 -10.91 -1.68
N ASP A 45 11.53 -10.14 -2.26
CA ASP A 45 10.60 -9.34 -1.49
C ASP A 45 9.36 -10.15 -1.11
N LYS A 46 8.91 -10.99 -2.03
CA LYS A 46 7.74 -11.82 -1.80
C LYS A 46 7.71 -12.34 -0.37
N ASN A 47 8.88 -12.73 0.14
CA ASN A 47 8.99 -13.25 1.49
C ASN A 47 9.00 -12.11 2.51
N SER A 48 9.65 -11.00 2.14
CA SER A 48 9.73 -9.84 3.02
C SER A 48 8.35 -9.22 3.24
N LEU A 49 7.44 -9.48 2.31
CA LEU A 49 6.08 -8.95 2.40
C LEU A 49 5.44 -9.32 3.73
N GLY A 50 5.33 -10.62 3.99
CA GLY A 50 4.74 -11.09 5.22
C GLY A 50 5.27 -10.33 6.44
N ALA A 51 6.52 -9.91 6.37
CA ALA A 51 7.13 -9.17 7.47
C ALA A 51 6.67 -7.71 7.48
N ILE A 52 6.61 -7.10 6.30
CA ILE A 52 6.19 -5.72 6.18
C ILE A 52 4.74 -5.55 6.63
N LEU A 53 3.89 -6.48 6.22
CA LEU A 53 2.47 -6.45 6.58
C LEU A 53 2.29 -6.25 8.08
N GLN A 54 3.22 -6.80 8.87
CA GLN A 54 3.17 -6.68 10.32
C GLN A 54 3.90 -5.43 10.79
N GLN A 55 4.80 -4.92 9.95
CA GLN A 55 5.57 -3.72 10.28
C GLN A 55 4.77 -2.47 9.97
N VAL A 56 3.82 -2.58 9.04
CA VAL A 56 2.99 -1.45 8.66
C VAL A 56 1.50 -1.77 8.84
N ALA A 57 1.17 -3.06 8.79
CA ALA A 57 -0.20 -3.50 8.95
C ALA A 57 -0.34 -4.50 10.10
N ASN A 58 -1.56 -4.93 10.38
CA ASN A 58 -1.81 -5.88 11.44
C ASN A 58 -2.70 -7.03 10.95
N LEU A 59 -2.28 -8.25 11.24
CA LEU A 59 -3.02 -9.44 10.84
C LEU A 59 -4.21 -9.68 11.76
N ASN A 60 -5.39 -9.87 11.17
CA ASN A 60 -6.60 -10.11 11.94
C ASN A 60 -7.04 -11.57 11.82
N SER A 61 -6.48 -12.42 12.68
CA SER A 61 -6.81 -13.84 12.67
C SER A 61 -8.28 -14.05 12.30
N LYS A 62 -9.13 -13.11 12.69
CA LYS A 62 -10.55 -13.19 12.40
C LYS A 62 -10.79 -13.65 10.96
N ASP A 63 -10.41 -12.80 10.01
CA ASP A 63 -10.58 -13.12 8.60
C ASP A 63 -9.23 -13.21 7.90
N LEU A 64 -8.17 -13.35 8.68
CA LEU A 64 -6.83 -13.45 8.14
C LEU A 64 -6.54 -12.31 7.18
N SER A 65 -7.12 -11.14 7.46
CA SER A 65 -6.93 -9.97 6.62
C SER A 65 -6.00 -8.97 7.29
N TYR A 66 -5.03 -8.47 6.54
CA TYR A 66 -4.06 -7.50 7.06
C TYR A 66 -4.62 -6.08 6.98
N THR A 67 -4.69 -5.43 8.13
CA THR A 67 -5.21 -4.06 8.19
C THR A 67 -4.08 -3.05 8.36
N LEU A 68 -4.02 -2.09 7.45
CA LEU A 68 -2.98 -1.06 7.51
C LEU A 68 -3.03 -0.29 8.82
N LYS A 69 -1.90 -0.22 9.51
CA LYS A 69 -1.83 0.49 10.79
C LYS A 69 -2.41 1.89 10.67
N ASP A 70 -2.41 2.62 11.77
CA ASP A 70 -2.94 3.98 11.78
C ASP A 70 -1.85 5.00 11.48
N TYR A 71 -0.83 5.03 12.32
CA TYR A 71 0.28 5.96 12.14
C TYR A 71 0.80 5.93 10.70
N VAL A 72 1.03 4.73 10.19
CA VAL A 72 1.52 4.56 8.83
C VAL A 72 0.79 5.49 7.86
N PHE A 73 -0.50 5.67 8.10
CA PHE A 73 -1.32 6.54 7.25
C PHE A 73 -0.59 7.85 6.96
N LYS A 74 0.09 8.39 7.97
CA LYS A 74 0.82 9.63 7.83
C LYS A 74 2.00 9.47 6.87
N GLU A 75 2.56 8.26 6.84
CA GLU A 75 3.69 7.97 5.97
C GLU A 75 3.26 7.89 4.51
N LEU A 76 2.00 7.51 4.30
CA LEU A 76 1.45 7.40 2.96
C LEU A 76 1.88 8.57 2.09
N GLN A 77 1.68 8.45 0.78
CA GLN A 77 2.04 9.50 -0.15
C GLN A 77 0.86 9.89 -1.04
N ARG A 78 0.22 11.00 -0.71
CA ARG A 78 -0.93 11.47 -1.47
C ARG A 78 -0.62 11.50 -2.96
N ASP A 79 0.67 11.56 -3.29
CA ASP A 79 1.10 11.60 -4.69
C ASP A 79 1.46 10.20 -5.17
N TRP A 80 0.86 9.19 -4.56
CA TRP A 80 1.11 7.81 -4.93
C TRP A 80 0.62 7.53 -6.35
N PRO A 81 1.54 7.13 -7.24
CA PRO A 81 1.23 6.82 -8.63
C PRO A 81 0.40 5.54 -8.77
N GLY A 82 0.04 4.95 -7.63
CA GLY A 82 -0.75 3.73 -7.65
C GLY A 82 -2.22 3.99 -7.44
N TYR A 83 -2.60 5.26 -7.39
CA TYR A 83 -3.99 5.65 -7.19
C TYR A 83 -4.59 6.22 -8.47
N SER A 84 -5.64 5.57 -8.97
CA SER A 84 -6.30 6.01 -10.19
C SER A 84 -7.19 7.22 -9.91
N GLU A 85 -7.91 7.66 -10.94
CA GLU A 85 -8.81 8.80 -10.81
C GLU A 85 -9.75 8.62 -9.62
N ILE A 86 -10.07 7.37 -9.31
CA ILE A 86 -10.96 7.07 -8.20
C ILE A 86 -10.18 6.82 -6.93
N ASP A 87 -9.26 5.86 -6.97
CA ASP A 87 -8.45 5.54 -5.80
C ASP A 87 -8.09 6.79 -5.02
N ARG A 88 -7.38 7.72 -5.66
CA ARG A 88 -6.98 8.96 -5.02
C ARG A 88 -8.10 9.50 -4.14
N ARG A 89 -9.25 9.75 -4.75
CA ARG A 89 -10.40 10.28 -4.03
C ARG A 89 -10.91 9.26 -3.01
N SER A 90 -10.58 8.00 -3.22
CA SER A 90 -11.00 6.93 -2.33
C SER A 90 -10.10 6.85 -1.11
N LEU A 91 -8.89 7.40 -1.24
CA LEU A 91 -7.93 7.39 -0.14
C LEU A 91 -8.05 8.65 0.70
N GLU A 92 -8.15 9.80 0.02
CA GLU A 92 -8.27 11.09 0.72
C GLU A 92 -9.28 10.99 1.87
N SER A 93 -10.18 10.01 1.78
CA SER A 93 -11.19 9.82 2.81
C SER A 93 -10.59 9.22 4.07
N VAL A 94 -10.09 7.99 3.95
CA VAL A 94 -9.46 7.30 5.09
C VAL A 94 -8.65 8.27 5.93
N LEU A 95 -7.66 8.90 5.32
CA LEU A 95 -6.81 9.85 6.01
C LEU A 95 -7.64 10.88 6.79
N SER A 96 -8.74 11.31 6.18
CA SER A 96 -9.62 12.29 6.80
C SER A 96 -10.27 11.71 8.05
N ARG A 97 -10.58 10.42 8.00
CA ARG A 97 -11.21 9.74 9.13
C ARG A 97 -10.21 9.50 10.24
N LYS A 98 -9.07 8.93 9.89
CA LYS A 98 -8.02 8.64 10.87
C LYS A 98 -7.38 9.93 11.39
N LEU A 99 -6.60 10.58 10.54
CA LEU A 99 -5.94 11.83 10.91
C LEU A 99 -6.96 12.87 11.37
N ASN A 100 -7.17 12.93 12.68
CA ASN A 100 -8.12 13.89 13.25
C ASN A 100 -8.11 15.20 12.46
N GLY A 1 6.77 12.08 -29.61
CA GLY A 1 7.91 11.89 -28.72
C GLY A 1 7.97 12.96 -27.64
N SER A 2 6.82 13.23 -27.01
CA SER A 2 6.75 14.23 -25.95
C SER A 2 6.18 13.64 -24.68
N SER A 3 6.88 13.85 -23.57
CA SER A 3 6.44 13.33 -22.27
C SER A 3 7.35 13.82 -21.16
N GLY A 4 7.01 13.47 -19.92
CA GLY A 4 7.80 13.87 -18.78
C GLY A 4 7.38 13.19 -17.49
N SER A 5 7.86 13.70 -16.37
CA SER A 5 7.52 13.14 -15.07
C SER A 5 7.96 11.68 -14.99
N SER A 6 9.17 11.40 -15.46
CA SER A 6 9.71 10.04 -15.44
C SER A 6 9.57 9.42 -14.06
N GLY A 7 8.66 8.45 -13.94
CA GLY A 7 8.45 7.79 -12.66
C GLY A 7 7.78 6.45 -12.82
N THR A 8 8.21 5.48 -12.00
CA THR A 8 7.64 4.14 -12.06
C THR A 8 7.39 3.60 -10.65
N ILE A 9 6.50 2.61 -10.55
CA ILE A 9 6.17 2.00 -9.27
C ILE A 9 7.30 1.15 -8.76
N SER A 10 7.93 0.40 -9.67
CA SER A 10 9.05 -0.47 -9.30
C SER A 10 10.11 0.30 -8.53
N GLN A 11 10.45 1.48 -9.03
CA GLN A 11 11.47 2.32 -8.39
C GLN A 11 11.10 2.59 -6.94
N ARG A 12 9.80 2.62 -6.66
CA ARG A 12 9.33 2.87 -5.29
C ARG A 12 9.62 1.67 -4.39
N PRO A 13 9.76 1.95 -3.08
CA PRO A 13 10.05 0.92 -2.08
C PRO A 13 8.86 -0.01 -1.86
N TYR A 14 9.14 -1.31 -1.83
CA TYR A 14 8.08 -2.30 -1.62
C TYR A 14 7.12 -1.86 -0.53
N ARG A 15 7.62 -1.72 0.68
CA ARG A 15 6.80 -1.30 1.81
C ARG A 15 5.72 -0.32 1.37
N ASP A 16 6.13 0.74 0.69
CA ASP A 16 5.19 1.76 0.21
C ASP A 16 4.12 1.12 -0.66
N ARG A 17 4.54 0.44 -1.73
CA ARG A 17 3.61 -0.21 -2.64
C ARG A 17 2.60 -1.05 -1.88
N VAL A 18 3.03 -1.60 -0.74
CA VAL A 18 2.17 -2.44 0.09
C VAL A 18 1.16 -1.59 0.85
N ILE A 19 1.65 -0.76 1.75
CA ILE A 19 0.79 0.10 2.56
C ILE A 19 -0.17 0.87 1.66
N HIS A 20 0.33 1.39 0.55
CA HIS A 20 -0.49 2.15 -0.39
C HIS A 20 -1.71 1.34 -0.82
N LEU A 21 -1.59 0.02 -0.79
CA LEU A 21 -2.68 -0.87 -1.16
C LEU A 21 -3.57 -1.18 0.03
N LEU A 22 -2.94 -1.45 1.17
CA LEU A 22 -3.68 -1.77 2.39
C LEU A 22 -4.51 -0.58 2.86
N ALA A 23 -4.02 0.63 2.59
CA ALA A 23 -4.72 1.85 2.97
C ALA A 23 -6.17 1.81 2.52
N LEU A 24 -6.37 1.90 1.21
CA LEU A 24 -7.72 1.88 0.64
C LEU A 24 -8.61 0.88 1.39
N LYS A 25 -8.08 -0.30 1.65
CA LYS A 25 -8.81 -1.34 2.36
C LYS A 25 -7.88 -2.46 2.81
N ALA A 26 -8.38 -3.31 3.70
CA ALA A 26 -7.59 -4.43 4.21
C ALA A 26 -7.38 -5.48 3.13
N TYR A 27 -6.16 -6.00 3.04
CA TYR A 27 -5.82 -7.00 2.04
C TYR A 27 -5.22 -8.24 2.70
N LYS A 28 -5.34 -9.38 2.03
CA LYS A 28 -4.81 -10.64 2.54
C LYS A 28 -3.42 -10.91 1.99
N LYS A 29 -2.64 -11.71 2.71
CA LYS A 29 -1.29 -12.05 2.29
C LYS A 29 -1.25 -12.35 0.80
N PRO A 30 -2.08 -13.30 0.35
CA PRO A 30 -2.16 -13.70 -1.06
C PRO A 30 -2.79 -12.61 -1.93
N GLU A 31 -3.94 -12.10 -1.51
CA GLU A 31 -4.64 -11.06 -2.26
C GLU A 31 -3.72 -9.87 -2.51
N LEU A 32 -3.33 -9.20 -1.43
CA LEU A 32 -2.45 -8.04 -1.53
C LEU A 32 -1.44 -8.22 -2.65
N LEU A 33 -0.83 -9.39 -2.72
CA LEU A 33 0.15 -9.69 -3.76
C LEU A 33 -0.45 -9.55 -5.15
N ALA A 34 -1.54 -10.29 -5.39
CA ALA A 34 -2.21 -10.25 -6.68
C ALA A 34 -2.22 -8.83 -7.25
N ARG A 35 -2.23 -7.84 -6.36
CA ARG A 35 -2.24 -6.44 -6.77
C ARG A 35 -0.84 -5.99 -7.18
N LEU A 36 0.15 -6.29 -6.35
CA LEU A 36 1.53 -5.90 -6.62
C LEU A 36 2.12 -6.78 -7.73
N GLN A 37 2.05 -8.09 -7.54
CA GLN A 37 2.57 -9.03 -8.53
C GLN A 37 2.20 -8.61 -9.95
N LYS A 38 1.02 -8.02 -10.09
CA LYS A 38 0.54 -7.56 -11.39
C LYS A 38 1.61 -6.71 -12.09
N ASP A 39 2.00 -5.62 -11.43
CA ASP A 39 3.01 -4.72 -11.99
C ASP A 39 4.40 -5.33 -11.87
N GLY A 40 4.52 -6.37 -11.05
CA GLY A 40 5.81 -7.02 -10.87
C GLY A 40 6.24 -7.04 -9.42
N VAL A 41 6.66 -8.21 -8.94
CA VAL A 41 7.10 -8.36 -7.56
C VAL A 41 8.34 -9.24 -7.47
N ASN A 42 9.43 -8.67 -6.95
CA ASN A 42 10.68 -9.41 -6.81
C ASN A 42 10.53 -10.53 -5.79
N GLN A 43 11.39 -11.54 -5.91
CA GLN A 43 11.36 -12.67 -4.99
C GLN A 43 11.84 -12.27 -3.61
N LYS A 44 12.95 -11.54 -3.56
CA LYS A 44 13.52 -11.09 -2.31
C LYS A 44 12.50 -10.31 -1.48
N ASP A 45 11.58 -9.64 -2.18
CA ASP A 45 10.54 -8.86 -1.53
C ASP A 45 9.37 -9.74 -1.11
N LYS A 46 9.05 -10.72 -1.95
CA LYS A 46 7.96 -11.65 -1.66
C LYS A 46 8.02 -12.14 -0.22
N ASN A 47 9.22 -12.45 0.24
CA ASN A 47 9.42 -12.94 1.61
C ASN A 47 9.27 -11.79 2.61
N SER A 48 9.83 -10.64 2.28
CA SER A 48 9.76 -9.47 3.15
C SER A 48 8.31 -9.02 3.34
N LEU A 49 7.49 -9.23 2.31
CA LEU A 49 6.08 -8.85 2.37
C LEU A 49 5.45 -9.26 3.68
N GLY A 50 5.34 -10.58 3.89
CA GLY A 50 4.76 -11.08 5.12
C GLY A 50 5.26 -10.36 6.35
N ALA A 51 6.51 -9.92 6.30
CA ALA A 51 7.11 -9.20 7.42
C ALA A 51 6.67 -7.74 7.45
N ILE A 52 6.54 -7.14 6.26
CA ILE A 52 6.13 -5.75 6.15
C ILE A 52 4.67 -5.58 6.57
N LEU A 53 3.82 -6.51 6.14
CA LEU A 53 2.41 -6.47 6.48
C LEU A 53 2.21 -6.28 7.98
N GLN A 54 3.08 -6.89 8.78
CA GLN A 54 3.01 -6.79 10.22
C GLN A 54 3.76 -5.56 10.73
N GLN A 55 4.63 -5.02 9.89
CA GLN A 55 5.41 -3.84 10.24
C GLN A 55 4.65 -2.56 9.91
N VAL A 56 3.72 -2.66 8.98
CA VAL A 56 2.92 -1.51 8.57
C VAL A 56 1.43 -1.79 8.75
N ALA A 57 1.06 -3.06 8.75
CA ALA A 57 -0.33 -3.46 8.91
C ALA A 57 -0.48 -4.45 10.07
N ASN A 58 -1.73 -4.83 10.35
CA ASN A 58 -2.01 -5.77 11.43
C ASN A 58 -2.87 -6.92 10.93
N LEU A 59 -2.43 -8.14 11.20
CA LEU A 59 -3.16 -9.33 10.78
C LEU A 59 -4.33 -9.60 11.72
N ASN A 60 -5.49 -9.88 11.14
CA ASN A 60 -6.70 -10.16 11.92
C ASN A 60 -7.12 -11.63 11.76
N SER A 61 -6.81 -12.44 12.77
CA SER A 61 -7.15 -13.85 12.74
C SER A 61 -8.58 -14.06 12.26
N LYS A 62 -9.47 -13.14 12.66
CA LYS A 62 -10.86 -13.21 12.27
C LYS A 62 -11.00 -13.63 10.80
N ASP A 63 -10.60 -12.75 9.90
CA ASP A 63 -10.67 -13.02 8.47
C ASP A 63 -9.28 -13.11 7.86
N LEU A 64 -8.28 -13.36 8.70
CA LEU A 64 -6.90 -13.46 8.24
C LEU A 64 -6.56 -12.34 7.28
N SER A 65 -7.17 -11.18 7.49
CA SER A 65 -6.94 -10.02 6.64
C SER A 65 -5.97 -9.05 7.30
N TYR A 66 -5.16 -8.39 6.50
CA TYR A 66 -4.19 -7.43 7.01
C TYR A 66 -4.72 -6.00 6.88
N THR A 67 -4.85 -5.33 8.03
CA THR A 67 -5.34 -3.95 8.05
C THR A 67 -4.20 -2.96 8.25
N LEU A 68 -4.10 -1.99 7.34
CA LEU A 68 -3.05 -0.98 7.41
C LEU A 68 -3.09 -0.26 8.75
N LYS A 69 -1.94 -0.17 9.41
CA LYS A 69 -1.85 0.51 10.69
C LYS A 69 -2.45 1.90 10.63
N ASP A 70 -2.35 2.64 11.72
CA ASP A 70 -2.88 4.00 11.79
C ASP A 70 -1.79 5.02 11.52
N TYR A 71 -0.63 4.83 12.15
CA TYR A 71 0.49 5.74 11.98
C TYR A 71 1.01 5.72 10.55
N VAL A 72 1.09 4.53 9.97
CA VAL A 72 1.56 4.37 8.60
C VAL A 72 0.83 5.31 7.65
N PHE A 73 -0.45 5.56 7.94
CA PHE A 73 -1.26 6.45 7.11
C PHE A 73 -0.52 7.76 6.85
N LYS A 74 0.30 8.18 7.80
CA LYS A 74 1.07 9.41 7.67
C LYS A 74 2.22 9.25 6.69
N GLU A 75 2.73 8.03 6.58
CA GLU A 75 3.82 7.73 5.67
C GLU A 75 3.36 7.75 4.23
N LEU A 76 2.11 7.35 4.01
CA LEU A 76 1.54 7.32 2.67
C LEU A 76 1.88 8.58 1.90
N GLN A 77 1.72 8.53 0.58
CA GLN A 77 2.02 9.68 -0.27
C GLN A 77 0.78 10.10 -1.06
N ARG A 78 0.15 11.20 -0.63
CA ARG A 78 -1.03 11.71 -1.29
C ARG A 78 -0.83 11.80 -2.79
N ASP A 79 0.42 11.99 -3.20
CA ASP A 79 0.75 12.08 -4.62
C ASP A 79 1.10 10.71 -5.20
N TRP A 80 0.54 9.66 -4.60
CA TRP A 80 0.80 8.31 -5.04
C TRP A 80 0.20 8.07 -6.43
N PRO A 81 1.06 7.68 -7.38
CA PRO A 81 0.64 7.42 -8.76
C PRO A 81 -0.21 6.15 -8.87
N GLY A 82 -0.35 5.43 -7.76
CA GLY A 82 -1.13 4.21 -7.75
C GLY A 82 -2.60 4.47 -7.53
N TYR A 83 -2.97 5.73 -7.34
CA TYR A 83 -4.36 6.11 -7.11
C TYR A 83 -4.94 6.82 -8.32
N SER A 84 -5.91 6.18 -8.95
CA SER A 84 -6.57 6.75 -10.13
C SER A 84 -7.48 7.91 -9.75
N GLU A 85 -8.08 8.54 -10.75
CA GLU A 85 -8.97 9.66 -10.51
C GLU A 85 -9.93 9.36 -9.37
N ILE A 86 -10.15 8.08 -9.11
CA ILE A 86 -11.05 7.67 -8.04
C ILE A 86 -10.28 7.39 -6.76
N ASP A 87 -9.42 6.38 -6.80
CA ASP A 87 -8.62 6.01 -5.63
C ASP A 87 -8.25 7.25 -4.81
N ARG A 88 -7.63 8.23 -5.47
CA ARG A 88 -7.22 9.46 -4.80
C ARG A 88 -8.34 9.98 -3.90
N ARG A 89 -9.51 10.19 -4.49
CA ARG A 89 -10.66 10.70 -3.74
C ARG A 89 -11.14 9.66 -2.73
N SER A 90 -10.80 8.40 -2.98
CA SER A 90 -11.21 7.31 -2.09
C SER A 90 -10.25 7.18 -0.91
N LEU A 91 -9.03 7.69 -1.09
CA LEU A 91 -8.02 7.63 -0.04
C LEU A 91 -8.06 8.88 0.83
N GLU A 92 -8.31 10.03 0.20
CA GLU A 92 -8.38 11.28 0.92
C GLU A 92 -9.36 11.20 2.08
N SER A 93 -10.24 10.20 2.05
CA SER A 93 -11.23 10.01 3.09
C SER A 93 -10.61 9.35 4.32
N VAL A 94 -10.24 8.08 4.16
CA VAL A 94 -9.62 7.33 5.25
C VAL A 94 -8.71 8.22 6.10
N LEU A 95 -7.69 8.78 5.45
CA LEU A 95 -6.75 9.66 6.13
C LEU A 95 -7.48 10.77 6.89
N SER A 96 -8.57 11.23 6.33
CA SER A 96 -9.37 12.29 6.95
C SER A 96 -10.11 11.76 8.17
N ARG A 97 -10.40 10.46 8.17
CA ARG A 97 -11.11 9.83 9.27
C ARG A 97 -10.12 9.30 10.32
N LYS A 98 -8.88 9.09 9.90
CA LYS A 98 -7.85 8.57 10.79
C LYS A 98 -7.06 9.72 11.41
N LEU A 99 -6.41 10.50 10.56
CA LEU A 99 -5.61 11.64 11.03
C LEU A 99 -6.51 12.74 11.59
N ASN A 100 -6.72 12.72 12.90
CA ASN A 100 -7.57 13.71 13.55
C ASN A 100 -6.82 14.37 14.71
N GLY A 1 19.23 11.47 -19.11
CA GLY A 1 19.58 12.22 -17.93
C GLY A 1 18.37 12.86 -17.27
N SER A 2 18.61 13.90 -16.48
CA SER A 2 17.54 14.59 -15.78
C SER A 2 16.55 13.59 -15.17
N SER A 3 17.08 12.57 -14.53
CA SER A 3 16.25 11.54 -13.91
C SER A 3 16.28 11.66 -12.39
N GLY A 4 15.15 12.06 -11.81
CA GLY A 4 15.07 12.20 -10.36
C GLY A 4 14.76 10.89 -9.67
N SER A 5 14.15 10.99 -8.48
CA SER A 5 13.81 9.80 -7.70
C SER A 5 12.47 9.23 -8.16
N SER A 6 11.39 9.90 -7.79
CA SER A 6 10.05 9.46 -8.16
C SER A 6 9.94 9.25 -9.66
N GLY A 7 9.66 8.02 -10.06
CA GLY A 7 9.54 7.70 -11.48
C GLY A 7 8.37 6.78 -11.77
N THR A 8 8.53 5.50 -11.42
CA THR A 8 7.48 4.52 -11.64
C THR A 8 7.22 3.70 -10.38
N ILE A 9 6.22 2.82 -10.45
CA ILE A 9 5.87 1.98 -9.32
C ILE A 9 7.05 1.11 -8.89
N SER A 10 7.59 0.34 -9.84
CA SER A 10 8.71 -0.54 -9.56
C SER A 10 9.85 0.23 -8.89
N GLN A 11 9.98 1.51 -9.23
CA GLN A 11 11.01 2.35 -8.66
C GLN A 11 10.72 2.65 -7.20
N ARG A 12 9.45 2.64 -6.83
CA ARG A 12 9.04 2.91 -5.45
C ARG A 12 9.39 1.74 -4.55
N PRO A 13 9.58 2.04 -3.25
CA PRO A 13 9.92 1.02 -2.24
C PRO A 13 8.75 0.08 -1.95
N TYR A 14 9.01 -1.22 -2.04
CA TYR A 14 7.98 -2.22 -1.78
C TYR A 14 7.01 -1.75 -0.70
N ARG A 15 7.53 -1.59 0.51
CA ARG A 15 6.71 -1.14 1.64
C ARG A 15 5.63 -0.17 1.17
N ASP A 16 6.06 0.94 0.57
CA ASP A 16 5.13 1.95 0.07
C ASP A 16 4.03 1.31 -0.76
N ARG A 17 4.42 0.54 -1.77
CA ARG A 17 3.46 -0.12 -2.64
C ARG A 17 2.49 -0.97 -1.83
N VAL A 18 2.97 -1.52 -0.72
CA VAL A 18 2.14 -2.35 0.15
C VAL A 18 1.12 -1.52 0.90
N ILE A 19 1.61 -0.61 1.74
CA ILE A 19 0.74 0.26 2.53
C ILE A 19 -0.22 1.03 1.63
N HIS A 20 0.29 1.52 0.51
CA HIS A 20 -0.53 2.28 -0.44
C HIS A 20 -1.72 1.46 -0.88
N LEU A 21 -1.61 0.14 -0.78
CA LEU A 21 -2.70 -0.76 -1.18
C LEU A 21 -3.63 -1.03 0.00
N LEU A 22 -3.05 -1.45 1.12
CA LEU A 22 -3.83 -1.75 2.32
C LEU A 22 -4.61 -0.53 2.78
N ALA A 23 -4.05 0.66 2.52
CA ALA A 23 -4.70 1.90 2.90
C ALA A 23 -6.17 1.92 2.48
N LEU A 24 -6.40 1.89 1.17
CA LEU A 24 -7.75 1.90 0.64
C LEU A 24 -8.64 0.92 1.38
N LYS A 25 -8.13 -0.28 1.61
CA LYS A 25 -8.88 -1.31 2.32
C LYS A 25 -7.95 -2.44 2.77
N ALA A 26 -8.47 -3.31 3.63
CA ALA A 26 -7.70 -4.44 4.13
C ALA A 26 -7.46 -5.48 3.04
N TYR A 27 -6.25 -6.03 3.02
CA TYR A 27 -5.89 -7.03 2.02
C TYR A 27 -5.27 -8.25 2.68
N LYS A 28 -5.34 -9.39 2.00
CA LYS A 28 -4.78 -10.64 2.51
C LYS A 28 -3.39 -10.89 1.93
N LYS A 29 -2.55 -11.56 2.71
CA LYS A 29 -1.19 -11.87 2.27
C LYS A 29 -1.15 -12.19 0.78
N PRO A 30 -1.99 -13.16 0.37
CA PRO A 30 -2.08 -13.58 -1.03
C PRO A 30 -2.71 -12.51 -1.92
N GLU A 31 -3.85 -12.00 -1.50
CA GLU A 31 -4.56 -10.97 -2.26
C GLU A 31 -3.66 -9.76 -2.49
N LEU A 32 -3.29 -9.09 -1.40
CA LEU A 32 -2.44 -7.91 -1.49
C LEU A 32 -1.35 -8.10 -2.56
N LEU A 33 -0.75 -9.28 -2.58
CA LEU A 33 0.30 -9.58 -3.55
C LEU A 33 -0.20 -9.38 -4.98
N ALA A 34 -1.21 -10.15 -5.36
CA ALA A 34 -1.79 -10.06 -6.70
C ALA A 34 -1.72 -8.62 -7.21
N ARG A 35 -2.23 -7.69 -6.42
CA ARG A 35 -2.23 -6.28 -6.79
C ARG A 35 -0.84 -5.83 -7.23
N LEU A 36 0.16 -6.20 -6.44
CA LEU A 36 1.55 -5.83 -6.74
C LEU A 36 2.11 -6.70 -7.85
N GLN A 37 2.03 -8.01 -7.66
CA GLN A 37 2.54 -8.96 -8.66
C GLN A 37 2.05 -8.60 -10.05
N LYS A 38 0.91 -7.92 -10.12
CA LYS A 38 0.33 -7.52 -11.39
C LYS A 38 1.36 -6.77 -12.24
N ASP A 39 2.07 -5.83 -11.60
CA ASP A 39 3.08 -5.04 -12.30
C ASP A 39 4.44 -5.74 -12.26
N GLY A 40 4.65 -6.55 -11.23
CA GLY A 40 5.90 -7.27 -11.09
C GLY A 40 6.48 -7.16 -9.70
N VAL A 41 6.46 -8.25 -8.95
CA VAL A 41 7.00 -8.27 -7.59
C VAL A 41 8.29 -9.06 -7.52
N ASN A 42 9.27 -8.53 -6.79
CA ASN A 42 10.56 -9.18 -6.64
C ASN A 42 10.47 -10.36 -5.67
N GLN A 43 11.35 -11.33 -5.85
CA GLN A 43 11.36 -12.51 -4.98
C GLN A 43 11.70 -12.13 -3.54
N LYS A 44 12.79 -11.39 -3.37
CA LYS A 44 13.22 -10.95 -2.05
C LYS A 44 12.07 -10.27 -1.30
N ASP A 45 11.18 -9.64 -2.06
CA ASP A 45 10.04 -8.94 -1.47
C ASP A 45 8.94 -9.93 -1.09
N LYS A 46 8.78 -10.97 -1.91
CA LYS A 46 7.76 -11.99 -1.67
C LYS A 46 7.95 -12.63 -0.30
N ASN A 47 9.20 -12.89 0.06
CA ASN A 47 9.51 -13.50 1.35
C ASN A 47 9.57 -12.45 2.45
N SER A 48 9.94 -11.23 2.08
CA SER A 48 10.04 -10.13 3.04
C SER A 48 8.71 -9.39 3.15
N LEU A 49 7.68 -9.94 2.52
CA LEU A 49 6.36 -9.33 2.55
C LEU A 49 5.69 -9.55 3.90
N GLY A 50 5.33 -10.80 4.18
CA GLY A 50 4.69 -11.12 5.45
C GLY A 50 5.22 -10.29 6.60
N ALA A 51 6.50 -9.93 6.52
CA ALA A 51 7.13 -9.13 7.56
C ALA A 51 6.64 -7.68 7.52
N ILE A 52 6.65 -7.10 6.32
CA ILE A 52 6.20 -5.72 6.14
C ILE A 52 4.75 -5.54 6.57
N LEU A 53 3.90 -6.48 6.17
CA LEU A 53 2.49 -6.43 6.53
C LEU A 53 2.31 -6.26 8.03
N GLN A 54 3.18 -6.89 8.80
CA GLN A 54 3.12 -6.79 10.25
C GLN A 54 3.88 -5.57 10.76
N GLN A 55 4.66 -4.96 9.87
CA GLN A 55 5.44 -3.77 10.22
C GLN A 55 4.67 -2.50 9.90
N VAL A 56 3.72 -2.61 8.98
CA VAL A 56 2.91 -1.47 8.58
C VAL A 56 1.42 -1.77 8.74
N ALA A 57 1.07 -3.05 8.75
CA ALA A 57 -0.31 -3.46 8.89
C ALA A 57 -0.47 -4.45 10.05
N ASN A 58 -1.71 -4.86 10.31
CA ASN A 58 -1.99 -5.80 11.39
C ASN A 58 -2.86 -6.95 10.89
N LEU A 59 -2.42 -8.18 11.16
CA LEU A 59 -3.15 -9.37 10.73
C LEU A 59 -4.31 -9.64 11.68
N ASN A 60 -5.45 -10.04 11.11
CA ASN A 60 -6.63 -10.34 11.90
C ASN A 60 -7.06 -11.80 11.71
N SER A 61 -6.63 -12.65 12.64
CA SER A 61 -6.96 -14.07 12.58
C SER A 61 -8.41 -14.28 12.14
N LYS A 62 -9.29 -13.38 12.57
CA LYS A 62 -10.70 -13.46 12.23
C LYS A 62 -10.87 -13.84 10.75
N ASP A 63 -10.45 -12.93 9.87
CA ASP A 63 -10.55 -13.18 8.43
C ASP A 63 -9.18 -13.21 7.79
N LEU A 64 -8.16 -13.50 8.59
CA LEU A 64 -6.79 -13.57 8.09
C LEU A 64 -6.50 -12.43 7.13
N SER A 65 -7.06 -11.26 7.42
CA SER A 65 -6.87 -10.08 6.58
C SER A 65 -5.93 -9.08 7.25
N TYR A 66 -5.07 -8.46 6.45
CA TYR A 66 -4.12 -7.48 6.96
C TYR A 66 -4.69 -6.07 6.87
N THR A 67 -4.76 -5.39 8.01
CA THR A 67 -5.29 -4.02 8.05
C THR A 67 -4.16 -3.01 8.23
N LEU A 68 -4.09 -2.05 7.32
CA LEU A 68 -3.06 -1.02 7.37
C LEU A 68 -3.12 -0.26 8.69
N LYS A 69 -1.99 -0.18 9.38
CA LYS A 69 -1.91 0.53 10.65
C LYS A 69 -2.53 1.91 10.55
N ASP A 70 -2.51 2.65 11.66
CA ASP A 70 -3.08 4.00 11.69
C ASP A 70 -1.98 5.04 11.50
N TYR A 71 -0.82 4.80 12.11
CA TYR A 71 0.29 5.74 12.00
C TYR A 71 0.84 5.77 10.58
N VAL A 72 0.88 4.61 9.93
CA VAL A 72 1.38 4.51 8.57
C VAL A 72 0.60 5.43 7.63
N PHE A 73 -0.67 5.66 7.95
CA PHE A 73 -1.51 6.53 7.14
C PHE A 73 -0.84 7.86 6.87
N LYS A 74 0.02 8.28 7.81
CA LYS A 74 0.73 9.54 7.68
C LYS A 74 1.90 9.41 6.72
N GLU A 75 2.50 8.22 6.69
CA GLU A 75 3.63 7.96 5.81
C GLU A 75 3.19 7.91 4.35
N LEU A 76 1.95 7.50 4.12
CA LEU A 76 1.40 7.41 2.77
C LEU A 76 1.70 8.67 1.98
N GLN A 77 1.40 8.62 0.69
CA GLN A 77 1.63 9.77 -0.19
C GLN A 77 0.46 9.97 -1.15
N ARG A 78 -0.25 11.08 -1.00
CA ARG A 78 -1.39 11.39 -1.84
C ARG A 78 -0.97 11.46 -3.32
N ASP A 79 0.30 11.76 -3.55
CA ASP A 79 0.83 11.86 -4.90
C ASP A 79 1.05 10.46 -5.50
N TRP A 80 0.74 9.44 -4.72
CA TRP A 80 0.91 8.07 -5.16
C TRP A 80 0.17 7.82 -6.48
N PRO A 81 0.91 7.40 -7.50
CA PRO A 81 0.35 7.12 -8.83
C PRO A 81 -0.54 5.89 -8.83
N GLY A 82 -0.30 4.98 -7.89
CA GLY A 82 -1.09 3.76 -7.81
C GLY A 82 -2.57 4.05 -7.62
N TYR A 83 -2.88 5.26 -7.18
CA TYR A 83 -4.27 5.66 -6.96
C TYR A 83 -4.87 6.28 -8.22
N SER A 84 -5.90 5.63 -8.76
CA SER A 84 -6.56 6.12 -9.96
C SER A 84 -7.39 7.36 -9.66
N GLU A 85 -8.10 7.85 -10.67
CA GLU A 85 -8.94 9.04 -10.52
C GLU A 85 -9.92 8.86 -9.37
N ILE A 86 -10.25 7.61 -9.06
CA ILE A 86 -11.18 7.31 -7.97
C ILE A 86 -10.44 6.98 -6.68
N ASP A 87 -9.38 6.21 -6.79
CA ASP A 87 -8.58 5.83 -5.63
C ASP A 87 -8.16 7.06 -4.83
N ARG A 88 -7.49 7.98 -5.51
CA ARG A 88 -7.02 9.21 -4.86
C ARG A 88 -8.11 9.80 -3.97
N ARG A 89 -9.31 9.94 -4.54
CA ARG A 89 -10.44 10.49 -3.80
C ARG A 89 -10.96 9.49 -2.76
N SER A 90 -10.69 8.21 -3.00
CA SER A 90 -11.13 7.15 -2.11
C SER A 90 -10.20 7.04 -0.90
N LEU A 91 -8.99 7.58 -1.04
CA LEU A 91 -8.01 7.54 0.03
C LEU A 91 -8.09 8.78 0.90
N GLU A 92 -8.11 9.95 0.26
CA GLU A 92 -8.19 11.21 0.99
C GLU A 92 -9.19 11.12 2.14
N SER A 93 -10.19 10.26 1.98
CA SER A 93 -11.21 10.07 3.00
C SER A 93 -10.60 9.46 4.27
N VAL A 94 -10.18 8.20 4.15
CA VAL A 94 -9.57 7.50 5.28
C VAL A 94 -8.68 8.43 6.10
N LEU A 95 -7.61 8.89 5.47
CA LEU A 95 -6.66 9.79 6.13
C LEU A 95 -7.40 10.82 7.00
N SER A 96 -8.51 11.33 6.47
CA SER A 96 -9.31 12.31 7.19
C SER A 96 -9.98 11.68 8.41
N ARG A 97 -10.48 10.47 8.25
CA ARG A 97 -11.15 9.76 9.33
C ARG A 97 -10.17 9.43 10.45
N LYS A 98 -8.94 9.14 10.09
CA LYS A 98 -7.90 8.81 11.07
C LYS A 98 -7.22 10.07 11.58
N LEU A 99 -6.50 10.76 10.69
CA LEU A 99 -5.81 11.99 11.06
C LEU A 99 -6.80 13.09 11.43
N ASN A 100 -7.11 13.20 12.71
CA ASN A 100 -8.04 14.20 13.19
C ASN A 100 -7.80 15.54 12.50
N GLY A 1 19.39 22.63 -17.88
CA GLY A 1 18.23 22.46 -17.03
C GLY A 1 18.20 21.09 -16.36
N SER A 2 17.13 20.33 -16.62
CA SER A 2 16.99 19.00 -16.03
C SER A 2 16.46 18.02 -17.06
N SER A 3 16.44 16.74 -16.70
CA SER A 3 15.96 15.70 -17.60
C SER A 3 14.48 15.43 -17.39
N GLY A 4 14.07 15.38 -16.12
CA GLY A 4 12.67 15.13 -15.79
C GLY A 4 12.46 13.79 -15.12
N SER A 5 11.97 13.82 -13.89
CA SER A 5 11.72 12.59 -13.14
C SER A 5 10.41 11.93 -13.59
N SER A 6 10.36 10.61 -13.50
CA SER A 6 9.18 9.86 -13.90
C SER A 6 8.46 9.30 -12.66
N GLY A 7 7.14 9.17 -12.77
CA GLY A 7 6.36 8.65 -11.66
C GLY A 7 6.02 7.18 -11.84
N THR A 8 7.00 6.31 -11.60
CA THR A 8 6.79 4.88 -11.73
C THR A 8 6.57 4.22 -10.37
N ILE A 9 6.03 3.01 -10.40
CA ILE A 9 5.76 2.27 -9.17
C ILE A 9 6.99 1.48 -8.72
N SER A 10 7.73 0.95 -9.69
CA SER A 10 8.93 0.17 -9.41
C SER A 10 9.90 0.97 -8.54
N GLN A 11 10.33 2.13 -9.05
CA GLN A 11 11.26 2.97 -8.33
C GLN A 11 10.90 3.05 -6.85
N ARG A 12 9.59 3.04 -6.56
CA ARG A 12 9.12 3.12 -5.19
C ARG A 12 9.44 1.84 -4.43
N PRO A 13 9.70 1.97 -3.12
CA PRO A 13 10.02 0.83 -2.26
C PRO A 13 8.83 -0.09 -2.03
N TYR A 14 9.10 -1.38 -1.90
CA TYR A 14 8.05 -2.37 -1.68
C TYR A 14 7.03 -1.85 -0.66
N ARG A 15 7.48 -1.65 0.57
CA ARG A 15 6.61 -1.16 1.63
C ARG A 15 5.59 -0.17 1.08
N ASP A 16 6.08 0.96 0.58
CA ASP A 16 5.22 1.99 0.03
C ASP A 16 4.13 1.37 -0.85
N ARG A 17 4.53 0.61 -1.85
CA ARG A 17 3.59 -0.03 -2.76
C ARG A 17 2.56 -0.85 -1.98
N VAL A 18 2.99 -1.42 -0.86
CA VAL A 18 2.10 -2.23 -0.02
C VAL A 18 1.14 -1.34 0.76
N ILE A 19 1.69 -0.52 1.65
CA ILE A 19 0.88 0.37 2.46
C ILE A 19 -0.09 1.17 1.60
N HIS A 20 0.37 1.60 0.43
CA HIS A 20 -0.45 2.37 -0.48
C HIS A 20 -1.66 1.56 -0.94
N LEU A 21 -1.53 0.24 -0.89
CA LEU A 21 -2.61 -0.65 -1.30
C LEU A 21 -3.52 -0.99 -0.12
N LEU A 22 -2.91 -1.28 1.02
CA LEU A 22 -3.66 -1.62 2.22
C LEU A 22 -4.47 -0.42 2.71
N ALA A 23 -3.96 0.78 2.46
CA ALA A 23 -4.63 2.00 2.86
C ALA A 23 -6.10 1.99 2.44
N LEU A 24 -6.33 1.91 1.14
CA LEU A 24 -7.69 1.89 0.60
C LEU A 24 -8.57 0.90 1.37
N LYS A 25 -8.04 -0.30 1.58
CA LYS A 25 -8.77 -1.33 2.31
C LYS A 25 -7.83 -2.44 2.77
N ALA A 26 -8.34 -3.34 3.61
CA ALA A 26 -7.55 -4.45 4.12
C ALA A 26 -7.30 -5.48 3.03
N TYR A 27 -6.07 -6.00 2.98
CA TYR A 27 -5.69 -6.99 1.99
C TYR A 27 -5.08 -8.22 2.65
N LYS A 28 -5.14 -9.36 1.96
CA LYS A 28 -4.59 -10.59 2.48
C LYS A 28 -3.20 -10.86 1.89
N LYS A 29 -2.35 -11.52 2.67
CA LYS A 29 -0.99 -11.84 2.22
C LYS A 29 -0.98 -12.19 0.74
N PRO A 30 -1.82 -13.16 0.35
CA PRO A 30 -1.92 -13.61 -1.05
C PRO A 30 -2.56 -12.56 -1.95
N GLU A 31 -3.72 -12.06 -1.53
CA GLU A 31 -4.43 -11.05 -2.30
C GLU A 31 -3.54 -9.84 -2.57
N LEU A 32 -3.15 -9.15 -1.51
CA LEU A 32 -2.30 -7.98 -1.63
C LEU A 32 -1.28 -8.16 -2.75
N LEU A 33 -0.67 -9.33 -2.81
CA LEU A 33 0.33 -9.63 -3.84
C LEU A 33 -0.28 -9.54 -5.23
N ALA A 34 -1.35 -10.29 -5.46
CA ALA A 34 -2.03 -10.29 -6.74
C ALA A 34 -2.06 -8.89 -7.34
N ARG A 35 -2.04 -7.88 -6.47
CA ARG A 35 -2.06 -6.49 -6.92
C ARG A 35 -0.67 -6.02 -7.31
N LEU A 36 0.31 -6.27 -6.44
CA LEU A 36 1.69 -5.87 -6.69
C LEU A 36 2.33 -6.75 -7.77
N GLN A 37 2.26 -8.06 -7.56
CA GLN A 37 2.83 -9.01 -8.51
C GLN A 37 2.59 -8.56 -9.94
N LYS A 38 1.51 -7.81 -10.15
CA LYS A 38 1.16 -7.31 -11.48
C LYS A 38 2.22 -6.32 -11.97
N ASP A 39 2.51 -5.31 -11.17
CA ASP A 39 3.50 -4.30 -11.52
C ASP A 39 4.91 -4.90 -11.54
N GLY A 40 5.06 -6.08 -10.92
CA GLY A 40 6.34 -6.73 -10.86
C GLY A 40 6.87 -6.88 -9.45
N VAL A 41 6.75 -8.08 -8.90
CA VAL A 41 7.20 -8.35 -7.54
C VAL A 41 8.49 -9.18 -7.56
N ASN A 42 9.32 -8.99 -6.54
CA ASN A 42 10.57 -9.73 -6.43
C ASN A 42 10.42 -10.93 -5.50
N GLN A 43 10.87 -12.09 -5.97
CA GLN A 43 10.78 -13.31 -5.18
C GLN A 43 11.40 -13.11 -3.79
N LYS A 44 12.50 -12.38 -3.75
CA LYS A 44 13.18 -12.10 -2.49
C LYS A 44 12.30 -11.28 -1.55
N ASP A 45 11.47 -10.44 -2.14
CA ASP A 45 10.57 -9.60 -1.36
C ASP A 45 9.29 -10.35 -0.98
N LYS A 46 8.86 -11.25 -1.87
CA LYS A 46 7.66 -12.04 -1.64
C LYS A 46 7.63 -12.56 -0.20
N ASN A 47 8.78 -12.99 0.29
CA ASN A 47 8.87 -13.51 1.65
C ASN A 47 8.87 -12.38 2.67
N SER A 48 9.57 -11.30 2.35
CA SER A 48 9.65 -10.16 3.24
C SER A 48 8.28 -9.50 3.41
N LEU A 49 7.44 -9.62 2.39
CA LEU A 49 6.11 -9.05 2.42
C LEU A 49 5.42 -9.34 3.76
N GLY A 50 5.25 -10.61 4.07
CA GLY A 50 4.61 -11.00 5.31
C GLY A 50 5.12 -10.19 6.49
N ALA A 51 6.42 -9.96 6.52
CA ALA A 51 7.03 -9.20 7.61
C ALA A 51 6.58 -7.75 7.59
N ILE A 52 6.59 -7.14 6.40
CA ILE A 52 6.19 -5.76 6.25
C ILE A 52 4.73 -5.57 6.66
N LEU A 53 3.86 -6.43 6.15
CA LEU A 53 2.43 -6.35 6.47
C LEU A 53 2.22 -6.12 7.97
N GLN A 54 3.12 -6.66 8.77
CA GLN A 54 3.04 -6.51 10.22
C GLN A 54 3.77 -5.25 10.68
N GLN A 55 4.72 -4.81 9.87
CA GLN A 55 5.50 -3.61 10.20
C GLN A 55 4.71 -2.35 9.87
N VAL A 56 3.77 -2.46 8.94
CA VAL A 56 2.94 -1.33 8.54
C VAL A 56 1.46 -1.64 8.70
N ALA A 57 1.12 -2.92 8.71
CA ALA A 57 -0.25 -3.34 8.86
C ALA A 57 -0.41 -4.33 10.03
N ASN A 58 -1.64 -4.74 10.30
CA ASN A 58 -1.92 -5.67 11.39
C ASN A 58 -2.78 -6.83 10.90
N LEU A 59 -2.34 -8.05 11.20
CA LEU A 59 -3.06 -9.25 10.80
C LEU A 59 -4.26 -9.50 11.73
N ASN A 60 -5.39 -9.86 11.12
CA ASN A 60 -6.61 -10.13 11.88
C ASN A 60 -7.05 -11.58 11.73
N SER A 61 -6.65 -12.42 12.67
CA SER A 61 -6.99 -13.84 12.63
C SER A 61 -8.42 -14.03 12.14
N LYS A 62 -9.30 -13.11 12.52
CA LYS A 62 -10.69 -13.17 12.11
C LYS A 62 -10.83 -13.61 10.66
N ASP A 63 -10.41 -12.75 9.74
CA ASP A 63 -10.46 -13.06 8.32
C ASP A 63 -9.07 -13.10 7.71
N LEU A 64 -8.08 -13.43 8.53
CA LEU A 64 -6.70 -13.52 8.07
C LEU A 64 -6.38 -12.39 7.09
N SER A 65 -6.89 -11.20 7.39
CA SER A 65 -6.67 -10.04 6.54
C SER A 65 -5.74 -9.03 7.23
N TYR A 66 -4.92 -8.36 6.42
CA TYR A 66 -3.98 -7.37 6.95
C TYR A 66 -4.55 -5.97 6.85
N THR A 67 -4.65 -5.28 7.98
CA THR A 67 -5.20 -3.93 8.03
C THR A 67 -4.07 -2.90 8.20
N LEU A 68 -4.01 -1.94 7.28
CA LEU A 68 -2.99 -0.90 7.34
C LEU A 68 -3.07 -0.13 8.65
N LYS A 69 -1.93 -0.01 9.33
CA LYS A 69 -1.87 0.71 10.60
C LYS A 69 -2.50 2.09 10.47
N ASP A 70 -2.48 2.84 11.56
CA ASP A 70 -3.03 4.19 11.57
C ASP A 70 -1.95 5.24 11.36
N TYR A 71 -0.79 5.01 11.97
CA TYR A 71 0.33 5.93 11.85
C TYR A 71 0.87 5.95 10.42
N VAL A 72 0.98 4.77 9.82
CA VAL A 72 1.48 4.64 8.47
C VAL A 72 0.73 5.58 7.52
N PHE A 73 -0.55 5.78 7.79
CA PHE A 73 -1.38 6.65 6.96
C PHE A 73 -0.68 7.98 6.69
N LYS A 74 0.11 8.43 7.67
CA LYS A 74 0.84 9.69 7.53
C LYS A 74 2.02 9.54 6.57
N GLU A 75 2.58 8.33 6.53
CA GLU A 75 3.71 8.05 5.65
C GLU A 75 3.27 7.96 4.20
N LEU A 76 2.00 7.62 3.99
CA LEU A 76 1.46 7.49 2.65
C LEU A 76 1.77 8.73 1.81
N GLN A 77 1.35 8.70 0.55
CA GLN A 77 1.59 9.83 -0.35
C GLN A 77 0.34 10.14 -1.17
N ARG A 78 -0.16 11.37 -1.03
CA ARG A 78 -1.35 11.80 -1.74
C ARG A 78 -1.11 11.80 -3.25
N ASP A 79 0.15 11.99 -3.64
CA ASP A 79 0.50 12.01 -5.06
C ASP A 79 0.90 10.61 -5.54
N TRP A 80 0.35 9.59 -4.88
CA TRP A 80 0.64 8.21 -5.24
C TRP A 80 0.01 7.84 -6.57
N PRO A 81 0.86 7.43 -7.54
CA PRO A 81 0.41 7.05 -8.88
C PRO A 81 -0.38 5.74 -8.88
N GLY A 82 -0.51 5.15 -7.69
CA GLY A 82 -1.23 3.89 -7.57
C GLY A 82 -2.72 4.10 -7.35
N TYR A 83 -3.10 5.35 -7.12
CA TYR A 83 -4.51 5.67 -6.88
C TYR A 83 -5.14 6.27 -8.13
N SER A 84 -6.12 5.55 -8.69
CA SER A 84 -6.81 6.00 -9.90
C SER A 84 -7.65 7.24 -9.60
N GLU A 85 -8.28 7.77 -10.65
CA GLU A 85 -9.12 8.96 -10.50
C GLU A 85 -10.07 8.82 -9.31
N ILE A 86 -10.42 7.58 -9.00
CA ILE A 86 -11.33 7.30 -7.88
C ILE A 86 -10.56 7.09 -6.59
N ASP A 87 -9.64 6.14 -6.59
CA ASP A 87 -8.83 5.84 -5.41
C ASP A 87 -8.43 7.13 -4.70
N ARG A 88 -7.77 8.04 -5.43
CA ARG A 88 -7.34 9.31 -4.86
C ARG A 88 -8.43 9.92 -3.99
N ARG A 89 -9.63 9.98 -4.53
CA ARG A 89 -10.76 10.56 -3.80
C ARG A 89 -11.29 9.57 -2.77
N SER A 90 -10.92 8.30 -2.92
CA SER A 90 -11.36 7.26 -2.00
C SER A 90 -10.41 7.14 -0.81
N LEU A 91 -9.20 7.67 -0.98
CA LEU A 91 -8.19 7.62 0.08
C LEU A 91 -8.25 8.87 0.94
N GLU A 92 -8.61 10.00 0.32
CA GLU A 92 -8.72 11.26 1.04
C GLU A 92 -9.70 11.15 2.20
N SER A 93 -10.49 10.09 2.20
CA SER A 93 -11.48 9.87 3.25
C SER A 93 -10.84 9.24 4.48
N VAL A 94 -10.29 8.04 4.31
CA VAL A 94 -9.64 7.33 5.41
C VAL A 94 -8.77 8.28 6.23
N LEU A 95 -7.76 8.86 5.59
CA LEU A 95 -6.85 9.77 6.27
C LEU A 95 -7.63 10.74 7.16
N SER A 96 -8.72 11.27 6.65
CA SER A 96 -9.55 12.21 7.40
C SER A 96 -10.19 11.52 8.60
N ARG A 97 -10.50 10.24 8.44
CA ARG A 97 -11.12 9.46 9.52
C ARG A 97 -10.11 9.16 10.62
N LYS A 98 -8.88 8.89 10.21
CA LYS A 98 -7.80 8.57 11.16
C LYS A 98 -7.13 9.84 11.66
N LEU A 99 -6.43 10.54 10.76
CA LEU A 99 -5.74 11.77 11.12
C LEU A 99 -6.74 12.83 11.58
N ASN A 100 -6.91 12.93 12.90
CA ASN A 100 -7.82 13.91 13.47
C ASN A 100 -7.18 15.30 13.52
N GLY A 1 13.41 21.51 -24.38
CA GLY A 1 13.29 22.24 -23.14
C GLY A 1 13.31 21.33 -21.92
N SER A 2 12.13 20.92 -21.47
CA SER A 2 12.02 20.06 -20.31
C SER A 2 11.53 18.66 -20.72
N SER A 3 11.66 17.71 -19.80
CA SER A 3 11.23 16.34 -20.06
C SER A 3 11.23 15.51 -18.78
N GLY A 4 10.05 15.08 -18.36
CA GLY A 4 9.93 14.28 -17.15
C GLY A 4 9.89 12.79 -17.44
N SER A 5 8.75 12.17 -17.19
CA SER A 5 8.59 10.74 -17.42
C SER A 5 9.43 9.93 -16.43
N SER A 6 9.36 10.31 -15.16
CA SER A 6 10.11 9.63 -14.12
C SER A 6 9.26 9.42 -12.87
N GLY A 7 9.44 8.28 -12.22
CA GLY A 7 8.69 7.99 -11.01
C GLY A 7 7.55 7.01 -11.26
N THR A 8 7.88 5.72 -11.30
CA THR A 8 6.88 4.68 -11.53
C THR A 8 6.68 3.84 -10.28
N ILE A 9 5.71 2.93 -10.35
CA ILE A 9 5.40 2.06 -9.22
C ILE A 9 6.62 1.20 -8.85
N SER A 10 7.14 0.47 -9.82
CA SER A 10 8.29 -0.39 -9.60
C SER A 10 9.43 0.39 -8.93
N GLN A 11 9.58 1.65 -9.32
CA GLN A 11 10.63 2.50 -8.76
C GLN A 11 10.41 2.73 -7.27
N ARG A 12 9.14 2.78 -6.87
CA ARG A 12 8.78 2.99 -5.47
C ARG A 12 9.19 1.79 -4.62
N PRO A 13 9.45 2.04 -3.32
CA PRO A 13 9.85 0.99 -2.38
C PRO A 13 8.71 0.03 -2.07
N TYR A 14 9.02 -1.26 -2.05
CA TYR A 14 8.02 -2.28 -1.76
C TYR A 14 7.08 -1.83 -0.65
N ARG A 15 7.64 -1.65 0.54
CA ARG A 15 6.85 -1.22 1.70
C ARG A 15 5.73 -0.27 1.27
N ASP A 16 6.09 0.79 0.56
CA ASP A 16 5.12 1.76 0.09
C ASP A 16 4.03 1.09 -0.74
N ARG A 17 4.45 0.35 -1.76
CA ARG A 17 3.51 -0.35 -2.64
C ARG A 17 2.56 -1.22 -1.82
N VAL A 18 3.03 -1.69 -0.67
CA VAL A 18 2.22 -2.53 0.20
C VAL A 18 1.21 -1.70 0.98
N ILE A 19 1.72 -0.82 1.84
CA ILE A 19 0.86 0.04 2.64
C ILE A 19 -0.14 0.80 1.78
N HIS A 20 0.35 1.36 0.68
CA HIS A 20 -0.50 2.11 -0.24
C HIS A 20 -1.71 1.28 -0.67
N LEU A 21 -1.53 -0.03 -0.71
CA LEU A 21 -2.60 -0.94 -1.10
C LEU A 21 -3.53 -1.23 0.07
N LEU A 22 -2.94 -1.59 1.21
CA LEU A 22 -3.72 -1.89 2.41
C LEU A 22 -4.54 -0.68 2.84
N ALA A 23 -4.03 0.52 2.54
CA ALA A 23 -4.71 1.75 2.90
C ALA A 23 -6.17 1.72 2.45
N LEU A 24 -6.38 1.71 1.13
CA LEU A 24 -7.72 1.68 0.57
C LEU A 24 -8.62 0.72 1.35
N LYS A 25 -8.15 -0.50 1.53
CA LYS A 25 -8.91 -1.52 2.27
C LYS A 25 -7.99 -2.63 2.75
N ALA A 26 -8.52 -3.50 3.59
CA ALA A 26 -7.75 -4.61 4.14
C ALA A 26 -7.46 -5.65 3.05
N TYR A 27 -6.21 -6.11 3.01
CA TYR A 27 -5.81 -7.10 2.01
C TYR A 27 -5.17 -8.31 2.69
N LYS A 28 -5.26 -9.46 2.03
CA LYS A 28 -4.69 -10.70 2.56
C LYS A 28 -3.31 -10.96 1.97
N LYS A 29 -2.44 -11.60 2.76
CA LYS A 29 -1.10 -11.91 2.32
C LYS A 29 -1.07 -12.23 0.83
N PRO A 30 -1.90 -13.21 0.42
CA PRO A 30 -1.99 -13.64 -0.97
C PRO A 30 -2.64 -12.58 -1.86
N GLU A 31 -3.81 -12.10 -1.44
CA GLU A 31 -4.53 -11.07 -2.19
C GLU A 31 -3.65 -9.86 -2.46
N LEU A 32 -3.25 -9.19 -1.38
CA LEU A 32 -2.40 -8.00 -1.49
C LEU A 32 -1.37 -8.17 -2.60
N LEU A 33 -0.75 -9.35 -2.65
CA LEU A 33 0.26 -9.64 -3.66
C LEU A 33 -0.33 -9.51 -5.06
N ALA A 34 -1.38 -10.28 -5.34
CA ALA A 34 -2.04 -10.24 -6.64
C ALA A 34 -1.97 -8.84 -7.25
N ARG A 35 -2.14 -7.83 -6.41
CA ARG A 35 -2.10 -6.44 -6.87
C ARG A 35 -0.67 -6.04 -7.24
N LEU A 36 0.27 -6.32 -6.35
CA LEU A 36 1.67 -5.97 -6.59
C LEU A 36 2.25 -6.82 -7.72
N GLN A 37 2.13 -8.14 -7.59
CA GLN A 37 2.64 -9.05 -8.60
C GLN A 37 2.16 -8.65 -9.99
N LYS A 38 0.91 -8.19 -10.07
CA LYS A 38 0.33 -7.78 -11.35
C LYS A 38 1.26 -6.81 -12.07
N ASP A 39 1.74 -5.80 -11.35
CA ASP A 39 2.63 -4.81 -11.93
C ASP A 39 4.09 -5.29 -11.89
N GLY A 40 4.35 -6.27 -11.03
CA GLY A 40 5.69 -6.81 -10.92
C GLY A 40 6.19 -6.80 -9.48
N VAL A 41 6.50 -8.00 -8.97
CA VAL A 41 6.99 -8.13 -7.60
C VAL A 41 8.29 -8.93 -7.56
N ASN A 42 9.28 -8.40 -6.84
CA ASN A 42 10.57 -9.07 -6.72
C ASN A 42 10.56 -10.08 -5.58
N GLN A 43 11.03 -11.29 -5.85
CA GLN A 43 11.08 -12.34 -4.84
C GLN A 43 11.57 -11.80 -3.51
N LYS A 44 12.73 -11.14 -3.53
CA LYS A 44 13.31 -10.57 -2.32
C LYS A 44 12.26 -9.79 -1.53
N ASP A 45 11.35 -9.14 -2.24
CA ASP A 45 10.29 -8.36 -1.60
C ASP A 45 9.12 -9.26 -1.22
N LYS A 46 8.76 -10.17 -2.12
CA LYS A 46 7.65 -11.08 -1.87
C LYS A 46 7.95 -12.00 -0.69
N ASN A 47 9.23 -12.23 -0.43
CA ASN A 47 9.65 -13.07 0.68
C ASN A 47 9.61 -12.31 1.99
N SER A 48 9.93 -11.03 1.94
CA SER A 48 9.92 -10.18 3.13
C SER A 48 8.59 -9.46 3.28
N LEU A 49 7.60 -9.89 2.51
CA LEU A 49 6.27 -9.29 2.56
C LEU A 49 5.61 -9.55 3.91
N GLY A 50 5.30 -10.82 4.19
CA GLY A 50 4.68 -11.18 5.44
C GLY A 50 5.16 -10.34 6.60
N ALA A 51 6.45 -9.98 6.57
CA ALA A 51 7.05 -9.18 7.63
C ALA A 51 6.54 -7.74 7.56
N ILE A 52 6.62 -7.14 6.38
CA ILE A 52 6.16 -5.77 6.19
C ILE A 52 4.71 -5.59 6.63
N LEU A 53 3.87 -6.55 6.23
CA LEU A 53 2.45 -6.50 6.59
C LEU A 53 2.27 -6.31 8.09
N GLN A 54 3.14 -6.94 8.86
CA GLN A 54 3.08 -6.84 10.32
C GLN A 54 3.81 -5.59 10.81
N GLN A 55 4.60 -4.98 9.92
CA GLN A 55 5.35 -3.79 10.27
C GLN A 55 4.58 -2.53 9.91
N VAL A 56 3.64 -2.67 8.97
CA VAL A 56 2.83 -1.53 8.54
C VAL A 56 1.34 -1.82 8.72
N ALA A 57 0.99 -3.11 8.70
CA ALA A 57 -0.40 -3.51 8.86
C ALA A 57 -0.55 -4.50 10.01
N ASN A 58 -1.78 -4.90 10.30
CA ASN A 58 -2.05 -5.85 11.37
C ASN A 58 -2.91 -7.01 10.87
N LEU A 59 -2.48 -8.23 11.18
CA LEU A 59 -3.21 -9.42 10.76
C LEU A 59 -4.42 -9.67 11.67
N ASN A 60 -5.57 -9.87 11.05
CA ASN A 60 -6.80 -10.11 11.80
C ASN A 60 -7.22 -11.58 11.70
N SER A 61 -6.67 -12.40 12.58
CA SER A 61 -6.97 -13.83 12.57
C SER A 61 -8.43 -14.07 12.19
N LYS A 62 -9.30 -13.16 12.58
CA LYS A 62 -10.72 -13.27 12.27
C LYS A 62 -10.93 -13.70 10.82
N ASP A 63 -10.51 -12.84 9.89
CA ASP A 63 -10.64 -13.13 8.47
C ASP A 63 -9.28 -13.25 7.80
N LEU A 64 -8.25 -13.43 8.62
CA LEU A 64 -6.88 -13.56 8.12
C LEU A 64 -6.56 -12.44 7.12
N SER A 65 -7.12 -11.25 7.38
CA SER A 65 -6.89 -10.11 6.51
C SER A 65 -5.98 -9.08 7.19
N TYR A 66 -5.04 -8.54 6.43
CA TYR A 66 -4.11 -7.54 6.95
C TYR A 66 -4.69 -6.13 6.83
N THR A 67 -4.78 -5.44 7.96
CA THR A 67 -5.32 -4.09 7.98
C THR A 67 -4.21 -3.06 8.20
N LEU A 68 -4.12 -2.10 7.28
CA LEU A 68 -3.09 -1.07 7.36
C LEU A 68 -3.17 -0.33 8.70
N LYS A 69 -2.05 -0.27 9.41
CA LYS A 69 -1.99 0.40 10.70
C LYS A 69 -2.60 1.80 10.61
N ASP A 70 -2.58 2.52 11.72
CA ASP A 70 -3.13 3.87 11.78
C ASP A 70 -2.03 4.91 11.55
N TYR A 71 -0.89 4.69 12.18
CA TYR A 71 0.23 5.61 12.06
C TYR A 71 0.75 5.65 10.63
N VAL A 72 0.90 4.47 10.03
CA VAL A 72 1.38 4.37 8.66
C VAL A 72 0.63 5.33 7.74
N PHE A 73 -0.66 5.47 7.96
CA PHE A 73 -1.50 6.36 7.17
C PHE A 73 -0.79 7.68 6.91
N LYS A 74 -0.07 8.16 7.92
CA LYS A 74 0.66 9.43 7.81
C LYS A 74 1.84 9.29 6.86
N GLU A 75 2.43 8.10 6.83
CA GLU A 75 3.58 7.84 5.96
C GLU A 75 3.15 7.82 4.50
N LEU A 76 1.92 7.42 4.24
CA LEU A 76 1.38 7.36 2.88
C LEU A 76 1.82 8.58 2.08
N GLN A 77 1.72 8.47 0.76
CA GLN A 77 2.11 9.56 -0.13
C GLN A 77 0.92 10.03 -0.96
N ARG A 78 0.29 11.12 -0.54
CA ARG A 78 -0.85 11.67 -1.24
C ARG A 78 -0.60 11.71 -2.75
N ASP A 79 0.67 11.72 -3.13
CA ASP A 79 1.05 11.75 -4.54
C ASP A 79 1.34 10.35 -5.06
N TRP A 80 0.72 9.35 -4.45
CA TRP A 80 0.91 7.97 -4.85
C TRP A 80 0.30 7.70 -6.22
N PRO A 81 1.15 7.37 -7.19
CA PRO A 81 0.72 7.09 -8.57
C PRO A 81 -0.05 5.78 -8.66
N GLY A 82 -0.19 5.09 -7.54
CA GLY A 82 -0.91 3.83 -7.52
C GLY A 82 -2.38 4.00 -7.17
N TYR A 83 -2.87 5.23 -7.29
CA TYR A 83 -4.26 5.52 -6.98
C TYR A 83 -4.99 6.08 -8.21
N SER A 84 -5.95 5.32 -8.72
CA SER A 84 -6.72 5.74 -9.89
C SER A 84 -7.55 6.97 -9.58
N GLU A 85 -8.09 7.59 -10.63
CA GLU A 85 -8.92 8.78 -10.46
C GLU A 85 -9.88 8.63 -9.29
N ILE A 86 -10.20 7.38 -8.96
CA ILE A 86 -11.11 7.09 -7.86
C ILE A 86 -10.35 6.86 -6.56
N ASP A 87 -9.44 5.89 -6.58
CA ASP A 87 -8.64 5.57 -5.39
C ASP A 87 -8.21 6.85 -4.68
N ARG A 88 -7.57 7.75 -5.42
CA ARG A 88 -7.09 9.00 -4.85
C ARG A 88 -8.17 9.65 -3.98
N ARG A 89 -9.35 9.86 -4.57
CA ARG A 89 -10.46 10.47 -3.85
C ARG A 89 -10.97 9.53 -2.76
N SER A 90 -10.70 8.25 -2.90
CA SER A 90 -11.14 7.26 -1.93
C SER A 90 -10.18 7.18 -0.75
N LEU A 91 -8.95 7.64 -0.97
CA LEU A 91 -7.93 7.63 0.07
C LEU A 91 -7.93 8.95 0.84
N GLU A 92 -8.04 10.06 0.11
CA GLU A 92 -8.05 11.38 0.72
C GLU A 92 -9.00 11.42 1.92
N SER A 93 -9.95 10.50 1.93
CA SER A 93 -10.93 10.43 3.02
C SER A 93 -10.35 9.72 4.23
N VAL A 94 -9.95 8.46 4.04
CA VAL A 94 -9.37 7.67 5.10
C VAL A 94 -8.43 8.50 5.97
N LEU A 95 -7.55 9.25 5.31
CA LEU A 95 -6.60 10.10 6.02
C LEU A 95 -7.32 11.14 6.86
N SER A 96 -8.44 11.64 6.35
CA SER A 96 -9.22 12.65 7.06
C SER A 96 -9.92 12.04 8.26
N ARG A 97 -10.43 10.83 8.10
CA ARG A 97 -11.13 10.13 9.18
C ARG A 97 -10.16 9.75 10.30
N LYS A 98 -9.05 9.11 9.92
CA LYS A 98 -8.05 8.69 10.89
C LYS A 98 -7.41 9.91 11.57
N LEU A 99 -6.66 10.68 10.81
CA LEU A 99 -5.99 11.86 11.33
C LEU A 99 -7.01 12.86 11.88
N ASN A 100 -7.26 12.77 13.19
CA ASN A 100 -8.21 13.66 13.84
C ASN A 100 -7.53 14.45 14.96
N GLY A 1 -2.43 21.87 -19.75
CA GLY A 1 -2.35 22.49 -18.44
C GLY A 1 -1.29 21.86 -17.57
N SER A 2 -1.17 20.54 -17.63
CA SER A 2 -0.18 19.81 -16.83
C SER A 2 1.16 19.75 -17.56
N SER A 3 2.22 19.51 -16.80
CA SER A 3 3.56 19.43 -17.37
C SER A 3 4.50 18.66 -16.44
N GLY A 4 5.57 18.11 -17.01
CA GLY A 4 6.53 17.36 -16.21
C GLY A 4 6.80 15.99 -16.79
N SER A 5 6.96 15.00 -15.90
CA SER A 5 7.23 13.63 -16.33
C SER A 5 6.59 12.64 -15.37
N SER A 6 5.83 11.70 -15.93
CA SER A 6 5.15 10.68 -15.12
C SER A 6 6.16 9.72 -14.49
N GLY A 7 5.91 9.34 -13.24
CA GLY A 7 6.80 8.44 -12.55
C GLY A 7 6.41 6.98 -12.74
N THR A 8 7.01 6.10 -11.93
CA THR A 8 6.72 4.68 -12.02
C THR A 8 6.46 4.09 -10.63
N ILE A 9 6.10 2.82 -10.60
CA ILE A 9 5.82 2.13 -9.35
C ILE A 9 7.05 1.36 -8.86
N SER A 10 7.65 0.58 -9.75
CA SER A 10 8.83 -0.20 -9.41
C SER A 10 9.86 0.65 -8.67
N GLN A 11 10.10 1.85 -9.18
CA GLN A 11 11.06 2.77 -8.57
C GLN A 11 10.74 2.99 -7.10
N ARG A 12 9.45 2.95 -6.76
CA ARG A 12 9.01 3.15 -5.39
C ARG A 12 9.37 1.94 -4.53
N PRO A 13 9.56 2.18 -3.22
CA PRO A 13 9.91 1.13 -2.27
C PRO A 13 8.74 0.17 -2.01
N TYR A 14 9.06 -1.11 -1.86
CA TYR A 14 8.04 -2.13 -1.63
C TYR A 14 7.09 -1.69 -0.53
N ARG A 15 7.61 -1.54 0.68
CA ARG A 15 6.80 -1.13 1.83
C ARG A 15 5.70 -0.16 1.39
N ASP A 16 6.08 0.86 0.64
CA ASP A 16 5.14 1.86 0.15
C ASP A 16 4.05 1.20 -0.69
N ARG A 17 4.45 0.54 -1.77
CA ARG A 17 3.51 -0.12 -2.66
C ARG A 17 2.54 -1.00 -1.86
N VAL A 18 3.01 -1.51 -0.73
CA VAL A 18 2.19 -2.36 0.13
C VAL A 18 1.17 -1.54 0.90
N ILE A 19 1.65 -0.64 1.75
CA ILE A 19 0.78 0.21 2.55
C ILE A 19 -0.22 0.95 1.67
N HIS A 20 0.27 1.52 0.58
CA HIS A 20 -0.59 2.25 -0.34
C HIS A 20 -1.78 1.40 -0.78
N LEU A 21 -1.60 0.09 -0.78
CA LEU A 21 -2.66 -0.82 -1.17
C LEU A 21 -3.55 -1.16 0.01
N LEU A 22 -2.93 -1.40 1.16
CA LEU A 22 -3.67 -1.73 2.38
C LEU A 22 -4.54 -0.56 2.82
N ALA A 23 -4.06 0.65 2.57
CA ALA A 23 -4.79 1.85 2.94
C ALA A 23 -6.23 1.80 2.44
N LEU A 24 -6.40 1.89 1.12
CA LEU A 24 -7.72 1.85 0.52
C LEU A 24 -8.63 0.86 1.25
N LYS A 25 -8.08 -0.31 1.57
CA LYS A 25 -8.83 -1.34 2.27
C LYS A 25 -7.91 -2.47 2.72
N ALA A 26 -8.43 -3.33 3.59
CA ALA A 26 -7.65 -4.46 4.09
C ALA A 26 -7.40 -5.50 3.00
N TYR A 27 -6.16 -5.98 2.93
CA TYR A 27 -5.79 -6.97 1.93
C TYR A 27 -5.19 -8.21 2.58
N LYS A 28 -5.32 -9.35 1.91
CA LYS A 28 -4.79 -10.61 2.42
C LYS A 28 -3.41 -10.89 1.85
N LYS A 29 -2.59 -11.59 2.62
CA LYS A 29 -1.24 -11.94 2.19
C LYS A 29 -1.20 -12.24 0.69
N PRO A 30 -2.05 -13.18 0.26
CA PRO A 30 -2.13 -13.60 -1.15
C PRO A 30 -2.75 -12.51 -2.02
N GLU A 31 -3.90 -11.99 -1.60
CA GLU A 31 -4.59 -10.95 -2.36
C GLU A 31 -3.67 -9.77 -2.62
N LEU A 32 -3.25 -9.10 -1.55
CA LEU A 32 -2.37 -7.94 -1.67
C LEU A 32 -1.34 -8.16 -2.79
N LEU A 33 -0.72 -9.33 -2.79
CA LEU A 33 0.28 -9.66 -3.80
C LEU A 33 -0.29 -9.49 -5.21
N ALA A 34 -1.38 -10.20 -5.49
CA ALA A 34 -2.02 -10.13 -6.79
C ALA A 34 -1.93 -8.72 -7.37
N ARG A 35 -2.08 -7.72 -6.51
CA ARG A 35 -2.02 -6.33 -6.94
C ARG A 35 -0.59 -5.94 -7.30
N LEU A 36 0.36 -6.33 -6.45
CA LEU A 36 1.77 -6.03 -6.67
C LEU A 36 2.34 -6.88 -7.80
N GLN A 37 2.25 -8.20 -7.64
CA GLN A 37 2.75 -9.13 -8.64
C GLN A 37 2.37 -8.67 -10.05
N LYS A 38 1.23 -7.99 -10.16
CA LYS A 38 0.76 -7.50 -11.44
C LYS A 38 1.81 -6.61 -12.11
N ASP A 39 2.24 -5.59 -11.40
CA ASP A 39 3.25 -4.67 -11.92
C ASP A 39 4.64 -5.30 -11.89
N GLY A 40 4.83 -6.25 -10.98
CA GLY A 40 6.12 -6.92 -10.86
C GLY A 40 6.61 -6.99 -9.43
N VAL A 41 6.80 -8.20 -8.93
CA VAL A 41 7.27 -8.41 -7.57
C VAL A 41 8.56 -9.23 -7.54
N ASN A 42 9.49 -8.83 -6.68
CA ASN A 42 10.76 -9.52 -6.56
C ASN A 42 10.66 -10.67 -5.57
N GLN A 43 11.03 -11.87 -6.01
CA GLN A 43 10.98 -13.05 -5.17
C GLN A 43 11.60 -12.77 -3.81
N LYS A 44 12.74 -12.08 -3.81
CA LYS A 44 13.43 -11.74 -2.57
C LYS A 44 12.55 -10.87 -1.67
N ASP A 45 11.66 -10.10 -2.29
CA ASP A 45 10.76 -9.23 -1.55
C ASP A 45 9.53 -9.99 -1.07
N LYS A 46 9.14 -11.00 -1.84
CA LYS A 46 7.97 -11.81 -1.50
C LYS A 46 8.06 -12.30 -0.06
N ASN A 47 9.28 -12.55 0.41
CA ASN A 47 9.50 -13.02 1.77
C ASN A 47 9.36 -11.88 2.77
N SER A 48 9.80 -10.69 2.36
CA SER A 48 9.73 -9.53 3.23
C SER A 48 8.29 -9.02 3.36
N LEU A 49 7.52 -9.21 2.30
CA LEU A 49 6.12 -8.78 2.29
C LEU A 49 5.42 -9.16 3.57
N GLY A 50 5.41 -10.46 3.87
CA GLY A 50 4.76 -10.95 5.08
C GLY A 50 5.23 -10.20 6.31
N ALA A 51 6.53 -9.87 6.35
CA ALA A 51 7.09 -9.15 7.49
C ALA A 51 6.62 -7.70 7.51
N ILE A 52 6.58 -7.08 6.35
CA ILE A 52 6.15 -5.69 6.24
C ILE A 52 4.69 -5.54 6.66
N LEU A 53 3.84 -6.41 6.14
CA LEU A 53 2.41 -6.37 6.45
C LEU A 53 2.20 -6.20 7.96
N GLN A 54 3.05 -6.82 8.75
CA GLN A 54 2.95 -6.73 10.20
C GLN A 54 3.69 -5.50 10.72
N GLN A 55 4.59 -4.98 9.90
CA GLN A 55 5.36 -3.80 10.28
C GLN A 55 4.60 -2.51 9.97
N VAL A 56 3.67 -2.61 9.02
CA VAL A 56 2.87 -1.45 8.62
C VAL A 56 1.38 -1.75 8.77
N ALA A 57 1.03 -3.04 8.74
CA ALA A 57 -0.36 -3.45 8.87
C ALA A 57 -0.54 -4.42 10.03
N ASN A 58 -1.78 -4.82 10.27
CA ASN A 58 -2.08 -5.76 11.36
C ASN A 58 -2.98 -6.88 10.87
N LEU A 59 -2.55 -8.12 11.12
CA LEU A 59 -3.32 -9.29 10.70
C LEU A 59 -4.44 -9.59 11.69
N ASN A 60 -5.65 -9.82 11.17
CA ASN A 60 -6.80 -10.12 12.02
C ASN A 60 -7.21 -11.58 11.87
N SER A 61 -6.71 -12.43 12.77
CA SER A 61 -7.01 -13.85 12.74
C SER A 61 -8.45 -14.07 12.29
N LYS A 62 -9.34 -13.17 12.68
CA LYS A 62 -10.76 -13.27 12.32
C LYS A 62 -10.92 -13.71 10.86
N ASP A 63 -10.53 -12.82 9.95
CA ASP A 63 -10.64 -13.13 8.52
C ASP A 63 -9.26 -13.25 7.90
N LEU A 64 -8.22 -13.26 8.74
CA LEU A 64 -6.85 -13.37 8.27
C LEU A 64 -6.51 -12.26 7.29
N SER A 65 -7.19 -11.13 7.43
CA SER A 65 -6.96 -9.97 6.55
C SER A 65 -6.02 -8.98 7.21
N TYR A 66 -5.12 -8.41 6.41
CA TYR A 66 -4.15 -7.45 6.91
C TYR A 66 -4.69 -6.02 6.77
N THR A 67 -4.87 -5.34 7.89
CA THR A 67 -5.38 -3.98 7.89
C THR A 67 -4.26 -2.98 8.13
N LEU A 68 -4.12 -2.01 7.22
CA LEU A 68 -3.09 -0.99 7.33
C LEU A 68 -3.17 -0.28 8.68
N LYS A 69 -2.03 -0.18 9.36
CA LYS A 69 -1.97 0.49 10.65
C LYS A 69 -2.58 1.88 10.58
N ASP A 70 -2.50 2.62 11.68
CA ASP A 70 -3.05 3.97 11.74
C ASP A 70 -1.96 5.01 11.50
N TYR A 71 -0.81 4.81 12.14
CA TYR A 71 0.32 5.74 11.99
C TYR A 71 0.84 5.72 10.56
N VAL A 72 0.97 4.53 9.99
CA VAL A 72 1.46 4.39 8.63
C VAL A 72 0.73 5.33 7.68
N PHE A 73 -0.54 5.58 7.95
CA PHE A 73 -1.35 6.46 7.12
C PHE A 73 -0.63 7.78 6.87
N LYS A 74 0.18 8.20 7.85
CA LYS A 74 0.92 9.45 7.73
C LYS A 74 2.11 9.29 6.78
N GLU A 75 2.62 8.06 6.68
CA GLU A 75 3.76 7.77 5.82
C GLU A 75 3.32 7.76 4.36
N LEU A 76 2.07 7.40 4.12
CA LEU A 76 1.53 7.34 2.76
C LEU A 76 1.90 8.59 1.96
N GLN A 77 1.59 8.58 0.68
CA GLN A 77 1.89 9.71 -0.19
C GLN A 77 0.66 10.13 -0.98
N ARG A 78 0.04 11.23 -0.56
CA ARG A 78 -1.16 11.74 -1.23
C ARG A 78 -0.95 11.79 -2.74
N ASP A 79 0.32 11.92 -3.15
CA ASP A 79 0.65 11.99 -4.57
C ASP A 79 0.93 10.59 -5.13
N TRP A 80 0.35 9.57 -4.50
CA TRP A 80 0.54 8.20 -4.93
C TRP A 80 -0.11 7.96 -6.29
N PRO A 81 0.71 7.62 -7.29
CA PRO A 81 0.23 7.35 -8.66
C PRO A 81 -0.58 6.06 -8.75
N GLY A 82 -0.53 5.26 -7.68
CA GLY A 82 -1.26 4.02 -7.66
C GLY A 82 -2.74 4.21 -7.41
N TYR A 83 -3.14 5.46 -7.16
CA TYR A 83 -4.54 5.78 -6.90
C TYR A 83 -5.19 6.42 -8.12
N SER A 84 -6.16 5.71 -8.71
CA SER A 84 -6.85 6.21 -9.89
C SER A 84 -7.78 7.36 -9.52
N GLU A 85 -8.51 7.86 -10.52
CA GLU A 85 -9.45 8.96 -10.30
C GLU A 85 -10.36 8.68 -9.11
N ILE A 86 -10.53 7.39 -8.79
CA ILE A 86 -11.37 6.99 -7.68
C ILE A 86 -10.56 6.79 -6.41
N ASP A 87 -9.65 5.81 -6.44
CA ASP A 87 -8.81 5.53 -5.29
C ASP A 87 -8.46 6.81 -4.54
N ARG A 88 -7.88 7.77 -5.25
CA ARG A 88 -7.49 9.04 -4.65
C ARG A 88 -8.60 9.58 -3.76
N ARG A 89 -9.78 9.75 -4.33
CA ARG A 89 -10.93 10.27 -3.58
C ARG A 89 -11.36 9.28 -2.50
N SER A 90 -10.97 8.03 -2.67
CA SER A 90 -11.32 6.98 -1.72
C SER A 90 -10.34 6.96 -0.55
N LEU A 91 -9.15 7.49 -0.78
CA LEU A 91 -8.11 7.53 0.24
C LEU A 91 -8.17 8.84 1.01
N GLU A 92 -8.29 9.94 0.29
CA GLU A 92 -8.36 11.26 0.91
C GLU A 92 -9.25 11.24 2.14
N SER A 93 -10.30 10.42 2.10
CA SER A 93 -11.23 10.30 3.22
C SER A 93 -10.59 9.56 4.38
N VAL A 94 -10.04 8.38 4.10
CA VAL A 94 -9.40 7.56 5.12
C VAL A 94 -8.46 8.41 5.98
N LEU A 95 -7.50 9.06 5.34
CA LEU A 95 -6.54 9.89 6.04
C LEU A 95 -7.24 10.98 6.85
N SER A 96 -8.40 11.42 6.37
CA SER A 96 -9.18 12.44 7.06
C SER A 96 -9.83 11.88 8.31
N ARG A 97 -10.38 10.67 8.20
CA ARG A 97 -11.04 10.03 9.32
C ARG A 97 -10.03 9.55 10.34
N LYS A 98 -8.82 9.23 9.87
CA LYS A 98 -7.75 8.77 10.75
C LYS A 98 -7.00 9.95 11.36
N LEU A 99 -6.36 10.75 10.52
CA LEU A 99 -5.60 11.90 10.97
C LEU A 99 -6.54 12.99 11.47
N ASN A 100 -6.75 13.04 12.78
CA ASN A 100 -7.62 14.04 13.39
C ASN A 100 -6.92 15.40 13.44
N GLY A 1 22.80 13.26 -17.17
CA GLY A 1 21.69 14.16 -16.93
C GLY A 1 20.35 13.51 -17.19
N SER A 2 19.67 13.11 -16.12
CA SER A 2 18.37 12.46 -16.25
C SER A 2 17.37 13.36 -16.97
N SER A 3 17.19 14.57 -16.45
CA SER A 3 16.26 15.53 -17.05
C SER A 3 14.90 14.88 -17.31
N GLY A 4 14.43 14.12 -16.33
CA GLY A 4 13.14 13.46 -16.47
C GLY A 4 12.65 12.85 -15.16
N SER A 5 11.47 13.28 -14.72
CA SER A 5 10.91 12.78 -13.47
C SER A 5 9.97 11.60 -13.74
N SER A 6 10.53 10.41 -13.80
CA SER A 6 9.76 9.20 -14.06
C SER A 6 8.99 8.77 -12.81
N GLY A 7 7.67 8.70 -12.93
CA GLY A 7 6.84 8.31 -11.80
C GLY A 7 6.26 6.92 -11.96
N THR A 8 7.11 5.91 -11.79
CA THR A 8 6.68 4.52 -11.92
C THR A 8 6.51 3.86 -10.55
N ILE A 9 5.88 2.69 -10.53
CA ILE A 9 5.66 1.96 -9.29
C ILE A 9 6.92 1.23 -8.85
N SER A 10 7.55 0.54 -9.80
CA SER A 10 8.78 -0.21 -9.51
C SER A 10 9.78 0.65 -8.74
N GLN A 11 10.13 1.79 -9.31
CA GLN A 11 11.08 2.69 -8.67
C GLN A 11 10.74 2.89 -7.20
N ARG A 12 9.45 2.93 -6.90
CA ARG A 12 8.99 3.11 -5.53
C ARG A 12 9.33 1.89 -4.67
N PRO A 13 9.50 2.11 -3.36
CA PRO A 13 9.82 1.04 -2.41
C PRO A 13 8.66 0.09 -2.19
N TYR A 14 8.98 -1.17 -1.91
CA TYR A 14 7.95 -2.19 -1.68
C TYR A 14 6.95 -1.72 -0.63
N ARG A 15 7.43 -1.54 0.60
CA ARG A 15 6.59 -1.10 1.70
C ARG A 15 5.51 -0.15 1.20
N ASP A 16 5.94 0.94 0.58
CA ASP A 16 5.01 1.94 0.05
C ASP A 16 3.87 1.27 -0.72
N ARG A 17 4.23 0.59 -1.80
CA ARG A 17 3.23 -0.09 -2.63
C ARG A 17 2.30 -0.95 -1.77
N VAL A 18 2.86 -1.53 -0.71
CA VAL A 18 2.08 -2.37 0.19
C VAL A 18 1.09 -1.55 1.00
N ILE A 19 1.61 -0.65 1.82
CA ILE A 19 0.78 0.21 2.66
C ILE A 19 -0.27 0.94 1.81
N HIS A 20 0.12 1.34 0.61
CA HIS A 20 -0.79 2.04 -0.30
C HIS A 20 -1.99 1.17 -0.64
N LEU A 21 -1.74 -0.12 -0.86
CA LEU A 21 -2.80 -1.05 -1.21
C LEU A 21 -3.68 -1.34 0.01
N LEU A 22 -3.04 -1.56 1.16
CA LEU A 22 -3.75 -1.86 2.39
C LEU A 22 -4.56 -0.65 2.85
N ALA A 23 -4.08 0.55 2.50
CA ALA A 23 -4.75 1.78 2.88
C ALA A 23 -6.22 1.74 2.50
N LEU A 24 -6.49 1.80 1.20
CA LEU A 24 -7.87 1.77 0.70
C LEU A 24 -8.71 0.76 1.49
N LYS A 25 -8.18 -0.45 1.62
CA LYS A 25 -8.89 -1.51 2.34
C LYS A 25 -7.91 -2.59 2.79
N ALA A 26 -8.41 -3.51 3.62
CA ALA A 26 -7.59 -4.60 4.12
C ALA A 26 -7.34 -5.65 3.04
N TYR A 27 -6.11 -6.15 2.97
CA TYR A 27 -5.74 -7.15 1.99
C TYR A 27 -5.10 -8.37 2.65
N LYS A 28 -5.24 -9.52 2.02
CA LYS A 28 -4.67 -10.76 2.54
C LYS A 28 -3.29 -11.01 1.95
N LYS A 29 -2.42 -11.66 2.73
CA LYS A 29 -1.07 -11.96 2.28
C LYS A 29 -1.05 -12.30 0.79
N PRO A 30 -1.89 -13.27 0.39
CA PRO A 30 -1.98 -13.71 -1.00
C PRO A 30 -2.64 -12.66 -1.89
N GLU A 31 -3.80 -12.17 -1.46
CA GLU A 31 -4.53 -11.16 -2.22
C GLU A 31 -3.65 -9.94 -2.50
N LEU A 32 -3.24 -9.26 -1.42
CA LEU A 32 -2.39 -8.08 -1.55
C LEU A 32 -1.35 -8.27 -2.65
N LEU A 33 -0.73 -9.43 -2.67
CA LEU A 33 0.29 -9.73 -3.68
C LEU A 33 -0.28 -9.60 -5.09
N ALA A 34 -1.31 -10.38 -5.38
CA ALA A 34 -1.96 -10.35 -6.69
C ALA A 34 -1.92 -8.93 -7.28
N ARG A 35 -2.18 -7.95 -6.43
CA ARG A 35 -2.18 -6.55 -6.88
C ARG A 35 -0.77 -6.11 -7.26
N LEU A 36 0.20 -6.39 -6.40
CA LEU A 36 1.58 -6.03 -6.66
C LEU A 36 2.18 -6.88 -7.77
N GLN A 37 2.15 -8.20 -7.58
CA GLN A 37 2.68 -9.13 -8.57
C GLN A 37 2.31 -8.69 -9.98
N LYS A 38 1.08 -8.19 -10.13
CA LYS A 38 0.60 -7.74 -11.43
C LYS A 38 1.62 -6.83 -12.11
N ASP A 39 1.99 -5.75 -11.43
CA ASP A 39 2.96 -4.80 -11.97
C ASP A 39 4.38 -5.36 -11.87
N GLY A 40 4.56 -6.34 -10.98
CA GLY A 40 5.87 -6.94 -10.81
C GLY A 40 6.31 -6.95 -9.36
N VAL A 41 6.68 -8.13 -8.86
CA VAL A 41 7.12 -8.28 -7.48
C VAL A 41 8.43 -9.06 -7.40
N ASN A 42 9.42 -8.48 -6.73
CA ASN A 42 10.72 -9.12 -6.59
C ASN A 42 10.63 -10.33 -5.66
N GLN A 43 11.43 -11.35 -5.94
CA GLN A 43 11.44 -12.56 -5.12
C GLN A 43 11.87 -12.25 -3.69
N LYS A 44 13.00 -11.56 -3.56
CA LYS A 44 13.52 -11.20 -2.25
C LYS A 44 12.49 -10.43 -1.44
N ASP A 45 11.48 -9.90 -2.13
CA ASP A 45 10.43 -9.13 -1.48
C ASP A 45 9.24 -10.04 -1.15
N LYS A 46 9.01 -11.03 -1.99
CA LYS A 46 7.90 -11.96 -1.79
C LYS A 46 7.89 -12.49 -0.36
N ASN A 47 9.08 -12.71 0.19
CA ASN A 47 9.21 -13.22 1.56
C ASN A 47 9.20 -12.07 2.56
N SER A 48 9.83 -10.95 2.20
CA SER A 48 9.89 -9.79 3.06
C SER A 48 8.53 -9.14 3.21
N LEU A 49 7.57 -9.61 2.41
CA LEU A 49 6.21 -9.07 2.45
C LEU A 49 5.55 -9.35 3.80
N GLY A 50 5.40 -10.63 4.12
CA GLY A 50 4.79 -11.02 5.38
C GLY A 50 5.28 -10.19 6.54
N ALA A 51 6.56 -9.83 6.50
CA ALA A 51 7.17 -9.04 7.56
C ALA A 51 6.64 -7.61 7.55
N ILE A 52 6.71 -6.97 6.39
CA ILE A 52 6.25 -5.60 6.23
C ILE A 52 4.79 -5.47 6.65
N LEU A 53 3.96 -6.40 6.19
CA LEU A 53 2.54 -6.40 6.50
C LEU A 53 2.31 -6.17 8.00
N GLN A 54 3.22 -6.70 8.81
CA GLN A 54 3.13 -6.56 10.26
C GLN A 54 3.83 -5.29 10.72
N GLN A 55 4.72 -4.77 9.88
CA GLN A 55 5.46 -3.55 10.22
C GLN A 55 4.65 -2.31 9.87
N VAL A 56 3.69 -2.47 8.95
CA VAL A 56 2.86 -1.36 8.54
C VAL A 56 1.37 -1.71 8.68
N ALA A 57 1.07 -3.00 8.70
CA ALA A 57 -0.29 -3.47 8.84
C ALA A 57 -0.42 -4.49 9.96
N ASN A 58 -1.64 -4.93 10.22
CA ASN A 58 -1.90 -5.91 11.27
C ASN A 58 -2.82 -7.02 10.78
N LEU A 59 -2.40 -8.27 11.01
CA LEU A 59 -3.19 -9.42 10.58
C LEU A 59 -4.34 -9.68 11.55
N ASN A 60 -5.54 -9.86 10.99
CA ASN A 60 -6.72 -10.11 11.80
C ASN A 60 -7.14 -11.58 11.71
N SER A 61 -6.66 -12.38 12.65
CA SER A 61 -6.98 -13.81 12.67
C SER A 61 -8.43 -14.05 12.27
N LYS A 62 -9.28 -13.05 12.53
CA LYS A 62 -10.70 -13.14 12.20
C LYS A 62 -10.88 -13.51 10.73
N ASP A 63 -10.48 -12.61 9.84
CA ASP A 63 -10.60 -12.85 8.40
C ASP A 63 -9.23 -13.04 7.77
N LEU A 64 -8.24 -13.37 8.59
CA LEU A 64 -6.88 -13.59 8.11
C LEU A 64 -6.47 -12.50 7.12
N SER A 65 -7.10 -11.33 7.24
CA SER A 65 -6.80 -10.22 6.35
C SER A 65 -5.93 -9.19 7.07
N TYR A 66 -4.97 -8.62 6.33
CA TYR A 66 -4.07 -7.63 6.88
C TYR A 66 -4.66 -6.23 6.76
N THR A 67 -4.80 -5.55 7.89
CA THR A 67 -5.36 -4.20 7.92
C THR A 67 -4.26 -3.16 8.12
N LEU A 68 -4.20 -2.19 7.21
CA LEU A 68 -3.19 -1.14 7.30
C LEU A 68 -3.27 -0.42 8.65
N LYS A 69 -2.11 -0.27 9.29
CA LYS A 69 -2.04 0.41 10.58
C LYS A 69 -2.67 1.80 10.51
N ASP A 70 -2.57 2.54 11.60
CA ASP A 70 -3.11 3.89 11.66
C ASP A 70 -2.06 4.92 11.26
N TYR A 71 -1.03 5.05 12.09
CA TYR A 71 0.05 6.00 11.82
C TYR A 71 0.51 5.91 10.37
N VAL A 72 0.77 4.69 9.92
CA VAL A 72 1.23 4.46 8.56
C VAL A 72 0.45 5.32 7.56
N PHE A 73 -0.79 5.66 7.93
CA PHE A 73 -1.62 6.49 7.07
C PHE A 73 -0.93 7.81 6.74
N LYS A 74 -0.32 8.42 7.74
CA LYS A 74 0.39 9.68 7.55
C LYS A 74 1.68 9.48 6.78
N GLU A 75 1.98 8.22 6.45
CA GLU A 75 3.20 7.90 5.71
C GLU A 75 2.89 7.70 4.23
N LEU A 76 1.63 7.46 3.92
CA LEU A 76 1.20 7.24 2.54
C LEU A 76 1.48 8.48 1.70
N GLN A 77 1.05 8.43 0.43
CA GLN A 77 1.26 9.55 -0.48
C GLN A 77 0.00 9.82 -1.31
N ARG A 78 -0.53 11.04 -1.19
CA ARG A 78 -1.73 11.41 -1.92
C ARG A 78 -1.48 11.38 -3.43
N ASP A 79 -0.28 11.79 -3.83
CA ASP A 79 0.08 11.81 -5.23
C ASP A 79 0.54 10.43 -5.70
N TRP A 80 0.19 9.41 -4.94
CA TRP A 80 0.56 8.04 -5.27
C TRP A 80 0.04 7.66 -6.65
N PRO A 81 0.93 7.16 -7.51
CA PRO A 81 0.58 6.74 -8.87
C PRO A 81 -0.27 5.48 -8.88
N GLY A 82 -0.63 5.00 -7.70
CA GLY A 82 -1.45 3.80 -7.59
C GLY A 82 -2.91 4.11 -7.38
N TYR A 83 -3.23 5.40 -7.29
CA TYR A 83 -4.61 5.83 -7.08
C TYR A 83 -5.14 6.57 -8.29
N SER A 84 -6.20 6.02 -8.90
CA SER A 84 -6.80 6.63 -10.07
C SER A 84 -7.56 7.89 -9.70
N GLU A 85 -8.19 8.53 -10.69
CA GLU A 85 -8.94 9.74 -10.47
C GLU A 85 -9.90 9.58 -9.29
N ILE A 86 -10.27 8.34 -9.00
CA ILE A 86 -11.18 8.05 -7.90
C ILE A 86 -10.41 7.69 -6.64
N ASP A 87 -9.69 6.57 -6.69
CA ASP A 87 -8.91 6.11 -5.56
C ASP A 87 -8.35 7.29 -4.76
N ARG A 88 -7.65 8.18 -5.47
CA ARG A 88 -7.06 9.36 -4.82
C ARG A 88 -8.06 10.02 -3.88
N ARG A 89 -9.26 10.27 -4.38
CA ARG A 89 -10.31 10.90 -3.59
C ARG A 89 -10.91 9.91 -2.59
N SER A 90 -10.72 8.62 -2.85
CA SER A 90 -11.24 7.57 -1.99
C SER A 90 -10.31 7.32 -0.82
N LEU A 91 -9.04 7.67 -1.00
CA LEU A 91 -8.04 7.48 0.05
C LEU A 91 -7.99 8.68 0.98
N GLU A 92 -7.83 9.87 0.40
CA GLU A 92 -7.77 11.10 1.18
C GLU A 92 -8.82 11.11 2.28
N SER A 93 -9.88 10.32 2.08
CA SER A 93 -10.96 10.24 3.05
C SER A 93 -10.49 9.55 4.34
N VAL A 94 -9.95 8.34 4.18
CA VAL A 94 -9.46 7.59 5.33
C VAL A 94 -8.46 8.40 6.14
N LEU A 95 -7.44 8.90 5.47
CA LEU A 95 -6.41 9.70 6.13
C LEU A 95 -7.03 10.83 6.95
N SER A 96 -8.13 11.38 6.44
CA SER A 96 -8.83 12.46 7.12
C SER A 96 -9.52 11.96 8.38
N ARG A 97 -10.31 10.90 8.24
CA ARG A 97 -11.04 10.33 9.36
C ARG A 97 -10.07 9.84 10.43
N LYS A 98 -9.11 9.02 10.03
CA LYS A 98 -8.11 8.48 10.96
C LYS A 98 -7.38 9.60 11.67
N LEU A 99 -6.70 10.45 10.90
CA LEU A 99 -5.95 11.57 11.47
C LEU A 99 -6.89 12.54 12.19
N ASN A 100 -6.97 12.40 13.51
CA ASN A 100 -7.82 13.26 14.32
C ASN A 100 -7.17 14.62 14.54
N GLY A 1 11.31 18.36 -22.39
CA GLY A 1 11.45 19.77 -22.70
C GLY A 1 11.32 20.65 -21.47
N SER A 2 10.18 21.32 -21.34
CA SER A 2 9.93 22.19 -20.20
C SER A 2 9.74 21.39 -18.92
N SER A 3 8.90 20.37 -19.00
CA SER A 3 8.62 19.51 -17.85
C SER A 3 8.23 18.11 -18.29
N GLY A 4 8.93 17.11 -17.74
CA GLY A 4 8.65 15.74 -18.09
C GLY A 4 9.25 14.75 -17.10
N SER A 5 8.38 14.10 -16.32
CA SER A 5 8.83 13.13 -15.33
C SER A 5 8.12 11.79 -15.51
N SER A 6 8.85 10.70 -15.29
CA SER A 6 8.29 9.36 -15.44
C SER A 6 8.28 8.63 -14.09
N GLY A 7 7.16 8.72 -13.38
CA GLY A 7 7.04 8.06 -12.10
C GLY A 7 6.54 6.63 -12.21
N THR A 8 7.39 5.68 -11.89
CA THR A 8 7.03 4.27 -11.96
C THR A 8 6.69 3.71 -10.58
N ILE A 9 6.14 2.51 -10.55
CA ILE A 9 5.78 1.87 -9.29
C ILE A 9 6.93 1.03 -8.74
N SER A 10 7.68 0.41 -9.64
CA SER A 10 8.82 -0.41 -9.24
C SER A 10 9.85 0.40 -8.46
N GLN A 11 10.33 1.48 -9.08
CA GLN A 11 11.31 2.35 -8.45
C GLN A 11 10.96 2.58 -6.97
N ARG A 12 9.66 2.64 -6.69
CA ARG A 12 9.20 2.86 -5.32
C ARG A 12 9.50 1.65 -4.45
N PRO A 13 9.68 1.91 -3.14
CA PRO A 13 9.97 0.85 -2.16
C PRO A 13 8.78 -0.07 -1.92
N TYR A 14 9.05 -1.37 -1.81
CA TYR A 14 8.01 -2.35 -1.58
C TYR A 14 7.04 -1.87 -0.51
N ARG A 15 7.55 -1.66 0.69
CA ARG A 15 6.73 -1.21 1.81
C ARG A 15 5.62 -0.27 1.32
N ASP A 16 6.02 0.87 0.79
CA ASP A 16 5.06 1.86 0.29
C ASP A 16 4.04 1.20 -0.63
N ARG A 17 4.54 0.48 -1.64
CA ARG A 17 3.67 -0.20 -2.59
C ARG A 17 2.64 -1.06 -1.87
N VAL A 18 3.00 -1.57 -0.70
CA VAL A 18 2.11 -2.41 0.09
C VAL A 18 1.09 -1.56 0.84
N ILE A 19 1.57 -0.76 1.79
CA ILE A 19 0.71 0.10 2.58
C ILE A 19 -0.25 0.88 1.69
N HIS A 20 0.27 1.46 0.62
CA HIS A 20 -0.54 2.23 -0.32
C HIS A 20 -1.76 1.43 -0.77
N LEU A 21 -1.62 0.10 -0.75
CA LEU A 21 -2.71 -0.77 -1.17
C LEU A 21 -3.63 -1.08 0.02
N LEU A 22 -3.04 -1.46 1.14
CA LEU A 22 -3.81 -1.78 2.34
C LEU A 22 -4.62 -0.57 2.81
N ALA A 23 -4.08 0.62 2.56
CA ALA A 23 -4.75 1.86 2.95
C ALA A 23 -6.21 1.86 2.52
N LEU A 24 -6.44 1.82 1.20
CA LEU A 24 -7.80 1.82 0.65
C LEU A 24 -8.68 0.86 1.44
N LYS A 25 -8.23 -0.38 1.58
CA LYS A 25 -8.99 -1.39 2.30
C LYS A 25 -8.07 -2.51 2.79
N ALA A 26 -8.62 -3.41 3.60
CA ALA A 26 -7.85 -4.52 4.14
C ALA A 26 -7.54 -5.55 3.06
N TYR A 27 -6.31 -6.04 3.04
CA TYR A 27 -5.89 -7.04 2.06
C TYR A 27 -5.26 -8.24 2.74
N LYS A 28 -5.39 -9.40 2.11
CA LYS A 28 -4.83 -10.63 2.65
C LYS A 28 -3.44 -10.90 2.07
N LYS A 29 -2.69 -11.78 2.72
CA LYS A 29 -1.35 -12.12 2.27
C LYS A 29 -1.34 -12.41 0.77
N PRO A 30 -2.20 -13.34 0.34
CA PRO A 30 -2.31 -13.72 -1.07
C PRO A 30 -2.92 -12.62 -1.93
N GLU A 31 -4.06 -12.10 -1.49
CA GLU A 31 -4.75 -11.04 -2.22
C GLU A 31 -3.81 -9.84 -2.43
N LEU A 32 -3.39 -9.22 -1.34
CA LEU A 32 -2.50 -8.07 -1.41
C LEU A 32 -1.43 -8.26 -2.48
N LEU A 33 -0.86 -9.47 -2.52
CA LEU A 33 0.17 -9.79 -3.50
C LEU A 33 -0.34 -9.54 -4.92
N ALA A 34 -1.36 -10.30 -5.32
CA ALA A 34 -1.93 -10.17 -6.65
C ALA A 34 -1.84 -8.73 -7.15
N ARG A 35 -2.33 -7.79 -6.34
CA ARG A 35 -2.29 -6.38 -6.70
C ARG A 35 -0.88 -5.95 -7.09
N LEU A 36 0.09 -6.33 -6.27
CA LEU A 36 1.49 -5.98 -6.52
C LEU A 36 2.06 -6.81 -7.67
N GLN A 37 1.95 -8.13 -7.55
CA GLN A 37 2.45 -9.03 -8.58
C GLN A 37 1.96 -8.61 -9.96
N LYS A 38 0.79 -8.00 -10.00
CA LYS A 38 0.19 -7.54 -11.25
C LYS A 38 1.17 -6.67 -12.03
N ASP A 39 1.97 -5.90 -11.30
CA ASP A 39 2.95 -5.01 -11.93
C ASP A 39 4.35 -5.60 -11.83
N GLY A 40 4.46 -6.72 -11.11
CA GLY A 40 5.76 -7.36 -10.95
C GLY A 40 6.27 -7.29 -9.53
N VAL A 41 6.51 -8.45 -8.92
CA VAL A 41 7.00 -8.50 -7.56
C VAL A 41 8.26 -9.36 -7.46
N ASN A 42 9.36 -8.75 -7.01
CA ASN A 42 10.62 -9.46 -6.88
C ASN A 42 10.55 -10.49 -5.75
N GLN A 43 11.27 -11.60 -5.93
CA GLN A 43 11.29 -12.66 -4.94
C GLN A 43 11.84 -12.16 -3.60
N LYS A 44 12.95 -11.43 -3.66
CA LYS A 44 13.57 -10.89 -2.47
C LYS A 44 12.55 -10.13 -1.62
N ASP A 45 11.73 -9.31 -2.29
CA ASP A 45 10.72 -8.53 -1.59
C ASP A 45 9.49 -9.38 -1.28
N LYS A 46 9.32 -10.47 -2.03
CA LYS A 46 8.20 -11.37 -1.84
C LYS A 46 8.16 -11.90 -0.40
N ASN A 47 9.29 -12.45 0.05
CA ASN A 47 9.39 -12.99 1.39
C ASN A 47 9.27 -11.88 2.44
N SER A 48 9.85 -10.73 2.13
CA SER A 48 9.82 -9.58 3.04
C SER A 48 8.39 -9.10 3.24
N LEU A 49 7.54 -9.31 2.24
CA LEU A 49 6.15 -8.89 2.31
C LEU A 49 5.53 -9.26 3.65
N GLY A 50 5.50 -10.55 3.95
CA GLY A 50 4.94 -11.02 5.21
C GLY A 50 5.46 -10.21 6.40
N ALA A 51 6.70 -9.76 6.31
CA ALA A 51 7.31 -8.99 7.39
C ALA A 51 6.77 -7.56 7.40
N ILE A 52 6.62 -6.98 6.21
CA ILE A 52 6.10 -5.62 6.09
C ILE A 52 4.65 -5.54 6.52
N LEU A 53 3.86 -6.53 6.12
CA LEU A 53 2.45 -6.58 6.46
C LEU A 53 2.25 -6.40 7.97
N GLN A 54 3.18 -6.94 8.74
CA GLN A 54 3.10 -6.86 10.20
C GLN A 54 3.80 -5.59 10.70
N GLN A 55 4.61 -4.99 9.84
CA GLN A 55 5.34 -3.78 10.20
C GLN A 55 4.53 -2.53 9.85
N VAL A 56 3.62 -2.67 8.89
CA VAL A 56 2.78 -1.56 8.47
C VAL A 56 1.30 -1.87 8.68
N ALA A 57 0.96 -3.15 8.61
CA ALA A 57 -0.42 -3.58 8.80
C ALA A 57 -0.54 -4.59 9.95
N ASN A 58 -1.76 -5.00 10.24
CA ASN A 58 -2.00 -5.96 11.32
C ASN A 58 -2.86 -7.12 10.83
N LEU A 59 -2.41 -8.34 11.10
CA LEU A 59 -3.14 -9.54 10.68
C LEU A 59 -4.30 -9.82 11.63
N ASN A 60 -5.47 -10.11 11.06
CA ASN A 60 -6.65 -10.40 11.86
C ASN A 60 -7.09 -11.86 11.68
N SER A 61 -6.76 -12.68 12.67
CA SER A 61 -7.12 -14.09 12.63
C SER A 61 -8.56 -14.29 12.19
N LYS A 62 -9.40 -13.30 12.50
CA LYS A 62 -10.82 -13.36 12.14
C LYS A 62 -10.99 -13.77 10.68
N ASP A 63 -10.54 -12.91 9.77
CA ASP A 63 -10.64 -13.19 8.34
C ASP A 63 -9.26 -13.25 7.70
N LEU A 64 -8.24 -13.50 8.52
CA LEU A 64 -6.88 -13.58 8.03
C LEU A 64 -6.56 -12.43 7.09
N SER A 65 -7.20 -11.28 7.32
CA SER A 65 -6.99 -10.10 6.49
C SER A 65 -6.08 -9.10 7.20
N TYR A 66 -5.14 -8.54 6.45
CA TYR A 66 -4.21 -7.56 7.00
C TYR A 66 -4.76 -6.15 6.87
N THR A 67 -4.92 -5.49 8.01
CA THR A 67 -5.43 -4.12 8.04
C THR A 67 -4.31 -3.11 8.24
N LEU A 68 -4.22 -2.15 7.32
CA LEU A 68 -3.19 -1.12 7.39
C LEU A 68 -3.24 -0.40 8.74
N LYS A 69 -2.09 -0.33 9.41
CA LYS A 69 -2.00 0.34 10.71
C LYS A 69 -2.59 1.74 10.64
N ASP A 70 -2.47 2.48 11.73
CA ASP A 70 -2.99 3.83 11.80
C ASP A 70 -1.89 4.86 11.49
N TYR A 71 -0.84 4.85 12.31
CA TYR A 71 0.27 5.78 12.12
C TYR A 71 0.77 5.74 10.68
N VAL A 72 0.91 4.54 10.13
CA VAL A 72 1.37 4.37 8.76
C VAL A 72 0.65 5.33 7.82
N PHE A 73 -0.63 5.54 8.06
CA PHE A 73 -1.44 6.43 7.24
C PHE A 73 -0.71 7.74 6.98
N LYS A 74 0.06 8.18 7.97
CA LYS A 74 0.81 9.43 7.86
C LYS A 74 1.97 9.28 6.88
N GLU A 75 2.53 8.07 6.82
CA GLU A 75 3.64 7.79 5.92
C GLU A 75 3.20 7.84 4.46
N LEU A 76 1.98 7.37 4.20
CA LEU A 76 1.43 7.36 2.85
C LEU A 76 1.78 8.65 2.11
N GLN A 77 1.87 8.57 0.79
CA GLN A 77 2.18 9.73 -0.02
C GLN A 77 0.98 10.15 -0.87
N ARG A 78 0.33 11.23 -0.48
CA ARG A 78 -0.83 11.74 -1.20
C ARG A 78 -0.57 11.75 -2.70
N ASP A 79 0.70 11.82 -3.08
CA ASP A 79 1.08 11.84 -4.49
C ASP A 79 1.41 10.43 -4.98
N TRP A 80 0.81 9.43 -4.35
CA TRP A 80 1.04 8.05 -4.72
C TRP A 80 0.45 7.75 -6.10
N PRO A 81 1.34 7.46 -7.07
CA PRO A 81 0.93 7.16 -8.45
C PRO A 81 0.23 5.81 -8.56
N GLY A 82 0.05 5.14 -7.42
CA GLY A 82 -0.60 3.84 -7.41
C GLY A 82 -2.07 3.95 -7.06
N TYR A 83 -2.65 5.12 -7.26
CA TYR A 83 -4.06 5.35 -6.97
C TYR A 83 -4.82 5.80 -8.21
N SER A 84 -5.83 5.02 -8.60
CA SER A 84 -6.63 5.35 -9.77
C SER A 84 -7.42 6.62 -9.55
N GLU A 85 -7.88 7.23 -10.64
CA GLU A 85 -8.66 8.46 -10.57
C GLU A 85 -9.63 8.41 -9.40
N ILE A 86 -10.07 7.21 -9.05
CA ILE A 86 -11.01 7.03 -7.94
C ILE A 86 -10.27 6.79 -6.63
N ASP A 87 -9.38 5.81 -6.64
CA ASP A 87 -8.59 5.48 -5.45
C ASP A 87 -8.15 6.75 -4.72
N ARG A 88 -7.44 7.61 -5.43
CA ARG A 88 -6.95 8.86 -4.85
C ARG A 88 -8.03 9.53 -4.02
N ARG A 89 -9.17 9.81 -4.64
CA ARG A 89 -10.27 10.45 -3.95
C ARG A 89 -10.84 9.54 -2.85
N SER A 90 -10.60 8.24 -3.00
CA SER A 90 -11.09 7.27 -2.03
C SER A 90 -10.13 7.17 -0.83
N LEU A 91 -8.92 7.67 -1.01
CA LEU A 91 -7.92 7.65 0.05
C LEU A 91 -7.97 8.91 0.89
N GLU A 92 -7.99 10.06 0.21
CA GLU A 92 -8.05 11.35 0.89
C GLU A 92 -9.04 11.31 2.05
N SER A 93 -10.00 10.40 1.97
CA SER A 93 -11.01 10.26 3.01
C SER A 93 -10.43 9.58 4.25
N VAL A 94 -9.92 8.36 4.06
CA VAL A 94 -9.34 7.62 5.17
C VAL A 94 -8.45 8.50 6.02
N LEU A 95 -7.52 9.20 5.38
CA LEU A 95 -6.60 10.07 6.08
C LEU A 95 -7.36 11.17 6.83
N SER A 96 -8.52 11.54 6.31
CA SER A 96 -9.35 12.58 6.93
C SER A 96 -10.02 12.05 8.19
N ARG A 97 -10.44 10.79 8.15
CA ARG A 97 -11.11 10.17 9.28
C ARG A 97 -10.09 9.77 10.36
N LYS A 98 -8.98 9.18 9.92
CA LYS A 98 -7.93 8.75 10.84
C LYS A 98 -7.20 9.95 11.41
N LEU A 99 -6.50 10.68 10.56
CA LEU A 99 -5.74 11.85 10.98
C LEU A 99 -6.68 13.00 11.35
N ASN A 100 -7.01 13.10 12.62
CA ASN A 100 -7.90 14.16 13.10
C ASN A 100 -7.39 15.53 12.70
N GLY A 1 8.11 24.45 -18.81
CA GLY A 1 7.68 23.08 -19.03
C GLY A 1 8.32 22.11 -18.05
N SER A 2 8.15 22.37 -16.76
CA SER A 2 8.72 21.52 -15.73
C SER A 2 8.57 20.04 -16.09
N SER A 3 9.53 19.23 -15.67
CA SER A 3 9.51 17.80 -15.95
C SER A 3 8.16 17.19 -15.55
N GLY A 4 7.34 16.91 -16.56
CA GLY A 4 6.03 16.33 -16.30
C GLY A 4 5.85 14.98 -16.96
N SER A 5 6.41 13.94 -16.33
CA SER A 5 6.32 12.59 -16.87
C SER A 5 5.89 11.60 -15.79
N SER A 6 4.76 10.93 -16.02
CA SER A 6 4.24 9.97 -15.06
C SER A 6 5.29 8.92 -14.71
N GLY A 7 5.44 8.66 -13.42
CA GLY A 7 6.42 7.68 -12.97
C GLY A 7 5.88 6.27 -12.99
N THR A 8 6.47 5.39 -12.19
CA THR A 8 6.04 4.00 -12.13
C THR A 8 6.10 3.47 -10.70
N ILE A 9 5.50 2.30 -10.48
CA ILE A 9 5.48 1.69 -9.16
C ILE A 9 6.76 0.91 -8.89
N SER A 10 7.24 0.20 -9.91
CA SER A 10 8.45 -0.59 -9.79
C SER A 10 9.56 0.21 -9.12
N GLN A 11 9.69 1.47 -9.52
CA GLN A 11 10.71 2.35 -8.95
C GLN A 11 10.47 2.59 -7.47
N ARG A 12 9.20 2.64 -7.09
CA ARG A 12 8.82 2.86 -5.70
C ARG A 12 9.18 1.66 -4.84
N PRO A 13 9.41 1.90 -3.54
CA PRO A 13 9.76 0.85 -2.59
C PRO A 13 8.59 -0.09 -2.30
N TYR A 14 8.90 -1.35 -2.04
CA TYR A 14 7.88 -2.34 -1.75
C TYR A 14 6.95 -1.88 -0.63
N ARG A 15 7.53 -1.61 0.53
CA ARG A 15 6.77 -1.14 1.68
C ARG A 15 5.64 -0.22 1.24
N ASP A 16 6.02 0.93 0.69
CA ASP A 16 5.03 1.92 0.23
C ASP A 16 3.93 1.24 -0.58
N ARG A 17 4.32 0.50 -1.61
CA ARG A 17 3.37 -0.20 -2.45
C ARG A 17 2.34 -0.96 -1.62
N VAL A 18 2.82 -1.62 -0.56
CA VAL A 18 1.95 -2.38 0.32
C VAL A 18 1.02 -1.45 1.11
N ILE A 19 1.60 -0.64 1.97
CA ILE A 19 0.82 0.29 2.79
C ILE A 19 -0.13 1.11 1.93
N HIS A 20 0.26 1.33 0.67
CA HIS A 20 -0.56 2.10 -0.26
C HIS A 20 -1.78 1.31 -0.68
N LEU A 21 -1.67 -0.01 -0.66
CA LEU A 21 -2.76 -0.89 -1.05
C LEU A 21 -3.65 -1.22 0.15
N LEU A 22 -3.02 -1.48 1.29
CA LEU A 22 -3.75 -1.81 2.51
C LEU A 22 -4.55 -0.62 3.00
N ALA A 23 -4.07 0.59 2.70
CA ALA A 23 -4.75 1.81 3.11
C ALA A 23 -6.20 1.79 2.67
N LEU A 24 -6.43 1.74 1.37
CA LEU A 24 -7.78 1.73 0.82
C LEU A 24 -8.66 0.74 1.57
N LYS A 25 -8.18 -0.50 1.70
CA LYS A 25 -8.92 -1.53 2.42
C LYS A 25 -7.99 -2.64 2.88
N ALA A 26 -8.54 -3.59 3.64
CA ALA A 26 -7.76 -4.71 4.14
C ALA A 26 -7.45 -5.71 3.04
N TYR A 27 -6.19 -6.14 2.97
CA TYR A 27 -5.77 -7.09 1.95
C TYR A 27 -5.12 -8.31 2.60
N LYS A 28 -5.37 -9.49 2.01
CA LYS A 28 -4.80 -10.73 2.52
C LYS A 28 -3.40 -10.97 1.95
N LYS A 29 -2.56 -11.63 2.73
CA LYS A 29 -1.20 -11.93 2.30
C LYS A 29 -1.15 -12.25 0.81
N PRO A 30 -1.98 -13.21 0.38
CA PRO A 30 -2.06 -13.63 -1.02
C PRO A 30 -2.69 -12.56 -1.91
N GLU A 31 -3.82 -12.02 -1.45
CA GLU A 31 -4.52 -10.98 -2.21
C GLU A 31 -3.62 -9.80 -2.48
N LEU A 32 -3.18 -9.13 -1.41
CA LEU A 32 -2.30 -7.97 -1.54
C LEU A 32 -1.26 -8.18 -2.64
N LEU A 33 -0.72 -9.39 -2.69
CA LEU A 33 0.28 -9.73 -3.70
C LEU A 33 -0.28 -9.57 -5.10
N ALA A 34 -1.38 -10.25 -5.38
CA ALA A 34 -2.01 -10.18 -6.69
C ALA A 34 -1.90 -8.77 -7.27
N ARG A 35 -1.87 -7.77 -6.40
CA ARG A 35 -1.76 -6.38 -6.83
C ARG A 35 -0.33 -6.04 -7.21
N LEU A 36 0.61 -6.40 -6.35
CA LEU A 36 2.02 -6.14 -6.60
C LEU A 36 2.56 -7.03 -7.71
N GLN A 37 2.34 -8.34 -7.57
CA GLN A 37 2.79 -9.29 -8.57
C GLN A 37 2.45 -8.83 -9.98
N LYS A 38 1.32 -8.15 -10.11
CA LYS A 38 0.87 -7.64 -11.40
C LYS A 38 1.92 -6.73 -12.03
N ASP A 39 2.32 -5.70 -11.29
CA ASP A 39 3.32 -4.76 -11.78
C ASP A 39 4.71 -5.40 -11.80
N GLY A 40 4.93 -6.33 -10.89
CA GLY A 40 6.22 -7.01 -10.81
C GLY A 40 6.78 -7.06 -9.40
N VAL A 41 6.65 -8.23 -8.77
CA VAL A 41 7.14 -8.41 -7.41
C VAL A 41 8.48 -9.13 -7.40
N ASN A 42 9.48 -8.54 -6.74
CA ASN A 42 10.81 -9.15 -6.66
C ASN A 42 10.79 -10.37 -5.75
N GLN A 43 11.29 -11.49 -6.29
CA GLN A 43 11.34 -12.73 -5.52
C GLN A 43 11.71 -12.47 -4.08
N LYS A 44 12.63 -11.54 -3.86
CA LYS A 44 13.08 -11.19 -2.52
C LYS A 44 11.93 -10.66 -1.68
N ASP A 45 11.26 -9.62 -2.19
CA ASP A 45 10.13 -9.02 -1.49
C ASP A 45 9.06 -10.06 -1.19
N LYS A 46 8.79 -10.92 -2.16
CA LYS A 46 7.78 -11.96 -2.01
C LYS A 46 7.83 -12.55 -0.60
N ASN A 47 8.99 -12.48 0.03
CA ASN A 47 9.17 -13.01 1.38
C ASN A 47 9.08 -11.89 2.42
N SER A 48 9.64 -10.73 2.07
CA SER A 48 9.63 -9.58 2.97
C SER A 48 8.19 -9.14 3.27
N LEU A 49 7.34 -9.20 2.26
CA LEU A 49 5.95 -8.80 2.40
C LEU A 49 5.41 -9.22 3.78
N GLY A 50 5.28 -10.53 3.98
CA GLY A 50 4.78 -11.03 5.25
C GLY A 50 5.32 -10.25 6.44
N ALA A 51 6.55 -9.78 6.32
CA ALA A 51 7.18 -9.01 7.39
C ALA A 51 6.69 -7.57 7.40
N ILE A 52 6.53 -7.01 6.20
CA ILE A 52 6.07 -5.63 6.07
C ILE A 52 4.63 -5.48 6.53
N LEU A 53 3.80 -6.44 6.17
CA LEU A 53 2.39 -6.43 6.56
C LEU A 53 2.24 -6.26 8.07
N GLN A 54 3.15 -6.87 8.82
CA GLN A 54 3.12 -6.79 10.28
C GLN A 54 3.89 -5.57 10.77
N GLN A 55 4.64 -4.95 9.87
CA GLN A 55 5.43 -3.77 10.20
C GLN A 55 4.67 -2.50 9.87
N VAL A 56 3.70 -2.61 8.98
CA VAL A 56 2.90 -1.46 8.58
C VAL A 56 1.41 -1.74 8.76
N ALA A 57 1.05 -3.02 8.75
CA ALA A 57 -0.34 -3.42 8.92
C ALA A 57 -0.49 -4.42 10.07
N ASN A 58 -1.74 -4.81 10.35
CA ASN A 58 -2.01 -5.76 11.42
C ASN A 58 -2.86 -6.92 10.91
N LEU A 59 -2.43 -8.13 11.22
CA LEU A 59 -3.14 -9.33 10.79
C LEU A 59 -4.34 -9.60 11.71
N ASN A 60 -5.47 -9.96 11.11
CA ASN A 60 -6.68 -10.26 11.88
C ASN A 60 -7.08 -11.71 11.72
N SER A 61 -6.74 -12.53 12.71
CA SER A 61 -7.05 -13.95 12.69
C SER A 61 -8.49 -14.17 12.22
N LYS A 62 -9.37 -13.23 12.54
CA LYS A 62 -10.77 -13.32 12.16
C LYS A 62 -10.91 -13.78 10.71
N ASP A 63 -10.51 -12.92 9.78
CA ASP A 63 -10.59 -13.24 8.36
C ASP A 63 -9.19 -13.29 7.74
N LEU A 64 -8.19 -13.53 8.58
CA LEU A 64 -6.81 -13.61 8.11
C LEU A 64 -6.50 -12.48 7.14
N SER A 65 -7.03 -11.30 7.42
CA SER A 65 -6.82 -10.14 6.56
C SER A 65 -5.90 -9.11 7.24
N TYR A 66 -5.05 -8.48 6.44
CA TYR A 66 -4.12 -7.49 6.97
C TYR A 66 -4.70 -6.07 6.85
N THR A 67 -4.74 -5.36 7.97
CA THR A 67 -5.28 -4.01 7.99
C THR A 67 -4.16 -2.99 8.20
N LEU A 68 -4.07 -2.03 7.29
CA LEU A 68 -3.05 -0.98 7.39
C LEU A 68 -3.13 -0.27 8.73
N LYS A 69 -1.98 -0.16 9.40
CA LYS A 69 -1.92 0.51 10.70
C LYS A 69 -2.56 1.90 10.62
N ASP A 70 -2.47 2.64 11.72
CA ASP A 70 -3.04 3.98 11.78
C ASP A 70 -1.98 5.04 11.52
N TYR A 71 -0.79 4.83 12.08
CA TYR A 71 0.31 5.76 11.91
C TYR A 71 0.82 5.75 10.48
N VAL A 72 1.01 4.56 9.93
CA VAL A 72 1.50 4.40 8.56
C VAL A 72 0.73 5.31 7.60
N PHE A 73 -0.54 5.54 7.91
CA PHE A 73 -1.39 6.39 7.08
C PHE A 73 -0.68 7.70 6.75
N LYS A 74 0.12 8.19 7.69
CA LYS A 74 0.85 9.43 7.50
C LYS A 74 2.02 9.23 6.54
N GLU A 75 2.58 8.03 6.54
CA GLU A 75 3.70 7.71 5.67
C GLU A 75 3.27 7.68 4.20
N LEU A 76 1.98 7.46 3.98
CA LEU A 76 1.43 7.41 2.63
C LEU A 76 1.70 8.72 1.88
N GLN A 77 1.67 8.65 0.55
CA GLN A 77 1.93 9.82 -0.27
C GLN A 77 0.69 10.16 -1.11
N ARG A 78 0.12 11.33 -0.86
CA ARG A 78 -1.06 11.79 -1.58
C ARG A 78 -0.79 11.84 -3.09
N ASP A 79 0.49 11.77 -3.46
CA ASP A 79 0.88 11.81 -4.87
C ASP A 79 1.19 10.41 -5.38
N TRP A 80 0.70 9.40 -4.67
CA TRP A 80 0.92 8.01 -5.05
C TRP A 80 0.32 7.72 -6.42
N PRO A 81 1.17 7.28 -7.37
CA PRO A 81 0.74 6.96 -8.73
C PRO A 81 -0.12 5.71 -8.79
N GLY A 82 -0.30 5.07 -7.64
CA GLY A 82 -1.10 3.86 -7.58
C GLY A 82 -2.59 4.16 -7.46
N TYR A 83 -2.91 5.35 -6.97
CA TYR A 83 -4.31 5.75 -6.80
C TYR A 83 -4.83 6.43 -8.06
N SER A 84 -5.83 5.81 -8.69
CA SER A 84 -6.42 6.35 -9.90
C SER A 84 -7.32 7.54 -9.59
N GLU A 85 -7.80 8.20 -10.63
CA GLU A 85 -8.69 9.35 -10.46
C GLU A 85 -9.67 9.12 -9.33
N ILE A 86 -9.97 7.86 -9.05
CA ILE A 86 -10.89 7.50 -7.98
C ILE A 86 -10.15 7.24 -6.66
N ASP A 87 -9.31 6.20 -6.67
CA ASP A 87 -8.54 5.85 -5.47
C ASP A 87 -8.15 7.09 -4.70
N ARG A 88 -7.52 8.04 -5.38
CA ARG A 88 -7.08 9.29 -4.74
C ARG A 88 -8.19 9.87 -3.88
N ARG A 89 -9.37 10.06 -4.48
CA ARG A 89 -10.51 10.61 -3.76
C ARG A 89 -11.06 9.62 -2.74
N SER A 90 -10.75 8.34 -2.95
CA SER A 90 -11.21 7.29 -2.06
C SER A 90 -10.27 7.16 -0.86
N LEU A 91 -9.05 7.65 -1.00
CA LEU A 91 -8.06 7.60 0.06
C LEU A 91 -8.11 8.85 0.93
N GLU A 92 -8.20 10.01 0.27
CA GLU A 92 -8.25 11.28 0.97
C GLU A 92 -9.24 11.22 2.14
N SER A 93 -10.22 10.32 2.02
CA SER A 93 -11.23 10.16 3.06
C SER A 93 -10.66 9.46 4.29
N VAL A 94 -10.13 8.25 4.07
CA VAL A 94 -9.55 7.47 5.16
C VAL A 94 -8.65 8.33 6.03
N LEU A 95 -7.74 9.07 5.40
CA LEU A 95 -6.82 9.94 6.12
C LEU A 95 -7.58 11.01 6.91
N SER A 96 -8.71 11.45 6.35
CA SER A 96 -9.52 12.47 6.99
C SER A 96 -10.15 11.94 8.27
N ARG A 97 -10.52 10.66 8.26
CA ARG A 97 -11.13 10.02 9.42
C ARG A 97 -10.07 9.61 10.44
N LYS A 98 -8.93 9.15 9.93
CA LYS A 98 -7.83 8.72 10.80
C LYS A 98 -7.07 9.92 11.36
N LEU A 99 -6.37 10.63 10.48
CA LEU A 99 -5.60 11.80 10.89
C LEU A 99 -6.51 12.93 11.33
N ASN A 100 -6.65 13.10 12.64
CA ASN A 100 -7.50 14.15 13.19
C ASN A 100 -6.67 15.33 13.67
N GLY A 1 12.00 19.72 -5.58
CA GLY A 1 11.12 18.57 -5.56
C GLY A 1 11.30 17.66 -6.76
N SER A 2 10.38 16.72 -6.94
CA SER A 2 10.46 15.78 -8.04
C SER A 2 10.34 16.49 -9.38
N SER A 3 11.43 16.52 -10.14
CA SER A 3 11.44 17.18 -11.44
C SER A 3 11.09 16.18 -12.55
N GLY A 4 9.79 16.05 -12.82
CA GLY A 4 9.35 15.14 -13.86
C GLY A 4 8.02 14.48 -13.51
N SER A 5 6.93 15.16 -13.79
CA SER A 5 5.59 14.64 -13.51
C SER A 5 5.56 13.13 -13.71
N SER A 6 6.18 12.66 -14.79
CA SER A 6 6.20 11.23 -15.09
C SER A 6 6.81 10.45 -13.94
N GLY A 7 6.23 9.28 -13.66
CA GLY A 7 6.74 8.46 -12.58
C GLY A 7 6.37 6.99 -12.76
N THR A 8 7.06 6.12 -12.01
CA THR A 8 6.81 4.68 -12.10
C THR A 8 6.45 4.11 -10.74
N ILE A 9 6.26 2.79 -10.69
CA ILE A 9 5.91 2.11 -9.44
C ILE A 9 7.04 1.19 -9.00
N SER A 10 7.56 0.41 -9.93
CA SER A 10 8.64 -0.53 -9.64
C SER A 10 9.80 0.19 -8.96
N GLN A 11 9.95 1.48 -9.25
CA GLN A 11 11.03 2.28 -8.67
C GLN A 11 10.78 2.52 -7.19
N ARG A 12 9.50 2.57 -6.81
CA ARG A 12 9.14 2.81 -5.41
C ARG A 12 9.44 1.58 -4.56
N PRO A 13 9.72 1.81 -3.27
CA PRO A 13 10.03 0.74 -2.32
C PRO A 13 8.82 -0.13 -2.00
N TYR A 14 9.01 -1.44 -2.01
CA TYR A 14 7.94 -2.37 -1.73
C TYR A 14 7.02 -1.82 -0.64
N ARG A 15 7.56 -1.62 0.55
CA ARG A 15 6.79 -1.10 1.67
C ARG A 15 5.73 -0.12 1.19
N ASP A 16 6.16 1.06 0.77
CA ASP A 16 5.24 2.09 0.28
C ASP A 16 4.16 1.47 -0.60
N ARG A 17 4.58 0.74 -1.62
CA ARG A 17 3.64 0.09 -2.52
C ARG A 17 2.61 -0.73 -1.76
N VAL A 18 3.06 -1.40 -0.70
CA VAL A 18 2.19 -2.21 0.12
C VAL A 18 1.18 -1.36 0.88
N ILE A 19 1.69 -0.51 1.77
CA ILE A 19 0.84 0.37 2.56
C ILE A 19 -0.16 1.11 1.67
N HIS A 20 0.33 1.60 0.53
CA HIS A 20 -0.53 2.33 -0.40
C HIS A 20 -1.71 1.48 -0.84
N LEU A 21 -1.55 0.17 -0.76
CA LEU A 21 -2.62 -0.76 -1.14
C LEU A 21 -3.53 -1.07 0.04
N LEU A 22 -2.91 -1.29 1.21
CA LEU A 22 -3.67 -1.60 2.42
C LEU A 22 -4.49 -0.41 2.86
N ALA A 23 -3.96 0.79 2.64
CA ALA A 23 -4.66 2.01 3.02
C ALA A 23 -6.13 1.97 2.60
N LEU A 24 -6.36 1.95 1.29
CA LEU A 24 -7.72 1.90 0.77
C LEU A 24 -8.59 0.93 1.57
N LYS A 25 -8.08 -0.29 1.74
CA LYS A 25 -8.81 -1.31 2.49
C LYS A 25 -7.87 -2.43 2.94
N ALA A 26 -8.36 -3.30 3.81
CA ALA A 26 -7.56 -4.42 4.31
C ALA A 26 -7.32 -5.45 3.21
N TYR A 27 -6.07 -5.88 3.08
CA TYR A 27 -5.71 -6.87 2.07
C TYR A 27 -5.09 -8.11 2.72
N LYS A 28 -5.18 -9.23 2.02
CA LYS A 28 -4.63 -10.49 2.52
C LYS A 28 -3.25 -10.75 1.91
N LYS A 29 -2.37 -11.38 2.69
CA LYS A 29 -1.02 -11.69 2.23
C LYS A 29 -1.03 -12.04 0.74
N PRO A 30 -1.87 -13.02 0.36
CA PRO A 30 -1.99 -13.46 -1.03
C PRO A 30 -2.66 -12.42 -1.92
N GLU A 31 -3.81 -11.92 -1.47
CA GLU A 31 -4.54 -10.91 -2.22
C GLU A 31 -3.66 -9.70 -2.53
N LEU A 32 -3.23 -9.02 -1.48
CA LEU A 32 -2.37 -7.85 -1.63
C LEU A 32 -1.36 -8.05 -2.76
N LEU A 33 -0.77 -9.23 -2.81
CA LEU A 33 0.22 -9.56 -3.84
C LEU A 33 -0.40 -9.45 -5.23
N ALA A 34 -1.51 -10.14 -5.44
CA ALA A 34 -2.19 -10.12 -6.72
C ALA A 34 -2.26 -8.71 -7.28
N ARG A 35 -2.15 -7.72 -6.40
CA ARG A 35 -2.20 -6.33 -6.81
C ARG A 35 -0.81 -5.82 -7.18
N LEU A 36 0.21 -6.33 -6.49
CA LEU A 36 1.58 -5.92 -6.76
C LEU A 36 2.22 -6.81 -7.82
N GLN A 37 2.17 -8.12 -7.61
CA GLN A 37 2.73 -9.08 -8.55
C GLN A 37 2.53 -8.60 -9.99
N LYS A 38 1.30 -8.22 -10.31
CA LYS A 38 0.98 -7.74 -11.65
C LYS A 38 2.00 -6.71 -12.13
N ASP A 39 2.21 -5.68 -11.32
CA ASP A 39 3.16 -4.63 -11.66
C ASP A 39 4.59 -5.16 -11.65
N GLY A 40 4.79 -6.27 -10.95
CA GLY A 40 6.11 -6.87 -10.88
C GLY A 40 6.62 -6.97 -9.45
N VAL A 41 6.40 -8.12 -8.82
CA VAL A 41 6.84 -8.33 -7.45
C VAL A 41 8.12 -9.15 -7.40
N ASN A 42 9.12 -8.63 -6.70
CA ASN A 42 10.41 -9.32 -6.57
C ASN A 42 10.28 -10.54 -5.67
N GLN A 43 11.04 -11.59 -5.99
CA GLN A 43 11.01 -12.82 -5.20
C GLN A 43 11.50 -12.55 -3.77
N LYS A 44 12.72 -12.03 -3.65
CA LYS A 44 13.30 -11.73 -2.34
C LYS A 44 12.34 -10.89 -1.51
N ASP A 45 11.43 -10.19 -2.18
CA ASP A 45 10.46 -9.35 -1.49
C ASP A 45 9.19 -10.13 -1.16
N LYS A 46 8.77 -10.98 -2.09
CA LYS A 46 7.57 -11.80 -1.90
C LYS A 46 7.48 -12.30 -0.46
N ASN A 47 8.61 -12.77 0.06
CA ASN A 47 8.66 -13.28 1.43
C ASN A 47 8.66 -12.14 2.44
N SER A 48 9.40 -11.08 2.12
CA SER A 48 9.49 -9.92 3.00
C SER A 48 8.11 -9.33 3.25
N LEU A 49 7.26 -9.36 2.23
CA LEU A 49 5.92 -8.81 2.34
C LEU A 49 5.29 -9.17 3.68
N GLY A 50 5.17 -10.47 3.94
CA GLY A 50 4.58 -10.93 5.20
C GLY A 50 5.09 -10.14 6.39
N ALA A 51 6.40 -9.86 6.39
CA ALA A 51 7.01 -9.11 7.48
C ALA A 51 6.54 -7.66 7.50
N ILE A 52 6.56 -7.03 6.33
CA ILE A 52 6.12 -5.65 6.21
C ILE A 52 4.68 -5.47 6.68
N LEU A 53 3.81 -6.36 6.23
CA LEU A 53 2.40 -6.31 6.61
C LEU A 53 2.25 -6.12 8.11
N GLN A 54 3.15 -6.72 8.87
CA GLN A 54 3.12 -6.62 10.33
C GLN A 54 3.89 -5.39 10.81
N GLN A 55 4.74 -4.86 9.93
CA GLN A 55 5.54 -3.69 10.27
C GLN A 55 4.79 -2.40 9.94
N VAL A 56 3.83 -2.50 9.02
CA VAL A 56 3.04 -1.35 8.62
C VAL A 56 1.55 -1.62 8.79
N ALA A 57 1.18 -2.89 8.78
CA ALA A 57 -0.21 -3.29 8.94
C ALA A 57 -0.38 -4.26 10.10
N ASN A 58 -1.62 -4.65 10.37
CA ASN A 58 -1.92 -5.57 11.46
C ASN A 58 -2.80 -6.72 10.97
N LEU A 59 -2.39 -7.94 11.28
CA LEU A 59 -3.15 -9.12 10.88
C LEU A 59 -4.34 -9.34 11.79
N ASN A 60 -5.51 -9.57 11.20
CA ASN A 60 -6.73 -9.79 11.96
C ASN A 60 -7.19 -11.25 11.85
N SER A 61 -7.00 -12.01 12.93
CA SER A 61 -7.38 -13.41 12.95
C SER A 61 -8.81 -13.60 12.44
N LYS A 62 -9.65 -12.61 12.71
CA LYS A 62 -11.05 -12.66 12.28
C LYS A 62 -11.16 -13.15 10.84
N ASP A 63 -10.67 -12.34 9.91
CA ASP A 63 -10.72 -12.69 8.49
C ASP A 63 -9.31 -12.78 7.91
N LEU A 64 -8.35 -13.14 8.76
CA LEU A 64 -6.96 -13.26 8.33
C LEU A 64 -6.60 -12.16 7.34
N SER A 65 -7.21 -10.99 7.51
CA SER A 65 -6.95 -9.86 6.64
C SER A 65 -6.03 -8.85 7.31
N TYR A 66 -5.10 -8.30 6.53
CA TYR A 66 -4.16 -7.31 7.06
C TYR A 66 -4.70 -5.90 6.92
N THR A 67 -4.71 -5.16 8.02
CA THR A 67 -5.21 -3.79 8.02
C THR A 67 -4.08 -2.79 8.24
N LEU A 68 -3.96 -1.83 7.33
CA LEU A 68 -2.92 -0.81 7.41
C LEU A 68 -2.97 -0.09 8.76
N LYS A 69 -1.82 0.00 9.42
CA LYS A 69 -1.74 0.66 10.72
C LYS A 69 -2.35 2.06 10.65
N ASP A 70 -2.25 2.79 11.75
CA ASP A 70 -2.80 4.14 11.82
C ASP A 70 -1.70 5.18 11.56
N TYR A 71 -0.54 4.97 12.16
CA TYR A 71 0.58 5.89 11.99
C TYR A 71 1.09 5.88 10.55
N VAL A 72 1.16 4.68 9.98
CA VAL A 72 1.63 4.53 8.60
C VAL A 72 0.86 5.45 7.65
N PHE A 73 -0.39 5.72 7.98
CA PHE A 73 -1.24 6.57 7.17
C PHE A 73 -0.54 7.90 6.87
N LYS A 74 0.33 8.32 7.78
CA LYS A 74 1.07 9.56 7.62
C LYS A 74 2.24 9.39 6.66
N GLU A 75 2.78 8.17 6.61
CA GLU A 75 3.91 7.87 5.74
C GLU A 75 3.46 7.78 4.29
N LEU A 76 2.17 7.49 4.08
CA LEU A 76 1.62 7.38 2.73
C LEU A 76 1.98 8.60 1.90
N GLN A 77 1.58 8.58 0.62
CA GLN A 77 1.86 9.68 -0.28
C GLN A 77 0.62 10.08 -1.05
N ARG A 78 0.20 11.34 -0.89
CA ARG A 78 -0.98 11.85 -1.56
C ARG A 78 -0.78 11.87 -3.08
N ASP A 79 0.48 11.96 -3.49
CA ASP A 79 0.81 11.99 -4.91
C ASP A 79 1.18 10.59 -5.41
N TRP A 80 0.68 9.57 -4.72
CA TRP A 80 0.96 8.19 -5.10
C TRP A 80 0.40 7.88 -6.48
N PRO A 81 1.30 7.45 -7.39
CA PRO A 81 0.91 7.09 -8.77
C PRO A 81 0.07 5.83 -8.84
N GLY A 82 -0.16 5.22 -7.67
CA GLY A 82 -0.95 4.00 -7.63
C GLY A 82 -2.43 4.28 -7.46
N TYR A 83 -2.78 5.54 -7.19
CA TYR A 83 -4.17 5.92 -7.00
C TYR A 83 -4.71 6.63 -8.24
N SER A 84 -5.68 5.99 -8.90
CA SER A 84 -6.28 6.56 -10.10
C SER A 84 -7.20 7.73 -9.76
N GLU A 85 -7.86 8.28 -10.77
CA GLU A 85 -8.76 9.40 -10.57
C GLU A 85 -9.76 9.11 -9.44
N ILE A 86 -9.97 7.83 -9.17
CA ILE A 86 -10.89 7.41 -8.12
C ILE A 86 -10.14 7.13 -6.82
N ASP A 87 -9.25 6.14 -6.86
CA ASP A 87 -8.46 5.77 -5.68
C ASP A 87 -8.10 7.00 -4.87
N ARG A 88 -7.47 7.98 -5.53
CA ARG A 88 -7.06 9.21 -4.86
C ARG A 88 -8.18 9.75 -3.98
N ARG A 89 -9.35 9.95 -4.58
CA ARG A 89 -10.50 10.47 -3.86
C ARG A 89 -11.02 9.44 -2.85
N SER A 90 -10.70 8.17 -3.09
CA SER A 90 -11.13 7.10 -2.20
C SER A 90 -10.19 6.95 -1.01
N LEU A 91 -8.99 7.53 -1.14
CA LEU A 91 -8.00 7.46 -0.07
C LEU A 91 -8.11 8.67 0.85
N GLU A 92 -8.33 9.84 0.26
CA GLU A 92 -8.45 11.07 1.02
C GLU A 92 -9.45 10.90 2.17
N SER A 93 -10.28 9.87 2.06
CA SER A 93 -11.29 9.59 3.08
C SER A 93 -10.66 8.93 4.31
N VAL A 94 -10.23 7.68 4.13
CA VAL A 94 -9.62 6.94 5.22
C VAL A 94 -8.76 7.85 6.10
N LEU A 95 -7.75 8.46 5.50
CA LEU A 95 -6.85 9.36 6.22
C LEU A 95 -7.64 10.35 7.07
N SER A 96 -8.74 10.86 6.50
CA SER A 96 -9.59 11.82 7.21
C SER A 96 -10.28 11.16 8.41
N ARG A 97 -10.59 9.87 8.26
CA ARG A 97 -11.25 9.12 9.33
C ARG A 97 -10.24 8.65 10.37
N LYS A 98 -8.97 8.59 9.97
CA LYS A 98 -7.91 8.16 10.87
C LYS A 98 -7.16 9.36 11.46
N LEU A 99 -6.47 10.11 10.60
CA LEU A 99 -5.73 11.28 11.03
C LEU A 99 -6.66 12.32 11.66
N ASN A 100 -6.75 12.29 12.98
CA ASN A 100 -7.60 13.24 13.69
C ASN A 100 -7.07 14.66 13.56
N GLY A 1 6.84 14.15 -29.52
CA GLY A 1 6.20 14.15 -28.22
C GLY A 1 6.94 15.00 -27.21
N SER A 2 6.32 15.23 -26.06
CA SER A 2 6.93 16.03 -25.01
C SER A 2 7.02 15.24 -23.71
N SER A 3 8.24 14.77 -23.41
CA SER A 3 8.46 13.99 -22.19
C SER A 3 8.25 14.84 -20.95
N GLY A 4 6.98 14.96 -20.54
CA GLY A 4 6.65 15.75 -19.37
C GLY A 4 6.94 15.01 -18.07
N SER A 5 5.95 14.95 -17.20
CA SER A 5 6.10 14.27 -15.91
C SER A 5 6.30 12.78 -16.11
N SER A 6 7.30 12.22 -15.43
CA SER A 6 7.61 10.81 -15.53
C SER A 6 7.62 10.15 -14.15
N GLY A 7 7.17 8.90 -14.09
CA GLY A 7 7.13 8.18 -12.83
C GLY A 7 6.71 6.74 -13.00
N THR A 8 7.00 5.92 -12.00
CA THR A 8 6.65 4.51 -12.04
C THR A 8 6.50 3.94 -10.63
N ILE A 9 6.00 2.71 -10.55
CA ILE A 9 5.80 2.05 -9.26
C ILE A 9 7.07 1.34 -8.82
N SER A 10 7.71 0.63 -9.75
CA SER A 10 8.94 -0.10 -9.45
C SER A 10 9.91 0.78 -8.67
N GLN A 11 10.26 1.92 -9.24
CA GLN A 11 11.20 2.84 -8.61
C GLN A 11 10.87 2.99 -7.12
N ARG A 12 9.58 3.03 -6.79
CA ARG A 12 9.14 3.17 -5.41
C ARG A 12 9.48 1.92 -4.61
N PRO A 13 9.70 2.11 -3.29
CA PRO A 13 10.03 1.00 -2.39
C PRO A 13 8.84 0.06 -2.15
N TYR A 14 9.14 -1.22 -1.98
CA TYR A 14 8.10 -2.22 -1.74
C TYR A 14 7.14 -1.76 -0.64
N ARG A 15 7.67 -1.61 0.57
CA ARG A 15 6.86 -1.18 1.70
C ARG A 15 5.77 -0.20 1.25
N ASP A 16 6.19 0.90 0.62
CA ASP A 16 5.25 1.90 0.15
C ASP A 16 4.14 1.27 -0.67
N ARG A 17 4.52 0.52 -1.69
CA ARG A 17 3.55 -0.15 -2.57
C ARG A 17 2.59 -1.01 -1.74
N VAL A 18 3.09 -1.55 -0.63
CA VAL A 18 2.28 -2.39 0.23
C VAL A 18 1.23 -1.57 0.98
N ILE A 19 1.70 -0.61 1.77
CA ILE A 19 0.81 0.25 2.53
C ILE A 19 -0.16 0.99 1.62
N HIS A 20 0.34 1.46 0.48
CA HIS A 20 -0.49 2.18 -0.48
C HIS A 20 -1.67 1.33 -0.92
N LEU A 21 -1.52 0.02 -0.81
CA LEU A 21 -2.59 -0.91 -1.20
C LEU A 21 -3.51 -1.21 -0.02
N LEU A 22 -2.91 -1.48 1.13
CA LEU A 22 -3.68 -1.79 2.34
C LEU A 22 -4.53 -0.59 2.75
N ALA A 23 -4.00 0.61 2.53
CA ALA A 23 -4.71 1.83 2.88
C ALA A 23 -6.16 1.77 2.41
N LEU A 24 -6.35 1.69 1.10
CA LEU A 24 -7.70 1.64 0.52
C LEU A 24 -8.58 0.65 1.29
N LYS A 25 -8.06 -0.55 1.51
CA LYS A 25 -8.79 -1.58 2.23
C LYS A 25 -7.85 -2.69 2.72
N ALA A 26 -8.39 -3.60 3.52
CA ALA A 26 -7.60 -4.70 4.04
C ALA A 26 -7.26 -5.70 2.95
N TYR A 27 -5.99 -6.12 2.90
CA TYR A 27 -5.55 -7.08 1.90
C TYR A 27 -4.85 -8.27 2.55
N LYS A 28 -5.12 -9.46 2.02
CA LYS A 28 -4.51 -10.68 2.55
C LYS A 28 -3.12 -10.90 1.96
N LYS A 29 -2.26 -11.58 2.73
CA LYS A 29 -0.91 -11.85 2.28
C LYS A 29 -0.87 -12.15 0.78
N PRO A 30 -1.67 -13.13 0.35
CA PRO A 30 -1.75 -13.52 -1.06
C PRO A 30 -2.42 -12.46 -1.92
N GLU A 31 -3.59 -12.01 -1.47
CA GLU A 31 -4.34 -10.99 -2.21
C GLU A 31 -3.46 -9.76 -2.49
N LEU A 32 -3.03 -9.09 -1.43
CA LEU A 32 -2.19 -7.90 -1.57
C LEU A 32 -1.21 -8.08 -2.71
N LEU A 33 -0.54 -9.22 -2.76
CA LEU A 33 0.44 -9.51 -3.80
C LEU A 33 -0.19 -9.35 -5.18
N ALA A 34 -1.25 -10.12 -5.43
CA ALA A 34 -1.95 -10.07 -6.72
C ALA A 34 -1.92 -8.66 -7.30
N ARG A 35 -2.13 -7.67 -6.44
CA ARG A 35 -2.13 -6.27 -6.87
C ARG A 35 -0.73 -5.83 -7.29
N LEU A 36 0.26 -6.17 -6.47
CA LEU A 36 1.65 -5.80 -6.76
C LEU A 36 2.22 -6.66 -7.88
N GLN A 37 2.21 -7.98 -7.67
CA GLN A 37 2.72 -8.92 -8.66
C GLN A 37 2.33 -8.48 -10.07
N LYS A 38 1.15 -7.88 -10.20
CA LYS A 38 0.67 -7.42 -11.49
C LYS A 38 1.72 -6.57 -12.20
N ASP A 39 2.27 -5.59 -11.49
CA ASP A 39 3.29 -4.72 -12.06
C ASP A 39 4.66 -5.38 -11.99
N GLY A 40 4.85 -6.24 -10.99
CA GLY A 40 6.12 -6.93 -10.84
C GLY A 40 6.57 -6.99 -9.39
N VAL A 41 6.72 -8.20 -8.86
CA VAL A 41 7.14 -8.40 -7.48
C VAL A 41 8.37 -9.30 -7.41
N ASN A 42 9.41 -8.81 -6.74
CA ASN A 42 10.64 -9.57 -6.59
C ASN A 42 10.44 -10.77 -5.66
N GLN A 43 11.24 -11.82 -5.87
CA GLN A 43 11.15 -13.01 -5.05
C GLN A 43 11.61 -12.73 -3.61
N LYS A 44 12.76 -12.08 -3.49
CA LYS A 44 13.30 -11.75 -2.18
C LYS A 44 12.34 -10.87 -1.39
N ASP A 45 11.47 -10.17 -2.11
CA ASP A 45 10.49 -9.29 -1.47
C ASP A 45 9.21 -10.04 -1.16
N LYS A 46 8.90 -11.04 -1.99
CA LYS A 46 7.69 -11.84 -1.80
C LYS A 46 7.56 -12.29 -0.35
N ASN A 47 8.58 -12.98 0.15
CA ASN A 47 8.58 -13.47 1.52
C ASN A 47 8.66 -12.31 2.51
N SER A 48 9.49 -11.31 2.18
CA SER A 48 9.66 -10.16 3.05
C SER A 48 8.33 -9.43 3.26
N LEU A 49 7.43 -9.57 2.29
CA LEU A 49 6.12 -8.94 2.37
C LEU A 49 5.44 -9.24 3.71
N GLY A 50 5.24 -10.53 3.97
CA GLY A 50 4.61 -10.93 5.23
C GLY A 50 5.10 -10.13 6.41
N ALA A 51 6.37 -9.75 6.38
CA ALA A 51 6.97 -8.97 7.46
C ALA A 51 6.48 -7.53 7.43
N ILE A 52 6.55 -6.91 6.26
CA ILE A 52 6.11 -5.53 6.10
C ILE A 52 4.66 -5.35 6.56
N LEU A 53 3.82 -6.30 6.18
CA LEU A 53 2.40 -6.26 6.55
C LEU A 53 2.24 -6.10 8.07
N GLN A 54 3.11 -6.76 8.82
CA GLN A 54 3.07 -6.70 10.28
C GLN A 54 3.83 -5.48 10.78
N GLN A 55 4.58 -4.84 9.90
CA GLN A 55 5.37 -3.66 10.26
C GLN A 55 4.61 -2.38 9.95
N VAL A 56 3.67 -2.47 9.01
CA VAL A 56 2.86 -1.32 8.61
C VAL A 56 1.38 -1.61 8.78
N ALA A 57 1.02 -2.89 8.75
CA ALA A 57 -0.37 -3.30 8.89
C ALA A 57 -0.54 -4.29 10.04
N ASN A 58 -1.78 -4.68 10.30
CA ASN A 58 -2.07 -5.62 11.39
C ASN A 58 -2.92 -6.78 10.87
N LEU A 59 -2.50 -8.00 11.20
CA LEU A 59 -3.21 -9.20 10.78
C LEU A 59 -4.44 -9.45 11.66
N ASN A 60 -5.57 -9.75 11.04
CA ASN A 60 -6.80 -10.01 11.77
C ASN A 60 -7.18 -11.49 11.69
N SER A 61 -6.63 -12.28 12.61
CA SER A 61 -6.90 -13.72 12.65
C SER A 61 -8.35 -14.00 12.27
N LYS A 62 -9.23 -13.05 12.58
CA LYS A 62 -10.65 -13.20 12.28
C LYS A 62 -10.85 -13.58 10.81
N ASP A 63 -10.39 -12.73 9.91
CA ASP A 63 -10.51 -12.97 8.48
C ASP A 63 -9.14 -13.14 7.83
N LEU A 64 -8.13 -13.29 8.66
CA LEU A 64 -6.76 -13.48 8.17
C LEU A 64 -6.39 -12.37 7.19
N SER A 65 -7.05 -11.21 7.33
CA SER A 65 -6.79 -10.08 6.46
C SER A 65 -5.92 -9.04 7.16
N TYR A 66 -5.00 -8.44 6.42
CA TYR A 66 -4.10 -7.43 6.97
C TYR A 66 -4.68 -6.04 6.80
N THR A 67 -4.76 -5.29 7.89
CA THR A 67 -5.29 -3.93 7.85
C THR A 67 -4.20 -2.90 8.09
N LEU A 68 -4.07 -1.96 7.17
CA LEU A 68 -3.05 -0.91 7.28
C LEU A 68 -3.16 -0.19 8.62
N LYS A 69 -2.05 -0.08 9.31
CA LYS A 69 -2.01 0.60 10.61
C LYS A 69 -2.66 1.98 10.52
N ASP A 70 -2.60 2.73 11.62
CA ASP A 70 -3.18 4.06 11.67
C ASP A 70 -2.11 5.12 11.43
N TYR A 71 -0.94 4.92 12.02
CA TYR A 71 0.16 5.87 11.87
C TYR A 71 0.70 5.86 10.44
N VAL A 72 0.89 4.67 9.89
CA VAL A 72 1.39 4.52 8.53
C VAL A 72 0.64 5.44 7.57
N PHE A 73 -0.63 5.66 7.86
CA PHE A 73 -1.47 6.52 7.01
C PHE A 73 -0.77 7.84 6.73
N LYS A 74 -0.01 8.32 7.71
CA LYS A 74 0.71 9.58 7.58
C LYS A 74 1.89 9.44 6.63
N GLU A 75 2.46 8.23 6.58
CA GLU A 75 3.60 7.96 5.71
C GLU A 75 3.17 7.88 4.25
N LEU A 76 1.92 7.48 4.03
CA LEU A 76 1.38 7.35 2.68
C LEU A 76 1.71 8.59 1.85
N GLN A 77 1.50 8.49 0.54
CA GLN A 77 1.78 9.60 -0.37
C GLN A 77 0.53 10.02 -1.12
N ARG A 78 0.08 11.25 -0.87
CA ARG A 78 -1.12 11.77 -1.51
C ARG A 78 -0.96 11.77 -3.04
N ASP A 79 0.28 11.89 -3.50
CA ASP A 79 0.57 11.89 -4.92
C ASP A 79 0.98 10.50 -5.40
N TRP A 80 0.39 9.48 -4.79
CA TRP A 80 0.69 8.10 -5.15
C TRP A 80 0.06 7.74 -6.49
N PRO A 81 0.89 7.31 -7.45
CA PRO A 81 0.44 6.93 -8.79
C PRO A 81 -0.38 5.64 -8.78
N GLY A 82 -0.45 5.00 -7.61
CA GLY A 82 -1.20 3.76 -7.50
C GLY A 82 -2.69 4.00 -7.30
N TYR A 83 -3.03 5.20 -6.88
CA TYR A 83 -4.43 5.56 -6.65
C TYR A 83 -5.07 6.12 -7.92
N SER A 84 -6.04 5.39 -8.47
CA SER A 84 -6.72 5.80 -9.68
C SER A 84 -7.69 6.95 -9.39
N GLU A 85 -8.36 7.43 -10.44
CA GLU A 85 -9.30 8.53 -10.30
C GLU A 85 -10.26 8.28 -9.14
N ILE A 86 -10.35 7.02 -8.72
CA ILE A 86 -11.23 6.65 -7.61
C ILE A 86 -10.45 6.56 -6.30
N ASP A 87 -9.55 5.58 -6.22
CA ASP A 87 -8.74 5.39 -5.02
C ASP A 87 -8.42 6.74 -4.37
N ARG A 88 -7.81 7.63 -5.14
CA ARG A 88 -7.44 8.95 -4.65
C ARG A 88 -8.57 9.56 -3.82
N ARG A 89 -9.75 9.63 -4.42
CA ARG A 89 -10.92 10.19 -3.75
C ARG A 89 -11.39 9.27 -2.62
N SER A 90 -10.99 8.01 -2.69
CA SER A 90 -11.37 7.02 -1.68
C SER A 90 -10.37 7.02 -0.53
N LEU A 91 -9.18 7.54 -0.78
CA LEU A 91 -8.14 7.59 0.24
C LEU A 91 -8.18 8.91 1.00
N GLU A 92 -8.20 10.01 0.26
CA GLU A 92 -8.25 11.34 0.86
C GLU A 92 -9.04 11.32 2.16
N SER A 93 -10.20 10.66 2.12
CA SER A 93 -11.07 10.57 3.29
C SER A 93 -10.39 9.78 4.41
N VAL A 94 -10.10 8.51 4.12
CA VAL A 94 -9.46 7.64 5.10
C VAL A 94 -8.48 8.41 5.97
N LEU A 95 -7.47 9.01 5.33
CA LEU A 95 -6.47 9.79 6.04
C LEU A 95 -7.12 10.73 7.05
N SER A 96 -8.22 11.35 6.64
CA SER A 96 -8.94 12.28 7.51
C SER A 96 -9.68 11.52 8.61
N ARG A 97 -10.42 10.50 8.22
CA ARG A 97 -11.18 9.70 9.16
C ARG A 97 -10.28 9.16 10.28
N LYS A 98 -9.03 8.87 9.92
CA LYS A 98 -8.07 8.35 10.88
C LYS A 98 -7.35 9.49 11.61
N LEU A 99 -6.67 10.33 10.85
CA LEU A 99 -5.95 11.46 11.43
C LEU A 99 -6.91 12.44 12.10
N ASN A 100 -7.09 12.28 13.41
CA ASN A 100 -7.98 13.14 14.17
C ASN A 100 -7.22 14.34 14.73
N GLY A 1 15.64 22.44 -8.07
CA GLY A 1 14.85 22.21 -9.27
C GLY A 1 13.52 21.55 -8.98
N SER A 2 13.56 20.43 -8.26
CA SER A 2 12.35 19.71 -7.92
C SER A 2 11.51 19.42 -9.16
N SER A 3 12.16 18.87 -10.18
CA SER A 3 11.48 18.55 -11.44
C SER A 3 10.88 17.15 -11.38
N GLY A 4 11.63 16.20 -10.83
CA GLY A 4 11.15 14.84 -10.72
C GLY A 4 10.77 14.25 -12.06
N SER A 5 11.77 13.84 -12.84
CA SER A 5 11.54 13.26 -14.16
C SER A 5 11.30 11.76 -14.06
N SER A 6 10.51 11.35 -13.07
CA SER A 6 10.20 9.94 -12.87
C SER A 6 8.87 9.78 -12.16
N GLY A 7 7.97 9.01 -12.78
CA GLY A 7 6.66 8.78 -12.20
C GLY A 7 6.22 7.33 -12.31
N THR A 8 7.05 6.42 -11.81
CA THR A 8 6.75 5.00 -11.86
C THR A 8 6.59 4.42 -10.46
N ILE A 9 6.04 3.21 -10.39
CA ILE A 9 5.84 2.55 -9.10
C ILE A 9 7.08 1.79 -8.66
N SER A 10 7.70 1.09 -9.61
CA SER A 10 8.91 0.32 -9.33
C SER A 10 9.89 1.14 -8.49
N GLN A 11 10.30 2.29 -9.02
CA GLN A 11 11.24 3.16 -8.33
C GLN A 11 10.87 3.28 -6.85
N ARG A 12 9.57 3.21 -6.56
CA ARG A 12 9.09 3.32 -5.19
C ARG A 12 9.43 2.05 -4.39
N PRO A 13 9.63 2.22 -3.08
CA PRO A 13 9.95 1.10 -2.19
C PRO A 13 8.76 0.15 -2.00
N TYR A 14 9.06 -1.12 -1.77
CA TYR A 14 8.03 -2.13 -1.57
C TYR A 14 7.05 -1.69 -0.48
N ARG A 15 7.55 -1.58 0.75
CA ARG A 15 6.73 -1.16 1.87
C ARG A 15 5.66 -0.16 1.43
N ASP A 16 6.08 0.84 0.69
CA ASP A 16 5.16 1.87 0.20
C ASP A 16 4.03 1.25 -0.63
N ARG A 17 4.40 0.54 -1.69
CA ARG A 17 3.43 -0.11 -2.56
C ARG A 17 2.49 -0.99 -1.74
N VAL A 18 2.98 -1.51 -0.63
CA VAL A 18 2.18 -2.37 0.24
C VAL A 18 1.20 -1.55 1.06
N ILE A 19 1.73 -0.64 1.87
CA ILE A 19 0.90 0.21 2.72
C ILE A 19 -0.13 0.97 1.88
N HIS A 20 0.31 1.48 0.74
CA HIS A 20 -0.58 2.23 -0.14
C HIS A 20 -1.79 1.39 -0.54
N LEU A 21 -1.59 0.08 -0.62
CA LEU A 21 -2.68 -0.84 -0.99
C LEU A 21 -3.51 -1.20 0.22
N LEU A 22 -2.85 -1.41 1.36
CA LEU A 22 -3.55 -1.77 2.59
C LEU A 22 -4.38 -0.61 3.10
N ALA A 23 -3.97 0.61 2.77
CA ALA A 23 -4.69 1.81 3.19
C ALA A 23 -6.16 1.73 2.80
N LEU A 24 -6.43 1.85 1.51
CA LEU A 24 -7.80 1.78 1.01
C LEU A 24 -8.62 0.75 1.78
N LYS A 25 -8.02 -0.42 2.01
CA LYS A 25 -8.70 -1.48 2.74
C LYS A 25 -7.72 -2.60 3.10
N ALA A 26 -8.15 -3.49 3.98
CA ALA A 26 -7.31 -4.60 4.42
C ALA A 26 -7.11 -5.61 3.29
N TYR A 27 -5.89 -6.10 3.15
CA TYR A 27 -5.57 -7.07 2.12
C TYR A 27 -4.90 -8.31 2.72
N LYS A 28 -5.06 -9.45 2.05
CA LYS A 28 -4.48 -10.70 2.51
C LYS A 28 -3.11 -10.93 1.88
N LYS A 29 -2.23 -11.60 2.61
CA LYS A 29 -0.89 -11.88 2.12
C LYS A 29 -0.90 -12.18 0.63
N PRO A 30 -1.74 -13.15 0.22
CA PRO A 30 -1.87 -13.54 -1.19
C PRO A 30 -2.56 -12.47 -2.03
N GLU A 31 -3.70 -12.00 -1.55
CA GLU A 31 -4.46 -10.97 -2.26
C GLU A 31 -3.58 -9.75 -2.54
N LEU A 32 -3.15 -9.09 -1.46
CA LEU A 32 -2.30 -7.91 -1.58
C LEU A 32 -1.32 -8.05 -2.74
N LEU A 33 -0.69 -9.22 -2.83
CA LEU A 33 0.27 -9.49 -3.89
C LEU A 33 -0.37 -9.32 -5.27
N ALA A 34 -1.43 -10.08 -5.52
CA ALA A 34 -2.14 -10.02 -6.80
C ALA A 34 -2.16 -8.59 -7.33
N ARG A 35 -2.18 -7.62 -6.42
CA ARG A 35 -2.21 -6.22 -6.81
C ARG A 35 -0.82 -5.74 -7.22
N LEU A 36 0.18 -6.09 -6.43
CA LEU A 36 1.55 -5.69 -6.70
C LEU A 36 2.14 -6.52 -7.85
N GLN A 37 2.06 -7.84 -7.72
CA GLN A 37 2.58 -8.74 -8.74
C GLN A 37 2.18 -8.26 -10.14
N LYS A 38 1.02 -7.61 -10.23
CA LYS A 38 0.53 -7.10 -11.50
C LYS A 38 1.56 -6.22 -12.18
N ASP A 39 2.03 -5.20 -11.45
CA ASP A 39 3.03 -4.28 -11.98
C ASP A 39 4.41 -4.90 -11.93
N GLY A 40 4.60 -5.86 -11.01
CA GLY A 40 5.89 -6.51 -10.88
C GLY A 40 6.33 -6.61 -9.43
N VAL A 41 6.51 -7.84 -8.95
CA VAL A 41 6.93 -8.07 -7.58
C VAL A 41 8.13 -9.01 -7.53
N ASN A 42 9.24 -8.52 -6.98
CA ASN A 42 10.46 -9.30 -6.86
C ASN A 42 10.26 -10.48 -5.92
N GLN A 43 11.05 -11.53 -6.13
CA GLN A 43 10.96 -12.73 -5.30
C GLN A 43 11.43 -12.44 -3.88
N LYS A 44 12.58 -11.77 -3.76
CA LYS A 44 13.13 -11.43 -2.46
C LYS A 44 12.14 -10.62 -1.63
N ASP A 45 11.20 -9.97 -2.31
CA ASP A 45 10.18 -9.18 -1.63
C ASP A 45 8.98 -10.03 -1.25
N LYS A 46 8.65 -11.00 -2.10
CA LYS A 46 7.53 -11.89 -1.85
C LYS A 46 7.58 -12.44 -0.43
N ASN A 47 8.79 -12.68 0.06
CA ASN A 47 8.97 -13.22 1.40
C ASN A 47 9.01 -12.10 2.43
N SER A 48 9.61 -10.97 2.06
CA SER A 48 9.72 -9.83 2.96
C SER A 48 8.38 -9.12 3.09
N LEU A 49 7.40 -9.54 2.28
CA LEU A 49 6.07 -8.95 2.30
C LEU A 49 5.35 -9.28 3.61
N GLY A 50 5.39 -10.55 4.00
CA GLY A 50 4.74 -10.97 5.22
C GLY A 50 5.25 -10.21 6.44
N ALA A 51 6.54 -9.87 6.41
CA ALA A 51 7.14 -9.14 7.52
C ALA A 51 6.65 -7.69 7.56
N ILE A 52 6.58 -7.07 6.38
CA ILE A 52 6.13 -5.69 6.28
C ILE A 52 4.68 -5.55 6.71
N LEU A 53 3.82 -6.43 6.19
CA LEU A 53 2.40 -6.40 6.52
C LEU A 53 2.20 -6.26 8.02
N GLN A 54 3.11 -6.84 8.80
CA GLN A 54 3.03 -6.78 10.25
C GLN A 54 3.75 -5.55 10.78
N GLN A 55 4.63 -4.99 9.97
CA GLN A 55 5.39 -3.80 10.36
C GLN A 55 4.61 -2.53 10.07
N VAL A 56 3.69 -2.62 9.12
CA VAL A 56 2.87 -1.47 8.74
C VAL A 56 1.39 -1.78 8.92
N ALA A 57 1.03 -3.05 8.86
CA ALA A 57 -0.35 -3.47 9.02
C ALA A 57 -0.50 -4.47 10.16
N ASN A 58 -1.73 -4.87 10.43
CA ASN A 58 -2.00 -5.82 11.51
C ASN A 58 -2.83 -7.00 10.99
N LEU A 59 -2.40 -8.21 11.32
CA LEU A 59 -3.11 -9.42 10.90
C LEU A 59 -4.32 -9.68 11.79
N ASN A 60 -5.45 -9.97 11.16
CA ASN A 60 -6.68 -10.24 11.88
C ASN A 60 -7.06 -11.72 11.79
N SER A 61 -6.56 -12.51 12.75
CA SER A 61 -6.83 -13.94 12.77
C SER A 61 -8.26 -14.23 12.32
N LYS A 62 -9.16 -13.29 12.58
CA LYS A 62 -10.56 -13.44 12.20
C LYS A 62 -10.68 -13.92 10.76
N ASP A 63 -10.26 -13.07 9.82
CA ASP A 63 -10.32 -13.41 8.40
C ASP A 63 -8.92 -13.46 7.80
N LEU A 64 -7.91 -13.59 8.65
CA LEU A 64 -6.53 -13.65 8.20
C LEU A 64 -6.22 -12.50 7.24
N SER A 65 -6.85 -11.36 7.47
CA SER A 65 -6.64 -10.19 6.62
C SER A 65 -5.74 -9.17 7.32
N TYR A 66 -4.88 -8.53 6.53
CA TYR A 66 -3.96 -7.53 7.07
C TYR A 66 -4.53 -6.13 6.93
N THR A 67 -4.72 -5.45 8.06
CA THR A 67 -5.27 -4.10 8.07
C THR A 67 -4.17 -3.06 8.30
N LEU A 68 -4.07 -2.11 7.38
CA LEU A 68 -3.06 -1.07 7.49
C LEU A 68 -3.15 -0.34 8.83
N LYS A 69 -2.02 -0.24 9.52
CA LYS A 69 -1.97 0.43 10.81
C LYS A 69 -2.60 1.82 10.73
N ASP A 70 -2.58 2.53 11.86
CA ASP A 70 -3.14 3.88 11.91
C ASP A 70 -2.05 4.94 11.74
N TYR A 71 -0.87 4.66 12.30
CA TYR A 71 0.25 5.58 12.22
C TYR A 71 0.80 5.64 10.80
N VAL A 72 0.88 4.47 10.16
CA VAL A 72 1.40 4.39 8.80
C VAL A 72 0.64 5.31 7.86
N PHE A 73 -0.63 5.56 8.18
CA PHE A 73 -1.47 6.44 7.36
C PHE A 73 -0.76 7.76 7.10
N LYS A 74 0.08 8.18 8.04
CA LYS A 74 0.81 9.43 7.92
C LYS A 74 1.96 9.29 6.92
N GLU A 75 2.56 8.10 6.88
CA GLU A 75 3.66 7.84 5.97
C GLU A 75 3.20 7.87 4.52
N LEU A 76 1.99 7.36 4.28
CA LEU A 76 1.42 7.31 2.94
C LEU A 76 1.73 8.61 2.18
N GLN A 77 1.62 8.56 0.86
CA GLN A 77 1.88 9.73 0.02
C GLN A 77 0.64 10.10 -0.78
N ARG A 78 -0.03 11.17 -0.36
CA ARG A 78 -1.23 11.64 -1.03
C ARG A 78 -1.01 11.72 -2.54
N ASP A 79 0.24 11.92 -2.94
CA ASP A 79 0.60 12.01 -4.36
C ASP A 79 0.99 10.64 -4.90
N TRP A 80 0.46 9.59 -4.31
CA TRP A 80 0.75 8.23 -4.73
C TRP A 80 0.14 7.95 -6.11
N PRO A 81 1.01 7.78 -7.12
CA PRO A 81 0.59 7.51 -8.50
C PRO A 81 -0.01 6.11 -8.64
N GLY A 82 -0.08 5.37 -7.54
CA GLY A 82 -0.63 4.03 -7.57
C GLY A 82 -2.11 4.00 -7.23
N TYR A 83 -2.77 5.14 -7.38
CA TYR A 83 -4.19 5.24 -7.07
C TYR A 83 -4.97 5.74 -8.28
N SER A 84 -5.85 4.89 -8.80
CA SER A 84 -6.67 5.24 -9.96
C SER A 84 -7.61 6.40 -9.64
N GLU A 85 -8.21 6.95 -10.68
CA GLU A 85 -9.14 8.07 -10.51
C GLU A 85 -9.94 7.92 -9.22
N ILE A 86 -10.25 6.68 -8.86
CA ILE A 86 -11.02 6.40 -7.66
C ILE A 86 -10.10 6.20 -6.46
N ASP A 87 -9.23 5.19 -6.54
CA ASP A 87 -8.30 4.90 -5.46
C ASP A 87 -7.91 6.18 -4.72
N ARG A 88 -7.56 7.21 -5.48
CA ARG A 88 -7.16 8.49 -4.89
C ARG A 88 -8.31 9.10 -4.09
N ARG A 89 -9.35 9.51 -4.79
CA ARG A 89 -10.51 10.11 -4.13
C ARG A 89 -11.09 9.18 -3.08
N SER A 90 -10.65 7.93 -3.10
CA SER A 90 -11.13 6.93 -2.14
C SER A 90 -10.23 6.90 -0.90
N LEU A 91 -9.01 7.38 -1.06
CA LEU A 91 -8.05 7.41 0.05
C LEU A 91 -8.12 8.74 0.79
N GLU A 92 -8.22 9.84 0.05
CA GLU A 92 -8.31 11.16 0.63
C GLU A 92 -9.24 11.17 1.84
N SER A 93 -10.21 10.26 1.83
CA SER A 93 -11.18 10.16 2.91
C SER A 93 -10.54 9.54 4.15
N VAL A 94 -10.00 8.33 3.99
CA VAL A 94 -9.37 7.63 5.09
C VAL A 94 -8.48 8.56 5.91
N LEU A 95 -7.48 9.15 5.26
CA LEU A 95 -6.57 10.07 5.92
C LEU A 95 -7.34 11.16 6.66
N SER A 96 -8.43 11.62 6.06
CA SER A 96 -9.25 12.66 6.66
C SER A 96 -9.95 12.14 7.92
N ARG A 97 -10.32 10.87 7.90
CA ARG A 97 -11.01 10.25 9.03
C ARG A 97 -10.02 9.96 10.16
N LYS A 98 -8.93 9.27 9.83
CA LYS A 98 -7.91 8.93 10.82
C LYS A 98 -7.24 10.18 11.36
N LEU A 99 -6.51 10.88 10.49
CA LEU A 99 -5.82 12.10 10.88
C LEU A 99 -6.82 13.20 11.27
N ASN A 100 -7.13 13.27 12.56
CA ASN A 100 -8.06 14.27 13.07
C ASN A 100 -7.40 15.64 13.13
N GLY A 1 1.65 26.14 -14.42
CA GLY A 1 1.60 24.75 -14.02
C GLY A 1 2.72 23.93 -14.62
N SER A 2 3.19 22.94 -13.87
CA SER A 2 4.28 22.08 -14.33
C SER A 2 3.82 20.63 -14.41
N SER A 3 3.71 20.12 -15.63
CA SER A 3 3.28 18.74 -15.85
C SER A 3 4.18 18.05 -16.88
N GLY A 4 4.81 16.96 -16.46
CA GLY A 4 5.69 16.22 -17.36
C GLY A 4 6.81 15.54 -16.62
N SER A 5 6.50 14.96 -15.46
CA SER A 5 7.51 14.27 -14.66
C SER A 5 7.23 12.77 -14.60
N SER A 6 8.28 11.98 -14.61
CA SER A 6 8.15 10.53 -14.56
C SER A 6 7.23 10.10 -13.42
N GLY A 7 7.01 8.80 -13.30
CA GLY A 7 6.16 8.29 -12.24
C GLY A 7 5.91 6.80 -12.36
N THR A 8 6.88 6.00 -11.93
CA THR A 8 6.76 4.54 -12.00
C THR A 8 6.48 3.94 -10.62
N ILE A 9 6.09 2.68 -10.60
CA ILE A 9 5.79 1.99 -9.35
C ILE A 9 7.00 1.20 -8.86
N SER A 10 7.69 0.55 -9.79
CA SER A 10 8.87 -0.23 -9.44
C SER A 10 9.90 0.61 -8.70
N GLN A 11 10.20 1.79 -9.25
CA GLN A 11 11.16 2.70 -8.64
C GLN A 11 10.85 2.91 -7.16
N ARG A 12 9.56 2.91 -6.82
CA ARG A 12 9.14 3.11 -5.45
C ARG A 12 9.46 1.89 -4.60
N PRO A 13 9.67 2.10 -3.30
CA PRO A 13 9.99 1.03 -2.35
C PRO A 13 8.81 0.10 -2.11
N TYR A 14 9.10 -1.19 -1.96
CA TYR A 14 8.05 -2.18 -1.73
C TYR A 14 7.09 -1.72 -0.63
N ARG A 15 7.61 -1.55 0.58
CA ARG A 15 6.80 -1.11 1.71
C ARG A 15 5.71 -0.16 1.25
N ASP A 16 6.11 0.95 0.60
CA ASP A 16 5.15 1.93 0.11
C ASP A 16 4.06 1.27 -0.73
N ARG A 17 4.49 0.47 -1.71
CA ARG A 17 3.55 -0.22 -2.59
C ARG A 17 2.59 -1.09 -1.77
N VAL A 18 3.07 -1.61 -0.65
CA VAL A 18 2.26 -2.46 0.22
C VAL A 18 1.22 -1.64 0.98
N ILE A 19 1.71 -0.68 1.76
CA ILE A 19 0.82 0.18 2.54
C ILE A 19 -0.17 0.91 1.64
N HIS A 20 0.33 1.47 0.55
CA HIS A 20 -0.51 2.20 -0.39
C HIS A 20 -1.70 1.34 -0.83
N LEU A 21 -1.53 0.03 -0.73
CA LEU A 21 -2.59 -0.90 -1.13
C LEU A 21 -3.50 -1.21 0.06
N LEU A 22 -2.89 -1.57 1.19
CA LEU A 22 -3.65 -1.90 2.40
C LEU A 22 -4.46 -0.70 2.86
N ALA A 23 -3.98 0.50 2.57
CA ALA A 23 -4.68 1.72 2.96
C ALA A 23 -6.13 1.69 2.51
N LEU A 24 -6.35 1.74 1.20
CA LEU A 24 -7.69 1.71 0.64
C LEU A 24 -8.57 0.70 1.37
N LYS A 25 -8.03 -0.51 1.57
CA LYS A 25 -8.76 -1.56 2.25
C LYS A 25 -7.81 -2.66 2.73
N ALA A 26 -8.30 -3.53 3.59
CA ALA A 26 -7.50 -4.63 4.11
C ALA A 26 -7.21 -5.66 3.02
N TYR A 27 -5.96 -6.14 2.98
CA TYR A 27 -5.56 -7.13 1.99
C TYR A 27 -4.88 -8.32 2.66
N LYS A 28 -5.11 -9.50 2.11
CA LYS A 28 -4.53 -10.73 2.65
C LYS A 28 -3.15 -10.99 2.02
N LYS A 29 -2.28 -11.64 2.78
CA LYS A 29 -0.95 -11.97 2.30
C LYS A 29 -0.96 -12.30 0.82
N PRO A 30 -1.81 -13.27 0.44
CA PRO A 30 -1.95 -13.71 -0.96
C PRO A 30 -2.61 -12.65 -1.83
N GLU A 31 -3.75 -12.13 -1.36
CA GLU A 31 -4.48 -11.12 -2.11
C GLU A 31 -3.59 -9.91 -2.41
N LEU A 32 -3.14 -9.23 -1.36
CA LEU A 32 -2.28 -8.07 -1.52
C LEU A 32 -1.28 -8.27 -2.65
N LEU A 33 -0.70 -9.47 -2.72
CA LEU A 33 0.27 -9.80 -3.75
C LEU A 33 -0.36 -9.68 -5.14
N ALA A 34 -1.47 -10.37 -5.33
CA ALA A 34 -2.17 -10.35 -6.62
C ALA A 34 -2.26 -8.92 -7.17
N ARG A 35 -2.13 -7.94 -6.28
CA ARG A 35 -2.19 -6.54 -6.68
C ARG A 35 -0.81 -6.02 -7.05
N LEU A 36 0.22 -6.55 -6.39
CA LEU A 36 1.58 -6.13 -6.65
C LEU A 36 2.22 -7.00 -7.73
N GLN A 37 2.19 -8.32 -7.52
CA GLN A 37 2.76 -9.26 -8.47
C GLN A 37 2.54 -8.78 -9.91
N LYS A 38 1.31 -8.35 -10.20
CA LYS A 38 0.99 -7.86 -11.53
C LYS A 38 1.98 -6.81 -12.00
N ASP A 39 2.17 -5.78 -11.19
CA ASP A 39 3.10 -4.70 -11.52
C ASP A 39 4.55 -5.20 -11.44
N GLY A 40 4.75 -6.30 -10.74
CA GLY A 40 6.09 -6.86 -10.60
C GLY A 40 6.49 -7.02 -9.15
N VAL A 41 6.59 -8.27 -8.70
CA VAL A 41 6.97 -8.56 -7.32
C VAL A 41 8.24 -9.41 -7.27
N ASN A 42 9.30 -8.83 -6.74
CA ASN A 42 10.58 -9.53 -6.63
C ASN A 42 10.55 -10.54 -5.48
N GLN A 43 11.02 -11.76 -5.76
CA GLN A 43 11.05 -12.81 -4.76
C GLN A 43 11.45 -12.26 -3.40
N LYS A 44 12.60 -11.60 -3.35
CA LYS A 44 13.11 -11.03 -2.11
C LYS A 44 12.04 -10.15 -1.45
N ASP A 45 11.36 -9.35 -2.26
CA ASP A 45 10.31 -8.46 -1.77
C ASP A 45 9.01 -9.23 -1.52
N LYS A 46 8.93 -10.42 -2.10
CA LYS A 46 7.74 -11.26 -1.94
C LYS A 46 7.72 -11.95 -0.58
N ASN A 47 8.88 -12.50 -0.20
CA ASN A 47 8.99 -13.18 1.09
C ASN A 47 8.94 -12.19 2.25
N SER A 48 9.57 -11.03 2.05
CA SER A 48 9.60 -10.00 3.08
C SER A 48 8.22 -9.40 3.29
N LEU A 49 7.40 -9.45 2.24
CA LEU A 49 6.05 -8.90 2.30
C LEU A 49 5.39 -9.24 3.63
N GLY A 50 5.30 -10.52 3.94
CA GLY A 50 4.69 -10.96 5.18
C GLY A 50 5.22 -10.20 6.38
N ALA A 51 6.52 -9.88 6.35
CA ALA A 51 7.15 -9.16 7.44
C ALA A 51 6.69 -7.70 7.47
N ILE A 52 6.56 -7.10 6.30
CA ILE A 52 6.13 -5.71 6.19
C ILE A 52 4.68 -5.55 6.65
N LEU A 53 3.83 -6.45 6.18
CA LEU A 53 2.41 -6.41 6.55
C LEU A 53 2.24 -6.25 8.06
N GLN A 54 3.12 -6.89 8.81
CA GLN A 54 3.06 -6.83 10.26
C GLN A 54 3.81 -5.60 10.79
N GLN A 55 4.66 -5.03 9.94
CA GLN A 55 5.44 -3.85 10.31
C GLN A 55 4.67 -2.57 9.99
N VAL A 56 3.73 -2.67 9.06
CA VAL A 56 2.92 -1.52 8.66
C VAL A 56 1.43 -1.82 8.80
N ALA A 57 1.09 -3.11 8.79
CA ALA A 57 -0.30 -3.53 8.93
C ALA A 57 -0.48 -4.49 10.09
N ASN A 58 -1.71 -4.90 10.34
CA ASN A 58 -2.01 -5.82 11.42
C ASN A 58 -2.90 -6.97 10.93
N LEU A 59 -2.47 -8.20 11.22
CA LEU A 59 -3.22 -9.38 10.81
C LEU A 59 -4.41 -9.62 11.73
N ASN A 60 -5.57 -9.89 11.14
CA ASN A 60 -6.78 -10.13 11.90
C ASN A 60 -7.24 -11.58 11.75
N SER A 61 -6.81 -12.44 12.67
CA SER A 61 -7.16 -13.85 12.63
C SER A 61 -8.60 -14.03 12.15
N LYS A 62 -9.46 -13.07 12.50
CA LYS A 62 -10.86 -13.11 12.11
C LYS A 62 -11.01 -13.60 10.66
N ASP A 63 -10.60 -12.75 9.72
CA ASP A 63 -10.68 -13.10 8.31
C ASP A 63 -9.28 -13.24 7.70
N LEU A 64 -8.29 -13.37 8.57
CA LEU A 64 -6.90 -13.52 8.11
C LEU A 64 -6.53 -12.43 7.11
N SER A 65 -7.02 -11.22 7.37
CA SER A 65 -6.74 -10.08 6.50
C SER A 65 -5.85 -9.06 7.20
N TYR A 66 -4.88 -8.53 6.47
CA TYR A 66 -3.96 -7.55 7.01
C TYR A 66 -4.51 -6.13 6.85
N THR A 67 -4.70 -5.45 7.99
CA THR A 67 -5.24 -4.09 7.96
C THR A 67 -4.12 -3.07 8.18
N LEU A 68 -4.02 -2.12 7.25
CA LEU A 68 -3.00 -1.08 7.33
C LEU A 68 -3.10 -0.32 8.65
N LYS A 69 -1.98 -0.21 9.36
CA LYS A 69 -1.94 0.50 10.63
C LYS A 69 -2.56 1.88 10.50
N ASP A 70 -2.56 2.64 11.59
CA ASP A 70 -3.11 3.99 11.60
C ASP A 70 -2.02 5.03 11.41
N TYR A 71 -0.88 4.80 12.05
CA TYR A 71 0.25 5.72 11.94
C TYR A 71 0.83 5.73 10.54
N VAL A 72 0.95 4.54 9.94
CA VAL A 72 1.48 4.42 8.59
C VAL A 72 0.77 5.35 7.63
N PHE A 73 -0.52 5.59 7.88
CA PHE A 73 -1.32 6.47 7.03
C PHE A 73 -0.60 7.78 6.79
N LYS A 74 0.17 8.23 7.76
CA LYS A 74 0.92 9.48 7.65
C LYS A 74 2.12 9.31 6.73
N GLU A 75 2.64 8.09 6.64
CA GLU A 75 3.79 7.81 5.79
C GLU A 75 3.37 7.74 4.33
N LEU A 76 2.10 7.43 4.10
CA LEU A 76 1.57 7.33 2.73
C LEU A 76 1.99 8.54 1.90
N GLN A 77 1.69 8.49 0.61
CA GLN A 77 2.03 9.57 -0.31
C GLN A 77 0.79 10.09 -1.02
N ARG A 78 0.19 11.14 -0.47
CA ARG A 78 -1.00 11.73 -1.07
C ARG A 78 -0.88 11.81 -2.58
N ASP A 79 0.37 11.84 -3.07
CA ASP A 79 0.63 11.92 -4.50
C ASP A 79 1.04 10.56 -5.05
N TRP A 80 0.44 9.51 -4.51
CA TRP A 80 0.76 8.14 -4.95
C TRP A 80 0.22 7.89 -6.35
N PRO A 81 1.10 7.43 -7.25
CA PRO A 81 0.74 7.13 -8.64
C PRO A 81 -0.18 5.92 -8.76
N GLY A 82 -0.43 5.26 -7.63
CA GLY A 82 -1.29 4.09 -7.63
C GLY A 82 -2.75 4.45 -7.51
N TYR A 83 -3.03 5.69 -7.11
CA TYR A 83 -4.40 6.16 -6.96
C TYR A 83 -4.86 6.90 -8.20
N SER A 84 -5.93 6.39 -8.83
CA SER A 84 -6.47 7.00 -10.04
C SER A 84 -7.37 8.17 -9.68
N GLU A 85 -7.94 8.80 -10.72
CA GLU A 85 -8.83 9.94 -10.52
C GLU A 85 -9.84 9.65 -9.41
N ILE A 86 -10.11 8.37 -9.18
CA ILE A 86 -11.05 7.97 -8.14
C ILE A 86 -10.34 7.65 -6.83
N ASP A 87 -9.52 6.61 -6.84
CA ASP A 87 -8.77 6.21 -5.66
C ASP A 87 -8.37 7.42 -4.84
N ARG A 88 -7.65 8.35 -5.47
CA ARG A 88 -7.20 9.56 -4.78
C ARG A 88 -8.32 10.14 -3.92
N ARG A 89 -9.46 10.40 -4.54
CA ARG A 89 -10.61 10.97 -3.84
C ARG A 89 -11.20 9.95 -2.88
N SER A 90 -10.90 8.67 -3.09
CA SER A 90 -11.41 7.60 -2.24
C SER A 90 -10.49 7.36 -1.06
N LEU A 91 -9.26 7.84 -1.17
CA LEU A 91 -8.27 7.69 -0.11
C LEU A 91 -8.29 8.87 0.85
N GLU A 92 -8.44 10.08 0.28
CA GLU A 92 -8.48 11.29 1.08
C GLU A 92 -9.39 11.11 2.30
N SER A 93 -10.41 10.26 2.15
CA SER A 93 -11.34 10.00 3.24
C SER A 93 -10.64 9.32 4.41
N VAL A 94 -10.14 8.12 4.17
CA VAL A 94 -9.45 7.35 5.20
C VAL A 94 -8.54 8.25 6.03
N LEU A 95 -7.59 8.89 5.37
CA LEU A 95 -6.66 9.79 6.05
C LEU A 95 -7.40 10.85 6.85
N SER A 96 -8.54 11.29 6.31
CA SER A 96 -9.35 12.30 6.98
C SER A 96 -9.98 11.76 8.25
N ARG A 97 -10.42 10.51 8.20
CA ARG A 97 -11.04 9.86 9.35
C ARG A 97 -10.00 9.50 10.40
N LYS A 98 -8.85 9.01 9.93
CA LYS A 98 -7.77 8.61 10.82
C LYS A 98 -7.08 9.83 11.42
N LEU A 99 -6.49 10.65 10.55
CA LEU A 99 -5.79 11.86 10.98
C LEU A 99 -6.79 12.92 11.44
N ASN A 100 -6.96 13.04 12.75
CA ASN A 100 -7.88 14.02 13.32
C ASN A 100 -7.20 15.37 13.47
N GLY A 1 17.57 19.03 -7.18
CA GLY A 1 17.82 17.62 -7.36
C GLY A 1 18.54 17.31 -8.66
N SER A 2 18.39 16.09 -9.15
CA SER A 2 19.03 15.68 -10.39
C SER A 2 18.10 15.89 -11.58
N SER A 3 18.64 15.68 -12.79
CA SER A 3 17.86 15.85 -14.00
C SER A 3 17.00 14.63 -14.27
N GLY A 4 15.71 14.87 -14.51
CA GLY A 4 14.79 13.77 -14.78
C GLY A 4 13.36 14.12 -14.43
N SER A 5 12.46 13.95 -15.40
CA SER A 5 11.04 14.26 -15.19
C SER A 5 10.19 13.03 -15.47
N SER A 6 10.59 11.90 -14.92
CA SER A 6 9.86 10.65 -15.10
C SER A 6 9.81 9.85 -13.81
N GLY A 7 8.92 8.87 -13.75
CA GLY A 7 8.78 8.04 -12.57
C GLY A 7 7.89 6.83 -12.80
N THR A 8 7.96 5.88 -11.88
CA THR A 8 7.14 4.67 -11.98
C THR A 8 6.93 4.03 -10.61
N ILE A 9 6.06 3.03 -10.57
CA ILE A 9 5.76 2.33 -9.32
C ILE A 9 6.97 1.53 -8.83
N SER A 10 7.61 0.82 -9.76
CA SER A 10 8.78 0.01 -9.43
C SER A 10 9.81 0.83 -8.66
N GLN A 11 10.10 2.03 -9.17
CA GLN A 11 11.08 2.91 -8.53
C GLN A 11 10.72 3.13 -7.06
N ARG A 12 9.46 2.93 -6.72
CA ARG A 12 9.00 3.11 -5.36
C ARG A 12 9.34 1.89 -4.50
N PRO A 13 9.52 2.13 -3.19
CA PRO A 13 9.86 1.06 -2.24
C PRO A 13 8.70 0.10 -2.01
N TYR A 14 9.01 -1.19 -1.88
CA TYR A 14 7.98 -2.20 -1.66
C TYR A 14 6.99 -1.74 -0.60
N ARG A 15 7.48 -1.55 0.62
CA ARG A 15 6.64 -1.12 1.72
C ARG A 15 5.54 -0.17 1.23
N ASP A 16 5.95 0.95 0.66
CA ASP A 16 5.00 1.94 0.15
C ASP A 16 3.93 1.27 -0.70
N ARG A 17 4.36 0.49 -1.68
CA ARG A 17 3.43 -0.21 -2.56
C ARG A 17 2.47 -1.09 -1.76
N VAL A 18 2.95 -1.60 -0.62
CA VAL A 18 2.13 -2.46 0.23
C VAL A 18 1.12 -1.63 1.02
N ILE A 19 1.63 -0.70 1.83
CA ILE A 19 0.77 0.15 2.64
C ILE A 19 -0.23 0.90 1.77
N HIS A 20 0.25 1.48 0.68
CA HIS A 20 -0.60 2.23 -0.23
C HIS A 20 -1.79 1.38 -0.68
N LEU A 21 -1.62 0.07 -0.67
CA LEU A 21 -2.68 -0.85 -1.07
C LEU A 21 -3.58 -1.17 0.11
N LEU A 22 -2.98 -1.49 1.25
CA LEU A 22 -3.73 -1.82 2.44
C LEU A 22 -4.57 -0.64 2.91
N ALA A 23 -4.06 0.57 2.67
CA ALA A 23 -4.76 1.78 3.06
C ALA A 23 -6.22 1.73 2.63
N LEU A 24 -6.45 1.71 1.32
CA LEU A 24 -7.80 1.67 0.78
C LEU A 24 -8.67 0.68 1.55
N LYS A 25 -8.16 -0.53 1.73
CA LYS A 25 -8.88 -1.56 2.46
C LYS A 25 -7.94 -2.68 2.90
N ALA A 26 -8.45 -3.60 3.71
CA ALA A 26 -7.66 -4.72 4.21
C ALA A 26 -7.32 -5.70 3.08
N TYR A 27 -6.06 -6.09 2.99
CA TYR A 27 -5.62 -7.01 1.96
C TYR A 27 -4.89 -8.21 2.58
N LYS A 28 -5.21 -9.40 2.10
CA LYS A 28 -4.58 -10.62 2.61
C LYS A 28 -3.20 -10.82 1.97
N LYS A 29 -2.35 -11.57 2.67
CA LYS A 29 -1.00 -11.84 2.18
C LYS A 29 -1.01 -12.12 0.68
N PRO A 30 -1.85 -13.09 0.27
CA PRO A 30 -1.98 -13.48 -1.14
C PRO A 30 -2.65 -12.40 -1.98
N GLU A 31 -3.80 -11.92 -1.52
CA GLU A 31 -4.54 -10.88 -2.22
C GLU A 31 -3.66 -9.66 -2.49
N LEU A 32 -3.20 -9.02 -1.42
CA LEU A 32 -2.35 -7.85 -1.54
C LEU A 32 -1.33 -8.03 -2.66
N LEU A 33 -0.69 -9.19 -2.69
CA LEU A 33 0.31 -9.49 -3.72
C LEU A 33 -0.27 -9.28 -5.12
N ALA A 34 -1.32 -10.02 -5.43
CA ALA A 34 -1.97 -9.92 -6.74
C ALA A 34 -1.89 -8.49 -7.27
N ARG A 35 -2.23 -7.52 -6.43
CA ARG A 35 -2.21 -6.12 -6.82
C ARG A 35 -0.79 -5.69 -7.19
N LEU A 36 0.17 -6.09 -6.38
CA LEU A 36 1.57 -5.74 -6.63
C LEU A 36 2.14 -6.57 -7.78
N GLN A 37 2.09 -7.88 -7.63
CA GLN A 37 2.60 -8.78 -8.66
C GLN A 37 2.22 -8.29 -10.06
N LYS A 38 1.06 -7.67 -10.16
CA LYS A 38 0.58 -7.15 -11.43
C LYS A 38 1.68 -6.38 -12.16
N ASP A 39 2.26 -5.39 -11.48
CA ASP A 39 3.32 -4.59 -12.07
C ASP A 39 4.65 -5.34 -12.00
N GLY A 40 4.76 -6.29 -11.08
CA GLY A 40 5.98 -7.06 -10.93
C GLY A 40 6.49 -7.07 -9.50
N VAL A 41 6.65 -8.26 -8.94
CA VAL A 41 7.13 -8.41 -7.58
C VAL A 41 8.37 -9.28 -7.52
N ASN A 42 9.36 -8.86 -6.74
CA ASN A 42 10.61 -9.60 -6.60
C ASN A 42 10.46 -10.73 -5.58
N GLN A 43 10.79 -11.95 -6.01
CA GLN A 43 10.69 -13.11 -5.13
C GLN A 43 11.29 -12.81 -3.77
N LYS A 44 12.49 -12.22 -3.77
CA LYS A 44 13.17 -11.88 -2.52
C LYS A 44 12.31 -10.97 -1.65
N ASP A 45 11.45 -10.19 -2.29
CA ASP A 45 10.56 -9.28 -1.58
C ASP A 45 9.30 -10.00 -1.12
N LYS A 46 8.93 -11.05 -1.84
CA LYS A 46 7.74 -11.83 -1.51
C LYS A 46 7.80 -12.34 -0.08
N ASN A 47 8.94 -12.95 0.28
CA ASN A 47 9.13 -13.49 1.62
C ASN A 47 9.15 -12.37 2.66
N SER A 48 9.64 -11.20 2.26
CA SER A 48 9.71 -10.06 3.16
C SER A 48 8.32 -9.43 3.35
N LEU A 49 7.51 -9.47 2.30
CA LEU A 49 6.17 -8.91 2.35
C LEU A 49 5.49 -9.25 3.68
N GLY A 50 5.40 -10.54 3.97
CA GLY A 50 4.76 -10.97 5.21
C GLY A 50 5.28 -10.20 6.42
N ALA A 51 6.56 -9.87 6.40
CA ALA A 51 7.18 -9.13 7.50
C ALA A 51 6.69 -7.68 7.53
N ILE A 52 6.66 -7.05 6.36
CA ILE A 52 6.21 -5.67 6.25
C ILE A 52 4.76 -5.53 6.69
N LEU A 53 3.90 -6.40 6.18
CA LEU A 53 2.48 -6.37 6.53
C LEU A 53 2.29 -6.20 8.03
N GLN A 54 3.20 -6.79 8.81
CA GLN A 54 3.13 -6.70 10.27
C GLN A 54 3.84 -5.45 10.77
N GLN A 55 4.74 -4.92 9.95
CA GLN A 55 5.49 -3.73 10.31
C GLN A 55 4.70 -2.46 9.99
N VAL A 56 3.78 -2.57 9.05
CA VAL A 56 2.94 -1.44 8.65
C VAL A 56 1.46 -1.76 8.83
N ALA A 57 1.14 -3.04 8.81
CA ALA A 57 -0.25 -3.48 8.96
C ALA A 57 -0.38 -4.47 10.11
N ASN A 58 -1.62 -4.89 10.37
CA ASN A 58 -1.88 -5.84 11.45
C ASN A 58 -2.68 -7.03 10.94
N LEU A 59 -2.21 -8.24 11.26
CA LEU A 59 -2.88 -9.46 10.83
C LEU A 59 -4.09 -9.75 11.70
N ASN A 60 -5.23 -10.04 11.06
CA ASN A 60 -6.45 -10.35 11.77
C ASN A 60 -6.82 -11.81 11.64
N SER A 61 -6.43 -12.61 12.62
CA SER A 61 -6.72 -14.04 12.61
C SER A 61 -8.15 -14.31 12.16
N LYS A 62 -9.02 -13.32 12.37
CA LYS A 62 -10.42 -13.44 11.99
C LYS A 62 -10.55 -13.93 10.55
N ASP A 63 -10.11 -13.11 9.60
CA ASP A 63 -10.18 -13.47 8.19
C ASP A 63 -8.78 -13.57 7.59
N LEU A 64 -7.77 -13.62 8.45
CA LEU A 64 -6.38 -13.72 8.01
C LEU A 64 -6.03 -12.58 7.07
N SER A 65 -6.75 -11.46 7.20
CA SER A 65 -6.51 -10.29 6.36
C SER A 65 -5.65 -9.27 7.10
N TYR A 66 -4.77 -8.60 6.36
CA TYR A 66 -3.89 -7.60 6.92
C TYR A 66 -4.50 -6.20 6.82
N THR A 67 -4.59 -5.50 7.94
CA THR A 67 -5.15 -4.16 7.97
C THR A 67 -4.07 -3.12 8.21
N LEU A 68 -3.98 -2.15 7.30
CA LEU A 68 -2.99 -1.08 7.41
C LEU A 68 -3.10 -0.37 8.75
N LYS A 69 -1.97 -0.25 9.45
CA LYS A 69 -1.93 0.41 10.75
C LYS A 69 -2.58 1.79 10.67
N ASP A 70 -2.51 2.53 11.77
CA ASP A 70 -3.10 3.86 11.83
C ASP A 70 -2.05 4.93 11.57
N TYR A 71 -0.89 4.78 12.21
CA TYR A 71 0.21 5.73 12.05
C TYR A 71 0.72 5.73 10.62
N VAL A 72 0.95 4.54 10.07
CA VAL A 72 1.44 4.40 8.71
C VAL A 72 0.69 5.34 7.76
N PHE A 73 -0.60 5.53 8.02
CA PHE A 73 -1.42 6.39 7.19
C PHE A 73 -0.72 7.72 6.91
N LYS A 74 0.01 8.21 7.90
CA LYS A 74 0.73 9.47 7.76
C LYS A 74 1.91 9.32 6.80
N GLU A 75 2.49 8.12 6.77
CA GLU A 75 3.62 7.85 5.89
C GLU A 75 3.17 7.79 4.43
N LEU A 76 1.89 7.49 4.22
CA LEU A 76 1.34 7.40 2.87
C LEU A 76 1.67 8.64 2.07
N GLN A 77 1.38 8.59 0.77
CA GLN A 77 1.65 9.71 -0.13
C GLN A 77 0.41 10.09 -0.92
N ARG A 78 -0.11 11.28 -0.70
CA ARG A 78 -1.29 11.75 -1.40
C ARG A 78 -1.05 11.80 -2.91
N ASP A 79 0.21 11.84 -3.29
CA ASP A 79 0.59 11.88 -4.70
C ASP A 79 0.96 10.49 -5.21
N TRP A 80 0.46 9.47 -4.53
CA TRP A 80 0.74 8.09 -4.92
C TRP A 80 0.19 7.78 -6.30
N PRO A 81 1.09 7.43 -7.23
CA PRO A 81 0.72 7.11 -8.61
C PRO A 81 -0.06 5.79 -8.71
N GLY A 82 -0.29 5.16 -7.56
CA GLY A 82 -1.01 3.91 -7.54
C GLY A 82 -2.51 4.10 -7.38
N TYR A 83 -2.91 5.33 -7.08
CA TYR A 83 -4.32 5.65 -6.89
C TYR A 83 -4.90 6.30 -8.13
N SER A 84 -5.89 5.65 -8.74
CA SER A 84 -6.53 6.17 -9.93
C SER A 84 -7.49 7.31 -9.59
N GLU A 85 -8.03 7.97 -10.61
CA GLU A 85 -8.95 9.07 -10.41
C GLU A 85 -9.89 8.79 -9.25
N ILE A 86 -10.13 7.51 -8.99
CA ILE A 86 -11.02 7.11 -7.90
C ILE A 86 -10.23 6.85 -6.61
N ASP A 87 -9.37 5.84 -6.66
CA ASP A 87 -8.55 5.48 -5.50
C ASP A 87 -8.16 6.72 -4.70
N ARG A 88 -7.62 7.72 -5.40
CA ARG A 88 -7.20 8.95 -4.75
C ARG A 88 -8.33 9.52 -3.90
N ARG A 89 -9.43 9.90 -4.54
CA ARG A 89 -10.57 10.46 -3.84
C ARG A 89 -11.11 9.48 -2.81
N SER A 90 -10.82 8.20 -3.00
CA SER A 90 -11.26 7.16 -2.08
C SER A 90 -10.33 7.07 -0.87
N LEU A 91 -9.12 7.58 -1.02
CA LEU A 91 -8.13 7.54 0.05
C LEU A 91 -8.20 8.83 0.88
N GLU A 92 -8.25 9.97 0.20
CA GLU A 92 -8.31 11.26 0.88
C GLU A 92 -9.29 11.21 2.05
N SER A 93 -10.26 10.30 1.96
CA SER A 93 -11.26 10.16 3.01
C SER A 93 -10.67 9.50 4.25
N VAL A 94 -10.14 8.30 4.08
CA VAL A 94 -9.53 7.56 5.18
C VAL A 94 -8.63 8.47 6.01
N LEU A 95 -7.72 9.16 5.34
CA LEU A 95 -6.80 10.06 6.02
C LEU A 95 -7.55 11.17 6.75
N SER A 96 -8.62 11.64 6.13
CA SER A 96 -9.43 12.71 6.71
C SER A 96 -10.15 12.23 7.96
N ARG A 97 -10.51 10.94 7.97
CA ARG A 97 -11.21 10.36 9.11
C ARG A 97 -10.23 10.02 10.22
N LYS A 98 -9.15 9.33 9.88
CA LYS A 98 -8.14 8.95 10.85
C LYS A 98 -7.42 10.17 11.40
N LEU A 99 -6.73 10.88 10.53
CA LEU A 99 -6.00 12.09 10.92
C LEU A 99 -6.95 13.20 11.30
N ASN A 100 -7.17 13.38 12.60
CA ASN A 100 -8.06 14.42 13.09
C ASN A 100 -7.34 15.77 13.17
N GLY A 1 13.13 12.57 -24.77
CA GLY A 1 13.25 13.31 -23.52
C GLY A 1 13.37 12.39 -22.32
N SER A 2 13.05 12.91 -21.14
CA SER A 2 13.13 12.14 -19.91
C SER A 2 11.82 12.21 -19.14
N SER A 3 11.31 13.42 -18.96
CA SER A 3 10.05 13.63 -18.24
C SER A 3 8.93 12.82 -18.86
N GLY A 4 8.41 11.85 -18.09
CA GLY A 4 7.33 11.02 -18.58
C GLY A 4 6.31 10.70 -17.51
N SER A 5 6.49 9.57 -16.84
CA SER A 5 5.57 9.15 -15.79
C SER A 5 5.99 9.72 -14.44
N SER A 6 5.11 10.50 -13.83
CA SER A 6 5.40 11.12 -12.53
C SER A 6 5.59 10.04 -11.47
N GLY A 7 6.84 9.61 -11.29
CA GLY A 7 7.14 8.60 -10.30
C GLY A 7 6.46 7.27 -10.60
N THR A 8 7.25 6.21 -10.66
CA THR A 8 6.72 4.88 -10.94
C THR A 8 6.56 4.07 -9.66
N ILE A 9 5.88 2.93 -9.77
CA ILE A 9 5.66 2.06 -8.62
C ILE A 9 6.89 1.20 -8.34
N SER A 10 7.53 0.72 -9.40
CA SER A 10 8.71 -0.11 -9.27
C SER A 10 9.82 0.62 -8.53
N GLN A 11 10.08 1.87 -8.93
CA GLN A 11 11.11 2.67 -8.30
C GLN A 11 10.82 2.88 -6.82
N ARG A 12 9.53 2.89 -6.47
CA ARG A 12 9.11 3.07 -5.09
C ARG A 12 9.46 1.84 -4.25
N PRO A 13 9.66 2.05 -2.94
CA PRO A 13 9.99 0.97 -2.00
C PRO A 13 8.83 0.03 -1.76
N TYR A 14 9.09 -1.28 -1.84
CA TYR A 14 8.06 -2.28 -1.63
C TYR A 14 7.06 -1.83 -0.58
N ARG A 15 7.54 -1.68 0.65
CA ARG A 15 6.68 -1.24 1.75
C ARG A 15 5.62 -0.26 1.27
N ASP A 16 6.07 0.85 0.68
CA ASP A 16 5.16 1.87 0.18
C ASP A 16 4.06 1.24 -0.67
N ARG A 17 4.45 0.41 -1.63
CA ARG A 17 3.50 -0.26 -2.51
C ARG A 17 2.49 -1.07 -1.70
N VAL A 18 2.98 -1.72 -0.64
CA VAL A 18 2.11 -2.53 0.21
C VAL A 18 1.13 -1.65 0.99
N ILE A 19 1.67 -0.75 1.80
CA ILE A 19 0.84 0.15 2.59
C ILE A 19 -0.15 0.92 1.72
N HIS A 20 0.33 1.36 0.56
CA HIS A 20 -0.52 2.10 -0.37
C HIS A 20 -1.75 1.28 -0.77
N LEU A 21 -1.56 -0.03 -0.87
CA LEU A 21 -2.65 -0.93 -1.25
C LEU A 21 -3.52 -1.26 -0.05
N LEU A 22 -2.88 -1.49 1.10
CA LEU A 22 -3.60 -1.82 2.33
C LEU A 22 -4.44 -0.64 2.79
N ALA A 23 -3.96 0.57 2.51
CA ALA A 23 -4.68 1.79 2.90
C ALA A 23 -6.12 1.75 2.41
N LEU A 24 -6.28 1.78 1.09
CA LEU A 24 -7.62 1.76 0.49
C LEU A 24 -8.54 0.82 1.26
N LYS A 25 -8.05 -0.38 1.55
CA LYS A 25 -8.84 -1.37 2.27
C LYS A 25 -7.95 -2.52 2.75
N ALA A 26 -8.53 -3.41 3.56
CA ALA A 26 -7.79 -4.55 4.08
C ALA A 26 -7.51 -5.57 2.98
N TYR A 27 -6.27 -6.05 2.94
CA TYR A 27 -5.86 -7.04 1.93
C TYR A 27 -5.25 -8.26 2.59
N LYS A 28 -5.32 -9.39 1.90
CA LYS A 28 -4.76 -10.64 2.41
C LYS A 28 -3.38 -10.89 1.83
N LYS A 29 -2.53 -11.56 2.60
CA LYS A 29 -1.17 -11.86 2.17
C LYS A 29 -1.14 -12.19 0.68
N PRO A 30 -1.97 -13.15 0.27
CA PRO A 30 -2.06 -13.58 -1.13
C PRO A 30 -2.69 -12.52 -2.02
N GLU A 31 -3.84 -12.00 -1.59
CA GLU A 31 -4.55 -10.98 -2.36
C GLU A 31 -3.66 -9.78 -2.61
N LEU A 32 -3.26 -9.11 -1.54
CA LEU A 32 -2.39 -7.94 -1.65
C LEU A 32 -1.34 -8.13 -2.74
N LEU A 33 -0.77 -9.33 -2.79
CA LEU A 33 0.26 -9.64 -3.78
C LEU A 33 -0.29 -9.49 -5.19
N ALA A 34 -1.38 -10.21 -5.47
CA ALA A 34 -2.01 -10.16 -6.78
C ALA A 34 -2.02 -8.73 -7.33
N ARG A 35 -1.98 -7.76 -6.44
CA ARG A 35 -1.97 -6.35 -6.83
C ARG A 35 -0.55 -5.88 -7.14
N LEU A 36 0.41 -6.37 -6.37
CA LEU A 36 1.81 -5.99 -6.57
C LEU A 36 2.44 -6.81 -7.69
N GLN A 37 2.28 -8.13 -7.61
CA GLN A 37 2.84 -9.02 -8.61
C GLN A 37 2.43 -8.60 -10.02
N LYS A 38 1.17 -8.22 -10.16
CA LYS A 38 0.64 -7.79 -11.45
C LYS A 38 1.50 -6.67 -12.04
N ASP A 39 1.95 -5.77 -11.17
CA ASP A 39 2.78 -4.64 -11.60
C ASP A 39 4.24 -5.06 -11.69
N GLY A 40 4.63 -6.06 -10.91
CA GLY A 40 6.00 -6.54 -10.92
C GLY A 40 6.57 -6.69 -9.52
N VAL A 41 6.72 -7.92 -9.08
CA VAL A 41 7.26 -8.21 -7.75
C VAL A 41 8.53 -9.04 -7.84
N ASN A 42 9.40 -8.87 -6.85
CA ASN A 42 10.67 -9.61 -6.82
C ASN A 42 10.65 -10.66 -5.72
N GLN A 43 10.92 -11.91 -6.09
CA GLN A 43 10.94 -13.01 -5.13
C GLN A 43 11.53 -12.56 -3.80
N LYS A 44 12.53 -11.69 -3.87
CA LYS A 44 13.18 -11.18 -2.67
C LYS A 44 12.18 -10.45 -1.77
N ASP A 45 11.34 -9.61 -2.37
CA ASP A 45 10.35 -8.87 -1.63
C ASP A 45 9.27 -9.79 -1.09
N LYS A 46 8.81 -10.72 -1.93
CA LYS A 46 7.77 -11.66 -1.54
C LYS A 46 7.96 -12.11 -0.09
N ASN A 47 9.21 -12.33 0.30
CA ASN A 47 9.52 -12.75 1.66
C ASN A 47 9.33 -11.61 2.65
N SER A 48 9.80 -10.42 2.26
CA SER A 48 9.69 -9.24 3.12
C SER A 48 8.22 -8.89 3.36
N LEU A 49 7.41 -9.00 2.32
CA LEU A 49 5.99 -8.69 2.42
C LEU A 49 5.42 -9.17 3.74
N GLY A 50 5.34 -10.49 3.91
CA GLY A 50 4.82 -11.05 5.15
C GLY A 50 5.29 -10.29 6.38
N ALA A 51 6.54 -9.85 6.35
CA ALA A 51 7.11 -9.11 7.47
C ALA A 51 6.63 -7.66 7.47
N ILE A 52 6.46 -7.10 6.28
CA ILE A 52 6.01 -5.72 6.14
C ILE A 52 4.55 -5.57 6.57
N LEU A 53 3.73 -6.55 6.20
CA LEU A 53 2.32 -6.53 6.55
C LEU A 53 2.13 -6.34 8.05
N GLN A 54 3.05 -6.90 8.83
CA GLN A 54 2.99 -6.80 10.28
C GLN A 54 3.75 -5.56 10.78
N GLN A 55 4.56 -4.98 9.89
CA GLN A 55 5.34 -3.81 10.24
C GLN A 55 4.57 -2.53 9.89
N VAL A 56 3.66 -2.64 8.93
CA VAL A 56 2.86 -1.50 8.49
C VAL A 56 1.38 -1.76 8.70
N ALA A 57 1.00 -3.03 8.69
CA ALA A 57 -0.40 -3.42 8.87
C ALA A 57 -0.55 -4.37 10.06
N ASN A 58 -1.79 -4.75 10.35
CA ASN A 58 -2.08 -5.66 11.45
C ASN A 58 -2.94 -6.82 10.98
N LEU A 59 -2.50 -8.03 11.29
CA LEU A 59 -3.24 -9.24 10.91
C LEU A 59 -4.42 -9.48 11.84
N ASN A 60 -5.59 -9.75 11.27
CA ASN A 60 -6.79 -10.01 12.05
C ASN A 60 -7.21 -11.47 11.94
N SER A 61 -6.77 -12.28 12.90
CA SER A 61 -7.12 -13.70 12.91
C SER A 61 -8.55 -13.93 12.47
N LYS A 62 -9.40 -12.93 12.70
CA LYS A 62 -10.80 -13.01 12.32
C LYS A 62 -10.95 -13.51 10.88
N ASP A 63 -10.53 -12.68 9.92
CA ASP A 63 -10.61 -13.04 8.52
C ASP A 63 -9.22 -13.15 7.90
N LEU A 64 -8.21 -13.33 8.76
CA LEU A 64 -6.83 -13.45 8.29
C LEU A 64 -6.49 -12.35 7.31
N SER A 65 -7.18 -11.21 7.42
CA SER A 65 -6.95 -10.08 6.54
C SER A 65 -6.03 -9.06 7.21
N TYR A 66 -5.17 -8.45 6.41
CA TYR A 66 -4.22 -7.45 6.92
C TYR A 66 -4.81 -6.05 6.80
N THR A 67 -4.78 -5.30 7.89
CA THR A 67 -5.30 -3.94 7.92
C THR A 67 -4.18 -2.93 8.14
N LEU A 68 -4.07 -1.97 7.22
CA LEU A 68 -3.06 -0.93 7.31
C LEU A 68 -3.12 -0.21 8.65
N LYS A 69 -1.99 -0.12 9.34
CA LYS A 69 -1.93 0.55 10.63
C LYS A 69 -2.53 1.94 10.55
N ASP A 70 -2.44 2.70 11.65
CA ASP A 70 -2.98 4.04 11.69
C ASP A 70 -1.89 5.07 11.45
N TYR A 71 -0.73 4.87 12.07
CA TYR A 71 0.39 5.78 11.92
C TYR A 71 0.92 5.77 10.49
N VAL A 72 0.98 4.57 9.90
CA VAL A 72 1.46 4.42 8.53
C VAL A 72 0.70 5.34 7.58
N PHE A 73 -0.56 5.59 7.88
CA PHE A 73 -1.39 6.45 7.05
C PHE A 73 -0.68 7.76 6.74
N LYS A 74 0.13 8.23 7.68
CA LYS A 74 0.87 9.47 7.51
C LYS A 74 2.03 9.28 6.53
N GLU A 75 2.60 8.08 6.52
CA GLU A 75 3.70 7.77 5.63
C GLU A 75 3.25 7.73 4.17
N LEU A 76 1.95 7.50 3.97
CA LEU A 76 1.38 7.45 2.63
C LEU A 76 1.70 8.73 1.85
N GLN A 77 1.52 8.67 0.54
CA GLN A 77 1.77 9.82 -0.31
C GLN A 77 0.55 10.14 -1.18
N ARG A 78 -0.06 11.29 -0.94
CA ARG A 78 -1.23 11.71 -1.69
C ARG A 78 -0.93 11.76 -3.18
N ASP A 79 0.36 11.73 -3.52
CA ASP A 79 0.79 11.77 -4.92
C ASP A 79 1.13 10.37 -5.42
N TRP A 80 0.64 9.35 -4.73
CA TRP A 80 0.89 7.97 -5.10
C TRP A 80 0.26 7.65 -6.45
N PRO A 81 1.09 7.25 -7.42
CA PRO A 81 0.63 6.91 -8.77
C PRO A 81 -0.18 5.62 -8.79
N GLY A 82 -0.26 4.95 -7.65
CA GLY A 82 -1.00 3.70 -7.56
C GLY A 82 -2.48 3.93 -7.33
N TYR A 83 -2.85 5.18 -7.01
CA TYR A 83 -4.25 5.51 -6.77
C TYR A 83 -4.88 6.11 -8.01
N SER A 84 -5.86 5.40 -8.57
CA SER A 84 -6.55 5.85 -9.76
C SER A 84 -7.38 7.10 -9.48
N GLU A 85 -8.01 7.64 -10.51
CA GLU A 85 -8.85 8.84 -10.36
C GLU A 85 -9.85 8.65 -9.22
N ILE A 86 -10.15 7.40 -8.90
CA ILE A 86 -11.10 7.11 -7.83
C ILE A 86 -10.37 6.82 -6.52
N ASP A 87 -9.32 6.00 -6.59
CA ASP A 87 -8.54 5.65 -5.41
C ASP A 87 -8.13 6.90 -4.64
N ARG A 88 -7.49 7.84 -5.33
CA ARG A 88 -7.05 9.08 -4.70
C ARG A 88 -8.15 9.68 -3.83
N ARG A 89 -9.35 9.79 -4.40
CA ARG A 89 -10.49 10.35 -3.67
C ARG A 89 -10.99 9.37 -2.62
N SER A 90 -10.70 8.09 -2.81
CA SER A 90 -11.12 7.05 -1.89
C SER A 90 -10.18 6.98 -0.69
N LEU A 91 -8.96 7.49 -0.87
CA LEU A 91 -7.97 7.49 0.19
C LEU A 91 -8.03 8.78 1.00
N GLU A 92 -8.08 9.92 0.31
CA GLU A 92 -8.15 11.21 0.97
C GLU A 92 -9.15 11.19 2.12
N SER A 93 -10.11 10.27 2.04
CA SER A 93 -11.14 10.15 3.08
C SER A 93 -10.58 9.43 4.29
N VAL A 94 -10.00 8.26 4.08
CA VAL A 94 -9.43 7.47 5.17
C VAL A 94 -8.55 8.33 6.07
N LEU A 95 -7.63 9.05 5.44
CA LEU A 95 -6.71 9.92 6.19
C LEU A 95 -7.48 10.94 7.02
N SER A 96 -8.62 11.38 6.50
CA SER A 96 -9.45 12.36 7.20
C SER A 96 -10.07 11.75 8.45
N ARG A 97 -10.48 10.49 8.34
CA ARG A 97 -11.09 9.79 9.47
C ARG A 97 -10.03 9.36 10.48
N LYS A 98 -8.89 8.92 9.97
CA LYS A 98 -7.79 8.48 10.83
C LYS A 98 -7.04 9.67 11.41
N LEU A 99 -6.41 10.45 10.54
CA LEU A 99 -5.67 11.63 10.96
C LEU A 99 -6.59 12.71 11.50
N ASN A 100 -6.74 12.76 12.82
CA ASN A 100 -7.60 13.75 13.45
C ASN A 100 -7.36 15.13 12.87
#